data_3WQY
#
_entry.id   3WQY
#
_cell.length_a   99.742
_cell.length_b   169.836
_cell.length_c   175.260
_cell.angle_alpha   90.00
_cell.angle_beta   90.00
_cell.angle_gamma   90.00
#
_symmetry.space_group_name_H-M   'P 21 21 21'
#
loop_
_entity.id
_entity.type
_entity.pdbx_description
1 polymer 'Alanine--tRNA ligase'
2 polymer 'RNA (75-MER)'
3 non-polymer "'5'-O-(N-(L-ALANYL)-SULFAMOYL)ADENOSINE"
4 non-polymer 'MAGNESIUM ION'
5 water water
#
loop_
_entity_poly.entity_id
_entity_poly.type
_entity_poly.pdbx_seq_one_letter_code
_entity_poly.pdbx_strand_id
1 'polypeptide(L)'
;MTLDEEYLDITFLTENGFVRKRCPKCGKHFWTADPEREICGDPPCESYSFIGNPVFKKPFELDEMREYYLNFFERRGHGR
IERYPVVARWRTDIYLTIASIADFQPFVTSGVAPPPANPLTISQPCIRLDDLDSVGRTGRHLTLFEMMAHHAFNYPGKEI
YWKNETVAYCTELLNELGVKKEDIVYKEEPWAGGGNAGPCLEAIVGGLEVATLVFMNLEEHPEGDIEIKGARYRKMDNYI
VDTGYGLERFVWASKGTPTVYDAIFPEVVDTIIDNSNVSFNREDERVRRIVAESSKLAGIMGELRGERLNQLRKSVADTV
GVSVEELEGIVVPLEKVYSLADHTRCILFMLGDGLVPSNAGAGYLARLMIRRSLRLAEELELGLDLYDLVEMHKKILGFE
FDVPLSTVQEILELEKERYRTTVSKGTRLVERLVERKKKLEKDDLIELYDSHGIPVELAVGIAAEKGAEVEMPKDIYAEL
AKRHSKAEKVQEKKITLQNEYPATEKLYYDDPTLLEFEAEVIGVEGDFVILNRSAFYPESGGQDNDVGYLIANGGKFEVV
DVLEADGVVLHVVKGAKPEVGTKVKGVIDSDVRWRHMRHHSATHVLLYSLQKVLGNHVWQAGARKEFSKARLDVTHFRRP
SEEEIKEIEMLANREILANKPIKWEWMDRIEAERKFGFRLYQGGVPPGRKIRVVQVGDDVQACGGTHCRSTGEIGMLKIL
KVESIQDGVIRFEFAAGEAAIEAVEEMERLLREASSILRVEPAKLPKTVERFFEEWKDQRKEIERLKSVIADLWADILME
RAEEFDSMKVVAEVVDADMQALQKLAERLAEKGAVGCLMAKGEGKVFVVTFSGQKYDARELLREIGRVAKGSGGGRKDVA
QGAVQQLLDREEMLDVIFRFLSEHEG
;
A,B
2 'polyribonucleotide' GGGCUCGUAGCUCAGCGGGAGAGCGCCGCCUUUGCGAGGCGGAGGCCGCGGGUUCAAAUCCCGCCGAGUCCACCA C
#
# COMPACT_ATOMS: atom_id res chain seq x y z
N THR A 2 8.27 -10.13 71.09
CA THR A 2 7.59 -9.74 69.87
C THR A 2 7.68 -10.84 68.81
N LEU A 3 8.83 -10.91 68.15
CA LEU A 3 9.01 -11.84 67.06
C LEU A 3 9.12 -13.29 67.57
N ASP A 4 9.76 -13.45 68.72
CA ASP A 4 10.01 -14.76 69.33
C ASP A 4 8.73 -15.56 69.62
N GLU A 5 7.66 -14.83 69.90
CA GLU A 5 6.36 -15.40 70.22
C GLU A 5 5.89 -16.37 69.13
N GLU A 6 6.35 -16.13 67.90
CA GLU A 6 6.11 -17.01 66.77
C GLU A 6 6.94 -18.29 66.87
N TYR A 7 8.25 -18.09 67.06
CA TYR A 7 9.23 -19.18 67.04
C TYR A 7 9.05 -20.24 68.12
N LEU A 8 8.69 -19.81 69.33
CA LEU A 8 8.60 -20.75 70.44
C LEU A 8 7.36 -21.61 70.34
N ASP A 9 6.39 -21.12 69.57
CA ASP A 9 5.13 -21.80 69.41
C ASP A 9 5.30 -23.12 68.67
N ILE A 10 6.42 -23.28 67.97
CA ILE A 10 6.65 -24.48 67.18
C ILE A 10 6.58 -25.73 68.05
N THR A 11 5.76 -26.67 67.60
CA THR A 11 5.50 -27.88 68.36
C THR A 11 6.71 -28.78 68.37
N PHE A 12 7.38 -28.91 67.25
CA PHE A 12 8.44 -29.90 67.22
C PHE A 12 9.56 -29.57 68.18
N LEU A 13 9.77 -28.28 68.42
CA LEU A 13 10.96 -27.90 69.16
C LEU A 13 10.88 -28.33 70.61
N THR A 14 9.74 -28.13 71.26
CA THR A 14 9.66 -28.39 72.68
C THR A 14 9.22 -29.82 73.02
N GLU A 15 8.22 -30.35 72.33
CA GLU A 15 7.70 -31.65 72.72
C GLU A 15 8.52 -32.81 72.15
N ASN A 16 9.02 -32.64 70.94
CA ASN A 16 9.63 -33.74 70.24
C ASN A 16 11.12 -33.87 70.54
N GLY A 17 11.79 -32.74 70.80
CA GLY A 17 13.10 -32.80 71.42
C GLY A 17 14.18 -31.84 70.91
N PHE A 18 13.95 -30.55 71.10
CA PHE A 18 14.89 -29.52 70.66
C PHE A 18 14.92 -28.41 71.69
N VAL A 19 15.93 -27.56 71.62
CA VAL A 19 16.08 -26.46 72.58
C VAL A 19 16.55 -25.16 71.91
N ARG A 20 16.24 -24.04 72.54
CA ARG A 20 16.61 -22.74 71.98
C ARG A 20 17.77 -22.13 72.78
N LYS A 21 18.78 -21.64 72.06
CA LYS A 21 19.97 -21.07 72.68
C LYS A 21 20.41 -19.80 71.97
N ARG A 22 21.52 -19.23 72.43
CA ARG A 22 21.98 -17.91 71.96
C ARG A 22 23.51 -17.86 71.79
N CYS A 23 23.98 -17.01 70.88
CA CYS A 23 25.39 -16.93 70.53
C CYS A 23 26.12 -15.85 71.34
N PRO A 24 27.48 -15.90 71.36
CA PRO A 24 28.26 -14.89 72.08
C PRO A 24 28.16 -13.51 71.45
N LYS A 25 28.50 -13.40 70.16
CA LYS A 25 28.22 -12.20 69.39
C LYS A 25 26.72 -11.94 69.48
N CYS A 26 26.32 -10.69 69.65
CA CYS A 26 24.90 -10.38 69.73
C CYS A 26 24.25 -10.47 68.35
N GLY A 27 24.27 -11.68 67.81
CA GLY A 27 23.66 -11.99 66.54
C GLY A 27 22.25 -12.49 66.70
N LYS A 28 22.09 -13.74 67.16
CA LYS A 28 20.76 -14.33 67.13
C LYS A 28 20.54 -15.62 67.94
N HIS A 29 19.27 -16.01 68.04
CA HIS A 29 18.89 -17.28 68.69
C HIS A 29 18.84 -18.40 67.65
N PHE A 30 18.81 -19.64 68.12
CA PHE A 30 18.77 -20.81 67.24
C PHE A 30 18.42 -22.07 68.04
N TRP A 31 18.23 -23.19 67.32
CA TRP A 31 17.80 -24.42 67.96
C TRP A 31 18.74 -25.61 67.69
N THR A 32 18.94 -26.45 68.72
CA THR A 32 19.79 -27.64 68.60
C THR A 32 19.22 -28.81 69.41
N ALA A 33 19.62 -30.02 69.05
CA ALA A 33 19.20 -31.21 69.79
C ALA A 33 20.39 -31.78 70.54
N ASP A 34 21.58 -31.32 70.17
CA ASP A 34 22.80 -31.74 70.83
C ASP A 34 23.10 -30.77 71.98
N PRO A 35 22.90 -31.25 73.23
CA PRO A 35 23.05 -30.37 74.39
C PRO A 35 24.51 -30.15 74.79
N GLU A 36 25.45 -30.57 73.96
CA GLU A 36 26.83 -30.68 74.42
C GLU A 36 27.78 -29.54 74.04
N ARG A 37 27.81 -29.15 72.76
CA ARG A 37 28.92 -28.35 72.27
C ARG A 37 28.59 -26.91 71.86
N GLU A 38 29.65 -26.10 71.72
CA GLU A 38 29.51 -24.67 71.53
C GLU A 38 30.38 -24.11 70.42
N ILE A 39 29.82 -23.19 69.64
CA ILE A 39 30.62 -22.39 68.71
C ILE A 39 31.61 -21.55 69.54
N CYS A 40 32.85 -21.43 69.09
CA CYS A 40 33.95 -20.88 69.90
C CYS A 40 33.67 -19.50 70.51
N GLY A 41 33.02 -18.63 69.75
CA GLY A 41 32.90 -17.24 70.15
C GLY A 41 33.70 -16.39 69.18
N ASP A 42 34.64 -17.05 68.51
CA ASP A 42 35.25 -16.49 67.32
C ASP A 42 34.22 -16.60 66.21
N PRO A 43 33.85 -15.46 65.60
CA PRO A 43 32.89 -15.37 64.49
C PRO A 43 33.11 -16.49 63.48
N PRO A 44 32.02 -17.03 62.92
CA PRO A 44 31.95 -18.35 62.29
C PRO A 44 33.09 -19.29 62.67
N CYS A 45 33.00 -19.92 63.83
CA CYS A 45 34.04 -20.83 64.29
C CYS A 45 34.12 -22.09 63.43
N GLU A 46 32.97 -22.59 63.00
CA GLU A 46 32.93 -23.78 62.17
C GLU A 46 32.19 -23.50 60.87
N SER A 47 32.77 -23.95 59.77
CA SER A 47 32.23 -23.68 58.43
C SER A 47 31.71 -24.93 57.79
N TYR A 48 32.52 -25.97 57.81
CA TYR A 48 32.12 -27.23 57.21
C TYR A 48 32.66 -28.40 57.98
N SER A 49 31.96 -29.52 57.89
CA SER A 49 32.49 -30.78 58.37
C SER A 49 32.32 -31.80 57.26
N PHE A 50 31.25 -31.67 56.48
CA PHE A 50 30.90 -32.66 55.48
C PHE A 50 31.97 -32.89 54.43
N ILE A 51 32.81 -31.88 54.18
CA ILE A 51 33.85 -32.02 53.18
C ILE A 51 34.79 -33.16 53.54
N GLY A 52 34.88 -34.15 52.65
CA GLY A 52 35.66 -35.36 52.87
C GLY A 52 34.86 -36.42 53.60
N ASN A 53 33.61 -36.10 53.90
CA ASN A 53 32.77 -37.01 54.66
C ASN A 53 31.31 -36.92 54.25
N PRO A 54 30.82 -37.95 53.53
CA PRO A 54 29.38 -37.97 53.21
C PRO A 54 28.55 -37.98 54.48
N VAL A 55 27.60 -37.05 54.58
CA VAL A 55 26.69 -36.99 55.71
C VAL A 55 25.40 -37.72 55.32
N PHE A 56 25.24 -38.00 54.04
CA PHE A 56 24.13 -38.80 53.55
C PHE A 56 24.46 -40.29 53.62
N LYS A 57 23.44 -41.12 53.62
CA LYS A 57 23.64 -42.57 53.69
C LYS A 57 24.32 -43.07 52.42
N LYS A 58 23.99 -42.46 51.29
CA LYS A 58 24.56 -42.82 50.01
C LYS A 58 24.67 -41.60 49.13
N PRO A 59 25.75 -41.51 48.34
CA PRO A 59 25.85 -40.46 47.34
C PRO A 59 24.69 -40.50 46.35
N PHE A 60 24.02 -39.37 46.17
CA PHE A 60 22.94 -39.25 45.20
C PHE A 60 23.42 -38.49 43.97
N GLU A 61 22.70 -38.64 42.86
CA GLU A 61 22.92 -37.76 41.73
C GLU A 61 21.74 -36.81 41.62
N LEU A 62 21.92 -35.75 40.83
CA LEU A 62 20.93 -34.68 40.69
C LEU A 62 19.52 -35.19 40.47
N ASP A 63 19.35 -36.02 39.44
CA ASP A 63 18.07 -36.62 39.12
C ASP A 63 17.55 -37.49 40.26
N GLU A 64 18.46 -38.25 40.88
CA GLU A 64 18.08 -39.15 41.96
C GLU A 64 17.57 -38.36 43.16
N MET A 65 18.30 -37.32 43.54
CA MET A 65 17.88 -36.45 44.63
C MET A 65 16.52 -35.83 44.33
N ARG A 66 16.35 -35.34 43.11
CA ARG A 66 15.08 -34.75 42.69
C ARG A 66 13.94 -35.73 42.89
N GLU A 67 14.12 -36.94 42.39
CA GLU A 67 13.07 -37.96 42.45
C GLU A 67 12.83 -38.46 43.87
N TYR A 68 13.89 -38.68 44.63
CA TYR A 68 13.74 -39.09 46.02
C TYR A 68 12.93 -38.03 46.77
N TYR A 69 13.24 -36.76 46.52
CA TYR A 69 12.51 -35.69 47.18
C TYR A 69 11.06 -35.65 46.72
N LEU A 70 10.88 -35.64 45.40
CA LEU A 70 9.56 -35.46 44.83
C LEU A 70 8.61 -36.61 45.22
N ASN A 71 9.12 -37.84 45.26
CA ASN A 71 8.26 -38.98 45.58
C ASN A 71 8.04 -39.17 47.08
N PHE A 72 9.09 -38.98 47.87
CA PHE A 72 8.99 -38.85 49.33
C PHE A 72 7.81 -37.98 49.70
N PHE A 73 7.62 -36.97 48.86
CA PHE A 73 6.64 -35.93 49.07
C PHE A 73 5.34 -36.21 48.27
N GLU A 74 5.49 -36.87 47.13
CA GLU A 74 4.33 -37.36 46.36
C GLU A 74 3.45 -38.36 47.14
N ARG A 75 4.06 -39.18 47.98
CA ARG A 75 3.36 -40.30 48.63
C ARG A 75 2.52 -39.83 49.80
N ARG A 76 2.83 -38.59 50.22
CA ARG A 76 2.51 -38.07 51.52
C ARG A 76 1.46 -36.96 51.44
N GLY A 77 0.74 -36.91 50.32
CA GLY A 77 -0.47 -36.12 50.25
C GLY A 77 -0.49 -34.81 49.51
N HIS A 78 0.55 -34.49 48.75
CA HIS A 78 0.55 -33.21 48.02
C HIS A 78 0.94 -33.38 46.56
N GLY A 79 0.35 -32.53 45.73
CA GLY A 79 0.45 -32.60 44.29
C GLY A 79 1.77 -32.14 43.72
N ARG A 80 2.26 -32.92 42.77
CA ARG A 80 3.43 -32.59 41.99
C ARG A 80 3.03 -31.61 40.89
N ILE A 81 3.80 -30.55 40.76
CA ILE A 81 3.61 -29.58 39.67
C ILE A 81 4.93 -29.43 38.96
N GLU A 82 4.92 -29.47 37.62
CA GLU A 82 6.18 -29.37 36.91
C GLU A 82 6.65 -27.91 36.86
N ARG A 83 7.95 -27.74 36.73
CA ARG A 83 8.59 -26.44 36.95
C ARG A 83 8.13 -25.34 36.02
N TYR A 84 8.30 -24.10 36.48
CA TYR A 84 8.03 -22.92 35.68
C TYR A 84 9.32 -22.47 35.01
N PRO A 85 9.22 -21.63 33.97
CA PRO A 85 10.46 -21.15 33.35
C PRO A 85 11.22 -20.22 34.29
N VAL A 86 12.50 -20.02 34.00
CA VAL A 86 13.36 -19.20 34.85
C VAL A 86 13.08 -17.72 34.65
N VAL A 87 12.17 -17.41 33.73
CA VAL A 87 11.78 -16.04 33.46
C VAL A 87 10.38 -15.75 34.00
N ALA A 88 10.27 -14.71 34.82
CA ALA A 88 8.99 -14.32 35.39
C ALA A 88 8.13 -13.60 34.37
N ARG A 89 7.65 -14.33 33.37
CA ARG A 89 6.77 -13.78 32.35
C ARG A 89 5.44 -13.34 32.96
N TRP A 90 4.94 -14.14 33.88
CA TRP A 90 3.67 -13.89 34.54
C TRP A 90 3.73 -12.70 35.50
N ARG A 91 4.94 -12.35 35.92
CA ARG A 91 5.12 -11.22 36.82
C ARG A 91 5.73 -10.02 36.10
N THR A 92 5.59 -8.85 36.71
CA THR A 92 6.15 -7.64 36.14
C THR A 92 7.19 -7.05 37.08
N ASP A 93 7.00 -7.28 38.37
CA ASP A 93 7.84 -6.68 39.40
C ASP A 93 9.26 -7.23 39.39
N ILE A 94 9.41 -8.48 38.96
CA ILE A 94 10.74 -9.07 38.90
C ILE A 94 10.96 -9.78 37.57
N TYR A 95 12.19 -9.73 37.10
CA TYR A 95 12.58 -10.35 35.84
C TYR A 95 12.57 -11.87 35.89
N LEU A 96 13.38 -12.43 36.78
CA LEU A 96 13.62 -13.86 36.77
C LEU A 96 13.11 -14.54 38.05
N THR A 97 12.99 -15.86 37.99
CA THR A 97 12.53 -16.64 39.13
C THR A 97 13.63 -16.71 40.18
N ILE A 98 13.39 -16.08 41.33
CA ILE A 98 14.41 -16.01 42.38
C ILE A 98 14.14 -17.02 43.50
N ALA A 99 12.89 -17.47 43.60
CA ALA A 99 12.51 -18.45 44.61
C ALA A 99 11.40 -19.35 44.10
N SER A 100 11.19 -20.48 44.76
CA SER A 100 10.10 -21.38 44.40
C SER A 100 8.77 -20.66 44.56
N ILE A 101 8.61 -19.97 45.68
CA ILE A 101 7.41 -19.21 46.00
C ILE A 101 7.09 -18.13 44.94
N ALA A 102 8.12 -17.71 44.22
CA ALA A 102 7.98 -16.63 43.25
C ALA A 102 7.08 -17.03 42.08
N ASP A 103 6.99 -18.34 41.86
CA ASP A 103 6.15 -18.91 40.81
C ASP A 103 4.68 -18.53 40.96
N PHE A 104 4.21 -18.58 42.20
CA PHE A 104 2.80 -18.41 42.50
C PHE A 104 2.48 -17.01 43.00
N GLN A 105 3.50 -16.19 43.15
CA GLN A 105 3.34 -14.82 43.61
C GLN A 105 2.72 -13.92 42.54
N PRO A 106 1.91 -12.93 42.95
CA PRO A 106 1.39 -12.83 44.31
C PRO A 106 -0.12 -13.08 44.40
N PHE A 107 -0.79 -13.27 43.26
CA PHE A 107 -2.23 -13.56 43.23
C PHE A 107 -2.60 -14.77 44.08
N VAL A 108 -1.81 -15.84 43.97
CA VAL A 108 -2.10 -17.03 44.75
C VAL A 108 -1.74 -16.80 46.22
N THR A 109 -0.65 -16.07 46.44
CA THR A 109 -0.20 -15.82 47.80
C THR A 109 -1.05 -14.76 48.50
N SER A 110 -1.81 -14.00 47.73
CA SER A 110 -2.71 -13.01 48.32
C SER A 110 -4.12 -13.58 48.40
N GLY A 111 -4.27 -14.83 47.97
CA GLY A 111 -5.56 -15.51 48.04
C GLY A 111 -6.46 -15.24 46.86
N VAL A 112 -6.04 -14.33 45.99
CA VAL A 112 -6.83 -13.95 44.81
C VAL A 112 -7.12 -15.15 43.91
N ALA A 113 -6.14 -16.01 43.72
CA ALA A 113 -6.29 -17.19 42.89
C ALA A 113 -5.93 -18.45 43.67
N PRO A 114 -6.55 -19.59 43.34
CA PRO A 114 -6.18 -20.81 44.05
C PRO A 114 -4.91 -21.42 43.49
N PRO A 115 -4.11 -22.06 44.34
CA PRO A 115 -2.95 -22.81 43.83
C PRO A 115 -3.43 -23.97 42.99
N PRO A 116 -2.60 -24.43 42.03
CA PRO A 116 -3.03 -25.56 41.20
C PRO A 116 -3.27 -26.81 42.05
N ALA A 117 -2.55 -26.92 43.16
CA ALA A 117 -2.77 -27.99 44.13
C ALA A 117 -2.41 -27.51 45.53
N ASN A 118 -2.75 -28.30 46.54
CA ASN A 118 -2.48 -27.94 47.93
C ASN A 118 -2.54 -29.15 48.87
N PRO A 119 -1.43 -29.45 49.56
CA PRO A 119 -0.16 -28.77 49.34
C PRO A 119 0.42 -29.13 47.97
N LEU A 120 1.52 -28.49 47.58
CA LEU A 120 2.16 -28.83 46.33
C LEU A 120 3.63 -29.05 46.56
N THR A 121 4.32 -29.56 45.54
CA THR A 121 5.77 -29.68 45.62
C THR A 121 6.40 -29.56 44.24
N ILE A 122 7.61 -29.02 44.19
CA ILE A 122 8.27 -28.73 42.92
C ILE A 122 9.75 -28.47 43.09
N SER A 123 10.56 -29.08 42.22
CA SER A 123 11.95 -28.69 42.04
C SER A 123 12.04 -27.52 41.05
N GLN A 124 11.98 -26.29 41.55
CA GLN A 124 11.95 -25.13 40.67
C GLN A 124 13.31 -24.47 40.51
N PRO A 125 13.81 -24.38 39.26
CA PRO A 125 15.06 -23.67 38.99
C PRO A 125 14.93 -22.19 39.35
N CYS A 126 16.01 -21.60 39.86
CA CYS A 126 16.01 -20.19 40.25
C CYS A 126 17.34 -19.53 39.92
N ILE A 127 17.30 -18.23 39.66
CA ILE A 127 18.53 -17.49 39.38
C ILE A 127 18.71 -16.31 40.33
N ARG A 128 19.86 -16.25 41.00
CA ARG A 128 20.24 -15.06 41.74
C ARG A 128 21.57 -14.54 41.22
N LEU A 129 21.60 -13.24 40.95
CA LEU A 129 22.77 -12.61 40.35
C LEU A 129 23.43 -11.68 41.35
N ASP A 130 22.84 -11.56 42.53
CA ASP A 130 23.37 -10.70 43.58
C ASP A 130 24.69 -11.25 44.13
N ASP A 131 24.75 -12.57 44.27
CA ASP A 131 25.89 -13.26 44.89
C ASP A 131 27.04 -13.46 43.93
N LEU A 132 27.08 -12.61 42.91
CA LEU A 132 28.04 -12.73 41.83
C LEU A 132 29.47 -12.64 42.36
N ASP A 133 29.68 -11.79 43.36
CA ASP A 133 30.99 -11.65 44.00
C ASP A 133 31.37 -12.93 44.74
N SER A 134 30.38 -13.51 45.41
CA SER A 134 30.57 -14.69 46.25
C SER A 134 30.86 -15.95 45.42
N VAL A 135 30.17 -16.08 44.29
CA VAL A 135 30.23 -17.28 43.46
C VAL A 135 31.66 -17.66 43.04
N GLY A 136 32.00 -18.93 43.22
CA GLY A 136 33.30 -19.43 42.82
C GLY A 136 34.36 -19.24 43.89
N ARG A 137 34.01 -18.50 44.93
CA ARG A 137 34.95 -18.19 46.01
C ARG A 137 34.50 -18.77 47.35
N THR A 138 33.19 -18.87 47.54
CA THR A 138 32.65 -19.38 48.79
C THR A 138 32.46 -20.89 48.76
N GLY A 139 32.30 -21.44 47.55
CA GLY A 139 32.19 -22.87 47.38
C GLY A 139 30.80 -23.45 47.61
N ARG A 140 29.84 -22.58 47.90
CA ARG A 140 28.47 -23.04 48.13
C ARG A 140 27.45 -22.24 47.33
N HIS A 141 27.93 -21.27 46.56
CA HIS A 141 27.03 -20.40 45.81
C HIS A 141 27.02 -20.67 44.31
N LEU A 142 25.83 -20.58 43.72
CA LEU A 142 25.65 -20.66 42.28
C LEU A 142 24.86 -19.45 41.79
N THR A 143 25.00 -19.12 40.52
CA THR A 143 24.12 -18.13 39.91
C THR A 143 22.80 -18.81 39.59
N LEU A 144 22.88 -20.07 39.17
CA LEU A 144 21.70 -20.84 38.83
C LEU A 144 21.63 -22.15 39.60
N PHE A 145 20.50 -22.37 40.25
CA PHE A 145 20.29 -23.58 41.05
C PHE A 145 18.84 -24.05 40.96
N GLU A 146 18.61 -25.29 41.37
CA GLU A 146 17.25 -25.79 41.56
C GLU A 146 16.86 -25.67 43.02
N MET A 147 15.74 -25.04 43.28
CA MET A 147 15.19 -24.97 44.62
C MET A 147 13.91 -25.76 44.69
N MET A 148 13.86 -26.76 45.57
CA MET A 148 12.65 -27.55 45.68
C MET A 148 11.89 -27.22 46.94
N ALA A 149 10.60 -27.53 46.91
CA ALA A 149 9.69 -26.94 47.87
C ALA A 149 8.47 -27.81 48.09
N HIS A 150 7.90 -27.69 49.28
CA HIS A 150 6.51 -28.00 49.47
C HIS A 150 5.86 -26.70 49.92
N HIS A 151 4.70 -26.41 49.34
CA HIS A 151 3.96 -25.20 49.69
C HIS A 151 2.56 -25.57 50.14
N ALA A 152 2.16 -25.04 51.28
CA ALA A 152 0.80 -25.23 51.78
C ALA A 152 0.14 -23.88 51.87
N PHE A 153 -1.09 -23.80 51.36
CA PHE A 153 -1.78 -22.52 51.29
C PHE A 153 -2.95 -22.48 52.24
N ASN A 154 -2.86 -21.58 53.21
CA ASN A 154 -3.82 -21.56 54.32
C ASN A 154 -4.68 -20.30 54.31
N TYR A 155 -5.97 -20.49 54.57
CA TYR A 155 -6.90 -19.38 54.70
C TYR A 155 -7.46 -19.40 56.14
N PRO A 156 -7.97 -18.24 56.61
CA PRO A 156 -8.47 -18.16 57.99
C PRO A 156 -9.47 -19.25 58.36
N GLY A 157 -9.11 -20.07 59.34
CA GLY A 157 -10.00 -21.11 59.85
C GLY A 157 -9.77 -22.46 59.21
N LYS A 158 -9.19 -22.47 58.01
CA LYS A 158 -8.93 -23.72 57.31
C LYS A 158 -7.53 -23.76 56.74
N GLU A 159 -6.71 -24.65 57.26
CA GLU A 159 -5.33 -24.76 56.80
C GLU A 159 -4.82 -26.19 56.69
N ILE A 160 -4.26 -26.51 55.52
CA ILE A 160 -3.69 -27.82 55.26
C ILE A 160 -2.61 -28.15 56.27
N TYR A 161 -1.63 -27.26 56.41
CA TYR A 161 -0.75 -27.30 57.58
C TYR A 161 -0.06 -25.99 57.88
N TRP A 162 0.38 -25.89 59.12
CA TRP A 162 1.08 -24.72 59.60
C TRP A 162 2.54 -25.07 59.80
N LYS A 163 3.12 -24.45 60.81
CA LYS A 163 4.54 -24.57 61.06
C LYS A 163 4.98 -25.99 61.40
N ASN A 164 4.18 -26.68 62.21
CA ASN A 164 4.54 -28.00 62.72
C ASN A 164 4.81 -29.08 61.68
N GLU A 165 3.91 -29.25 60.71
CA GLU A 165 4.13 -30.25 59.67
C GLU A 165 5.29 -29.84 58.76
N THR A 166 5.46 -28.54 58.58
CA THR A 166 6.55 -27.99 57.77
C THR A 166 7.91 -28.36 58.33
N VAL A 167 8.08 -28.14 59.63
CA VAL A 167 9.34 -28.47 60.30
C VAL A 167 9.46 -29.98 60.37
N ALA A 168 8.33 -30.65 60.61
CA ALA A 168 8.24 -32.10 60.65
C ALA A 168 8.82 -32.72 59.39
N TYR A 169 8.27 -32.29 58.25
CA TYR A 169 8.68 -32.80 56.95
C TYR A 169 10.17 -32.67 56.70
N CYS A 170 10.73 -31.54 57.11
CA CYS A 170 12.15 -31.30 57.02
C CYS A 170 12.92 -32.32 57.85
N THR A 171 12.56 -32.43 59.13
CA THR A 171 13.23 -33.35 60.05
C THR A 171 13.14 -34.80 59.63
N GLU A 172 11.98 -35.20 59.12
CA GLU A 172 11.77 -36.58 58.71
C GLU A 172 12.50 -36.87 57.40
N LEU A 173 12.54 -35.88 56.52
CA LEU A 173 13.22 -36.02 55.23
C LEU A 173 14.71 -36.30 55.44
N LEU A 174 15.35 -35.46 56.25
CA LEU A 174 16.76 -35.59 56.53
C LEU A 174 17.07 -36.88 57.30
N ASN A 175 16.17 -37.25 58.21
CA ASN A 175 16.33 -38.46 59.00
C ASN A 175 16.21 -39.70 58.13
N GLU A 176 15.28 -39.67 57.17
CA GLU A 176 15.15 -40.76 56.22
C GLU A 176 16.42 -40.86 55.38
N LEU A 177 17.08 -39.73 55.20
CA LEU A 177 18.38 -39.71 54.54
C LEU A 177 19.47 -40.26 55.44
N GLY A 178 19.34 -40.02 56.75
CA GLY A 178 20.24 -40.62 57.71
C GLY A 178 20.92 -39.68 58.70
N VAL A 179 20.91 -38.38 58.44
CA VAL A 179 21.56 -37.44 59.34
C VAL A 179 20.81 -37.38 60.67
N LYS A 180 21.55 -37.57 61.76
CA LYS A 180 20.97 -37.59 63.10
C LYS A 180 20.45 -36.22 63.50
N LYS A 181 19.43 -36.21 64.35
CA LYS A 181 18.81 -34.97 64.81
C LYS A 181 19.80 -34.10 65.58
N GLU A 182 20.80 -34.75 66.17
CA GLU A 182 21.81 -34.04 66.96
C GLU A 182 22.78 -33.26 66.07
N ASP A 183 22.80 -33.57 64.79
CA ASP A 183 23.72 -32.93 63.85
C ASP A 183 23.04 -31.84 63.02
N ILE A 184 21.73 -31.65 63.22
CA ILE A 184 21.03 -30.62 62.46
C ILE A 184 20.71 -29.39 63.30
N VAL A 185 21.06 -28.23 62.78
CA VAL A 185 20.92 -26.98 63.51
C VAL A 185 19.89 -26.09 62.85
N TYR A 186 18.95 -25.59 63.64
CA TYR A 186 17.88 -24.73 63.12
C TYR A 186 18.08 -23.27 63.53
N LYS A 187 18.63 -22.47 62.62
CA LYS A 187 18.78 -21.05 62.88
C LYS A 187 17.52 -20.29 62.49
N GLU A 188 17.00 -19.51 63.42
CA GLU A 188 15.89 -18.61 63.14
C GLU A 188 16.44 -17.43 62.38
N GLU A 189 15.61 -16.80 61.55
CA GLU A 189 16.02 -15.63 60.76
C GLU A 189 14.79 -14.90 60.22
N PRO A 190 14.96 -13.63 59.82
CA PRO A 190 13.88 -12.93 59.11
C PRO A 190 14.00 -13.01 57.58
N TRP A 191 12.93 -13.49 56.94
CA TRP A 191 12.89 -13.70 55.50
C TRP A 191 11.98 -12.68 54.80
N ALA A 192 12.54 -11.86 53.91
CA ALA A 192 11.71 -11.03 53.04
C ALA A 192 12.12 -11.15 51.57
N GLY A 193 11.16 -10.95 50.67
CA GLY A 193 11.43 -11.01 49.23
C GLY A 193 10.26 -11.46 48.38
N GLY A 194 9.90 -10.64 47.39
CA GLY A 194 8.82 -11.00 46.47
C GLY A 194 7.49 -10.37 46.84
N GLY A 195 7.52 -9.41 47.76
CA GLY A 195 6.31 -8.74 48.19
C GLY A 195 5.64 -9.44 49.36
N ASN A 196 6.20 -10.58 49.75
CA ASN A 196 5.74 -11.32 50.93
C ASN A 196 6.92 -11.59 51.86
N ALA A 197 6.62 -11.93 53.10
CA ALA A 197 7.70 -12.19 54.06
C ALA A 197 7.19 -12.91 55.30
N GLY A 198 8.13 -13.36 56.12
CA GLY A 198 7.79 -14.01 57.37
C GLY A 198 9.05 -14.53 58.05
N PRO A 199 8.88 -15.12 59.25
CA PRO A 199 10.05 -15.66 59.95
C PRO A 199 10.47 -17.00 59.35
N CYS A 200 11.75 -17.35 59.47
CA CYS A 200 12.23 -18.57 58.84
C CYS A 200 13.25 -19.33 59.68
N LEU A 201 13.13 -20.65 59.69
CA LEU A 201 14.16 -21.51 60.25
C LEU A 201 15.05 -22.02 59.14
N GLU A 202 16.32 -21.63 59.20
CA GLU A 202 17.27 -22.02 58.16
C GLU A 202 18.11 -23.19 58.66
N ALA A 203 17.94 -24.36 58.03
CA ALA A 203 18.61 -25.57 58.47
C ALA A 203 20.04 -25.64 57.96
N ILE A 204 21.00 -25.57 58.86
CA ILE A 204 22.37 -25.86 58.50
C ILE A 204 22.74 -27.24 59.04
N VAL A 205 23.37 -28.05 58.20
CA VAL A 205 23.92 -29.33 58.64
C VAL A 205 25.35 -29.45 58.10
N GLY A 206 26.24 -29.99 58.92
CA GLY A 206 27.63 -30.10 58.55
C GLY A 206 28.26 -28.76 58.27
N GLY A 207 27.71 -27.70 58.87
CA GLY A 207 28.23 -26.36 58.74
C GLY A 207 27.66 -25.59 57.56
N LEU A 208 26.82 -26.25 56.78
CA LEU A 208 26.31 -25.69 55.53
C LEU A 208 24.79 -25.50 55.55
N GLU A 209 24.33 -24.28 55.27
CA GLU A 209 22.90 -24.05 55.16
C GLU A 209 22.36 -24.87 54.01
N VAL A 210 21.52 -25.83 54.36
CA VAL A 210 21.01 -26.80 53.42
C VAL A 210 19.57 -26.45 53.04
N ALA A 211 18.92 -25.67 53.90
CA ALA A 211 17.48 -25.45 53.80
C ALA A 211 17.00 -24.15 54.43
N THR A 212 15.78 -23.74 54.06
CA THR A 212 15.09 -22.61 54.66
C THR A 212 13.57 -22.79 54.54
N LEU A 213 12.85 -22.65 55.66
CA LEU A 213 11.40 -22.70 55.64
C LEU A 213 10.82 -21.41 56.19
N VAL A 214 10.07 -20.69 55.35
CA VAL A 214 9.53 -19.40 55.73
C VAL A 214 8.02 -19.47 56.01
N PHE A 215 7.59 -18.77 57.06
CA PHE A 215 6.17 -18.72 57.40
C PHE A 215 5.60 -17.37 57.04
N MET A 216 4.96 -17.29 55.88
CA MET A 216 4.49 -16.00 55.39
C MET A 216 3.27 -15.49 56.15
N ASN A 217 3.50 -14.46 56.95
CA ASN A 217 2.46 -13.81 57.75
C ASN A 217 2.08 -12.45 57.20
N LEU A 218 2.91 -11.91 56.32
CA LEU A 218 2.75 -10.51 55.93
C LEU A 218 3.06 -10.21 54.47
N GLU A 219 2.63 -9.05 54.01
CA GLU A 219 2.85 -8.62 52.63
C GLU A 219 3.32 -7.17 52.55
N GLU A 220 3.96 -6.81 51.45
CA GLU A 220 4.41 -5.44 51.25
C GLU A 220 3.21 -4.51 51.08
N HIS A 221 3.21 -3.41 51.81
CA HIS A 221 2.08 -2.48 51.80
C HIS A 221 2.51 -1.11 52.33
N PRO A 222 2.00 -0.03 51.71
CA PRO A 222 2.28 1.36 52.07
C PRO A 222 2.16 1.68 53.56
N GLU A 223 1.12 1.19 54.22
CA GLU A 223 0.93 1.43 55.65
C GLU A 223 2.16 0.99 56.43
N GLY A 224 2.62 -0.21 56.14
CA GLY A 224 3.85 -0.76 56.68
C GLY A 224 4.11 -0.57 58.16
N ASP A 225 3.27 -1.19 58.98
CA ASP A 225 3.46 -1.13 60.42
C ASP A 225 4.78 -1.79 60.80
N ILE A 226 4.98 -3.01 60.31
CA ILE A 226 6.26 -3.68 60.50
C ILE A 226 7.20 -3.37 59.33
N GLU A 227 8.42 -3.00 59.66
CA GLU A 227 9.40 -2.54 58.68
C GLU A 227 10.62 -3.44 58.62
N ILE A 228 11.05 -3.78 57.41
CA ILE A 228 12.25 -4.62 57.22
C ILE A 228 12.81 -4.55 55.79
N LYS A 229 14.15 -4.56 55.70
CA LYS A 229 14.86 -4.45 54.42
C LYS A 229 14.46 -3.17 53.70
N GLY A 230 14.24 -2.11 54.48
CA GLY A 230 13.89 -0.81 53.94
C GLY A 230 12.46 -0.74 53.42
N ALA A 231 11.80 -1.89 53.34
CA ALA A 231 10.46 -1.98 52.80
C ALA A 231 9.40 -2.04 53.90
N ARG A 232 8.16 -1.73 53.54
CA ARG A 232 7.06 -1.69 54.48
C ARG A 232 6.11 -2.88 54.31
N TYR A 233 5.77 -3.53 55.41
CA TYR A 233 4.96 -4.76 55.36
C TYR A 233 3.78 -4.74 56.34
N ARG A 234 2.76 -5.54 56.06
CA ARG A 234 1.55 -5.57 56.87
C ARG A 234 1.04 -6.99 57.08
N LYS A 235 0.55 -7.29 58.28
CA LYS A 235 0.04 -8.62 58.62
C LYS A 235 -1.08 -9.08 57.68
N MET A 236 -0.97 -10.31 57.21
CA MET A 236 -1.99 -10.87 56.32
C MET A 236 -3.16 -11.43 57.10
N ASP A 237 -4.27 -11.63 56.39
CA ASP A 237 -5.39 -12.35 56.96
C ASP A 237 -5.16 -13.84 56.78
N ASN A 238 -4.44 -14.20 55.73
CA ASN A 238 -4.15 -15.60 55.44
C ASN A 238 -2.65 -15.90 55.46
N TYR A 239 -2.29 -17.15 55.71
CA TYR A 239 -0.89 -17.50 55.87
C TYR A 239 -0.45 -18.59 54.88
N ILE A 240 0.79 -18.50 54.42
CA ILE A 240 1.33 -19.48 53.49
C ILE A 240 2.67 -20.01 54.00
N VAL A 241 2.98 -21.28 53.70
CA VAL A 241 4.28 -21.83 54.06
C VAL A 241 5.16 -21.99 52.83
N ASP A 242 6.42 -21.63 52.99
CA ASP A 242 7.41 -21.71 51.92
C ASP A 242 8.58 -22.54 52.40
N THR A 243 9.09 -23.40 51.53
CA THR A 243 10.16 -24.33 51.88
C THR A 243 11.23 -24.42 50.81
N GLY A 244 12.38 -23.78 51.03
CA GLY A 244 13.44 -23.84 50.04
C GLY A 244 14.52 -24.86 50.36
N TYR A 245 14.75 -25.79 49.44
CA TYR A 245 15.77 -26.81 49.60
C TYR A 245 16.78 -26.80 48.45
N GLY A 246 18.01 -26.42 48.73
CA GLY A 246 19.04 -26.39 47.71
C GLY A 246 19.57 -27.77 47.34
N LEU A 247 19.18 -28.25 46.17
CA LEU A 247 19.61 -29.55 45.67
C LEU A 247 21.08 -29.66 45.38
N GLU A 248 21.63 -28.65 44.72
CA GLU A 248 23.03 -28.65 44.33
C GLU A 248 23.88 -28.82 45.59
N ARG A 249 23.41 -28.20 46.66
CA ARG A 249 24.05 -28.34 47.95
C ARG A 249 23.72 -29.68 48.55
N PHE A 250 22.52 -30.16 48.27
CA PHE A 250 22.04 -31.43 48.80
C PHE A 250 22.86 -32.59 48.25
N VAL A 251 23.02 -32.62 46.92
CA VAL A 251 23.87 -33.63 46.29
C VAL A 251 25.31 -33.49 46.77
N TRP A 252 25.70 -32.27 47.11
CA TRP A 252 27.06 -32.00 47.56
C TRP A 252 27.33 -32.74 48.86
N ALA A 253 26.39 -32.64 49.80
CA ALA A 253 26.50 -33.32 51.08
C ALA A 253 26.34 -34.83 50.92
N SER A 254 25.97 -35.26 49.71
CA SER A 254 25.89 -36.67 49.40
C SER A 254 27.22 -37.21 48.91
N LYS A 255 28.03 -36.33 48.30
CA LYS A 255 29.30 -36.75 47.72
C LYS A 255 30.50 -36.29 48.55
N GLY A 256 30.31 -35.23 49.31
CA GLY A 256 31.37 -34.72 50.17
C GLY A 256 32.55 -34.19 49.39
N THR A 257 32.30 -33.81 48.15
CA THR A 257 33.33 -33.25 47.28
C THR A 257 33.76 -31.88 47.81
N PRO A 258 34.96 -31.40 47.42
CA PRO A 258 35.44 -30.12 47.94
C PRO A 258 34.50 -28.93 47.72
N THR A 259 33.94 -28.79 46.52
CA THR A 259 32.99 -27.71 46.25
C THR A 259 31.73 -28.25 45.59
N VAL A 260 30.63 -27.50 45.72
CA VAL A 260 29.35 -27.89 45.12
C VAL A 260 29.48 -28.10 43.61
N TYR A 261 30.32 -27.28 42.98
CA TYR A 261 30.55 -27.35 41.55
C TYR A 261 31.00 -28.73 41.11
N ASP A 262 31.89 -29.33 41.90
CA ASP A 262 32.34 -30.70 41.64
C ASP A 262 31.20 -31.69 41.79
N ALA A 263 30.29 -31.41 42.71
CA ALA A 263 29.18 -32.32 42.98
C ALA A 263 28.14 -32.29 41.86
N ILE A 264 28.05 -31.15 41.18
CA ILE A 264 26.98 -30.96 40.21
C ILE A 264 27.45 -31.17 38.77
N PHE A 265 28.54 -30.51 38.40
CA PHE A 265 29.08 -30.65 37.06
C PHE A 265 30.59 -30.88 37.08
N PRO A 266 31.02 -32.08 37.50
CA PRO A 266 32.44 -32.41 37.56
C PRO A 266 33.11 -32.26 36.20
N GLU A 267 32.51 -32.92 35.22
CA GLU A 267 33.05 -33.02 33.87
C GLU A 267 33.28 -31.67 33.20
N VAL A 268 32.41 -30.71 33.48
CA VAL A 268 32.56 -29.37 32.89
C VAL A 268 33.77 -28.67 33.48
N VAL A 269 33.88 -28.69 34.80
CA VAL A 269 35.03 -28.13 35.49
C VAL A 269 36.30 -28.80 35.00
N ASP A 270 36.22 -30.11 34.75
CA ASP A 270 37.35 -30.87 34.23
C ASP A 270 37.73 -30.44 32.82
N THR A 271 36.73 -30.23 31.98
CA THR A 271 36.97 -29.78 30.61
C THR A 271 37.67 -28.43 30.61
N ILE A 272 37.15 -27.51 31.42
CA ILE A 272 37.73 -26.18 31.56
C ILE A 272 39.19 -26.25 32.02
N ILE A 273 39.44 -26.98 33.11
CA ILE A 273 40.78 -27.04 33.70
C ILE A 273 41.79 -27.72 32.79
N ASP A 274 41.36 -28.74 32.05
CA ASP A 274 42.30 -29.49 31.22
C ASP A 274 42.67 -28.75 29.94
N ASN A 275 41.77 -27.92 29.44
CA ASN A 275 42.02 -27.14 28.24
C ASN A 275 42.28 -25.68 28.53
N SER A 276 43.00 -25.40 29.61
CA SER A 276 43.23 -24.01 30.01
C SER A 276 44.69 -23.69 30.27
N ASN A 277 44.92 -22.51 30.84
CA ASN A 277 46.27 -22.05 31.16
C ASN A 277 46.62 -22.31 32.62
N VAL A 278 45.82 -23.15 33.28
CA VAL A 278 46.08 -23.50 34.67
C VAL A 278 47.44 -24.17 34.77
N SER A 279 48.22 -23.76 35.75
CA SER A 279 49.56 -24.27 35.93
C SER A 279 49.54 -25.76 36.27
N PHE A 280 48.78 -26.08 37.31
CA PHE A 280 48.85 -27.37 37.96
C PHE A 280 48.08 -28.50 37.29
N ASN A 281 48.05 -29.64 37.97
CA ASN A 281 47.24 -30.78 37.57
C ASN A 281 46.22 -31.08 38.65
N ARG A 282 45.05 -31.55 38.24
CA ARG A 282 43.95 -31.84 39.17
C ARG A 282 44.25 -33.07 40.04
N GLU A 283 45.12 -33.94 39.56
CA GLU A 283 45.30 -35.26 40.13
C GLU A 283 46.22 -35.37 41.35
N ASP A 284 47.33 -34.64 41.36
CA ASP A 284 48.35 -34.94 42.36
C ASP A 284 47.93 -34.55 43.77
N GLU A 285 48.71 -35.02 44.73
CA GLU A 285 48.33 -34.97 46.13
C GLU A 285 48.34 -33.59 46.71
N ARG A 286 49.41 -32.85 46.46
CA ARG A 286 49.56 -31.55 47.08
C ARG A 286 48.44 -30.58 46.71
N VAL A 287 47.99 -30.60 45.45
CA VAL A 287 46.87 -29.75 45.08
C VAL A 287 45.57 -30.34 45.62
N ARG A 288 45.56 -31.64 45.90
CA ARG A 288 44.37 -32.26 46.46
C ARG A 288 44.23 -31.88 47.91
N ARG A 289 45.35 -31.90 48.63
CA ARG A 289 45.35 -31.59 50.05
C ARG A 289 44.95 -30.13 50.29
N ILE A 290 45.55 -29.23 49.52
CA ILE A 290 45.26 -27.80 49.67
C ILE A 290 43.81 -27.49 49.32
N VAL A 291 43.24 -28.22 48.37
CA VAL A 291 41.85 -27.98 47.97
C VAL A 291 40.91 -28.49 49.06
N ALA A 292 41.24 -29.66 49.63
CA ALA A 292 40.45 -30.25 50.70
C ALA A 292 40.31 -29.29 51.89
N GLU A 293 41.45 -28.83 52.41
CA GLU A 293 41.46 -27.96 53.58
C GLU A 293 40.94 -26.57 53.29
N SER A 294 41.27 -26.05 52.12
CA SER A 294 40.83 -24.71 51.75
C SER A 294 39.31 -24.71 51.56
N SER A 295 38.80 -25.78 50.98
CA SER A 295 37.36 -25.95 50.82
C SER A 295 36.68 -25.87 52.18
N LYS A 296 37.33 -26.43 53.19
CA LYS A 296 36.81 -26.45 54.56
C LYS A 296 36.57 -25.05 55.11
N LEU A 297 37.44 -24.12 54.73
CA LEU A 297 37.40 -22.76 55.26
C LEU A 297 36.75 -21.80 54.28
N ALA A 298 36.22 -22.34 53.20
CA ALA A 298 35.63 -21.54 52.13
C ALA A 298 34.39 -20.80 52.59
N GLY A 299 33.60 -21.44 53.46
CA GLY A 299 32.38 -20.86 53.96
C GLY A 299 32.66 -19.75 54.95
N ILE A 300 33.88 -19.73 55.47
CA ILE A 300 34.31 -18.65 56.34
C ILE A 300 34.79 -17.46 55.52
N MET A 301 35.66 -17.74 54.55
CA MET A 301 36.34 -16.70 53.77
C MET A 301 35.38 -15.78 53.02
N GLY A 302 34.16 -16.27 52.78
CA GLY A 302 33.14 -15.43 52.17
C GLY A 302 32.72 -14.32 53.12
N GLU A 303 32.50 -14.68 54.38
CA GLU A 303 32.00 -13.74 55.37
C GLU A 303 33.10 -12.80 55.88
N LEU A 304 34.31 -13.33 56.06
CA LEU A 304 35.41 -12.50 56.53
C LEU A 304 36.35 -12.12 55.39
N ARG A 305 36.70 -10.84 55.30
CA ARG A 305 37.54 -10.33 54.23
C ARG A 305 38.51 -9.26 54.70
N GLY A 306 39.51 -8.98 53.87
CA GLY A 306 40.47 -7.94 54.15
C GLY A 306 41.69 -8.46 54.89
N GLU A 307 42.04 -7.79 55.98
CA GLU A 307 43.18 -8.17 56.80
C GLU A 307 43.03 -9.60 57.34
N ARG A 308 41.80 -9.93 57.75
CA ARG A 308 41.51 -11.25 58.30
C ARG A 308 41.62 -12.32 57.23
N LEU A 309 41.21 -11.97 56.01
CA LEU A 309 41.28 -12.88 54.87
C LEU A 309 42.70 -13.37 54.66
N ASN A 310 43.65 -12.43 54.69
CA ASN A 310 45.05 -12.78 54.52
C ASN A 310 45.56 -13.55 55.73
N GLN A 311 44.98 -13.24 56.89
CA GLN A 311 45.34 -13.91 58.13
C GLN A 311 44.88 -15.36 58.11
N LEU A 312 43.62 -15.56 57.74
CA LEU A 312 43.07 -16.90 57.65
C LEU A 312 43.78 -17.67 56.54
N ARG A 313 44.11 -16.97 55.46
CA ARG A 313 44.89 -17.59 54.38
C ARG A 313 46.22 -18.09 54.92
N LYS A 314 46.80 -17.34 55.85
CA LYS A 314 48.05 -17.75 56.48
C LYS A 314 47.82 -18.97 57.37
N SER A 315 46.71 -18.95 58.10
CA SER A 315 46.34 -20.05 59.00
C SER A 315 46.22 -21.37 58.23
N VAL A 316 45.48 -21.35 57.13
CA VAL A 316 45.28 -22.55 56.33
C VAL A 316 46.56 -22.91 55.56
N ALA A 317 47.31 -21.90 55.14
CA ALA A 317 48.57 -22.14 54.43
C ALA A 317 49.52 -22.93 55.30
N ASP A 318 49.59 -22.56 56.58
CA ASP A 318 50.44 -23.26 57.53
C ASP A 318 49.85 -24.63 57.84
N THR A 319 48.52 -24.68 57.92
CA THR A 319 47.80 -25.91 58.23
C THR A 319 48.19 -27.00 57.23
N VAL A 320 48.33 -26.59 55.97
CA VAL A 320 48.72 -27.50 54.90
C VAL A 320 50.23 -27.46 54.69
N GLY A 321 50.87 -26.43 55.24
CA GLY A 321 52.30 -26.25 55.07
C GLY A 321 52.60 -25.79 53.66
N VAL A 322 52.11 -24.60 53.33
CA VAL A 322 52.17 -24.08 51.98
C VAL A 322 52.58 -22.61 52.03
N SER A 323 53.47 -22.19 51.13
CA SER A 323 53.94 -20.82 51.10
C SER A 323 52.82 -19.83 50.86
N VAL A 324 53.10 -18.55 51.10
CA VAL A 324 52.14 -17.50 50.84
C VAL A 324 51.75 -17.46 49.38
N GLU A 325 52.73 -17.65 48.50
CA GLU A 325 52.50 -17.59 47.07
C GLU A 325 51.90 -18.88 46.50
N GLU A 326 52.10 -19.99 47.21
CA GLU A 326 51.73 -21.28 46.62
C GLU A 326 50.22 -21.48 46.52
N LEU A 327 49.51 -21.27 47.64
CA LEU A 327 48.08 -21.59 47.70
C LEU A 327 47.20 -20.76 46.77
N GLU A 328 47.24 -19.44 46.92
CA GLU A 328 46.42 -18.58 46.08
C GLU A 328 46.84 -18.71 44.63
N GLY A 329 48.01 -19.30 44.40
CA GLY A 329 48.45 -19.68 43.08
C GLY A 329 47.55 -20.76 42.51
N ILE A 330 46.79 -21.41 43.39
CA ILE A 330 45.78 -22.37 42.96
C ILE A 330 44.38 -21.83 43.22
N VAL A 331 44.19 -21.21 44.38
CA VAL A 331 42.87 -20.71 44.79
C VAL A 331 42.31 -19.70 43.80
N VAL A 332 43.14 -18.75 43.39
CA VAL A 332 42.72 -17.70 42.46
C VAL A 332 42.31 -18.25 41.09
N PRO A 333 43.13 -19.11 40.46
CA PRO A 333 42.65 -19.64 39.18
C PRO A 333 41.39 -20.48 39.32
N LEU A 334 41.27 -21.24 40.41
CA LEU A 334 40.09 -22.06 40.64
C LEU A 334 38.84 -21.21 40.82
N GLU A 335 38.99 -20.11 41.56
CA GLU A 335 37.88 -19.18 41.80
C GLU A 335 37.28 -18.68 40.49
N LYS A 336 38.10 -18.64 39.45
CA LYS A 336 37.63 -18.22 38.12
C LYS A 336 37.04 -19.40 37.35
N VAL A 337 37.69 -20.56 37.45
CA VAL A 337 37.23 -21.77 36.80
C VAL A 337 35.78 -22.10 37.17
N TYR A 338 35.48 -22.03 38.47
CA TYR A 338 34.15 -22.30 38.97
C TYR A 338 33.13 -21.28 38.44
N SER A 339 33.46 -20.01 38.58
CA SER A 339 32.62 -18.92 38.10
C SER A 339 32.23 -19.13 36.65
N LEU A 340 33.22 -19.46 35.82
CA LEU A 340 32.98 -19.71 34.41
C LEU A 340 32.07 -20.91 34.22
N ALA A 341 32.37 -21.99 34.93
CA ALA A 341 31.57 -23.21 34.84
C ALA A 341 30.12 -22.97 35.25
N ASP A 342 29.94 -22.27 36.37
CA ASP A 342 28.61 -21.91 36.86
C ASP A 342 27.85 -21.04 35.86
N HIS A 343 28.49 -19.96 35.41
CA HIS A 343 27.85 -19.02 34.49
C HIS A 343 27.35 -19.72 33.23
N THR A 344 28.16 -20.61 32.68
CA THR A 344 27.78 -21.38 31.49
C THR A 344 26.50 -22.16 31.72
N ARG A 345 26.36 -22.71 32.92
CA ARG A 345 25.15 -23.43 33.30
C ARG A 345 23.98 -22.45 33.37
N CYS A 346 24.27 -21.24 33.84
CA CYS A 346 23.25 -20.21 33.96
C CYS A 346 22.83 -19.70 32.59
N ILE A 347 23.79 -19.57 31.68
CA ILE A 347 23.52 -19.16 30.31
C ILE A 347 22.48 -20.08 29.68
N LEU A 348 22.67 -21.38 29.92
CA LEU A 348 21.82 -22.44 29.39
C LEU A 348 20.34 -22.19 29.62
N PHE A 349 19.96 -22.03 30.88
CA PHE A 349 18.56 -21.84 31.25
C PHE A 349 18.00 -20.49 30.78
N MET A 350 18.84 -19.46 30.79
CA MET A 350 18.42 -18.13 30.37
C MET A 350 17.96 -18.13 28.91
N LEU A 351 18.86 -18.53 28.02
CA LEU A 351 18.56 -18.58 26.59
C LEU A 351 17.46 -19.59 26.28
N GLY A 352 17.58 -20.79 26.85
CA GLY A 352 16.66 -21.88 26.58
C GLY A 352 15.22 -21.60 26.96
N ASP A 353 15.00 -20.79 28.00
CA ASP A 353 13.66 -20.47 28.44
C ASP A 353 13.12 -19.22 27.73
N GLY A 354 13.87 -18.74 26.76
CA GLY A 354 13.39 -17.69 25.87
C GLY A 354 13.89 -16.28 26.13
N LEU A 355 14.88 -16.13 27.00
CA LEU A 355 15.45 -14.82 27.27
C LEU A 355 16.50 -14.46 26.22
N VAL A 356 16.30 -13.32 25.57
CA VAL A 356 17.19 -12.88 24.50
C VAL A 356 18.06 -11.72 24.93
N PRO A 357 19.40 -11.86 24.79
CA PRO A 357 20.38 -10.85 25.18
C PRO A 357 20.04 -9.46 24.66
N SER A 358 20.36 -8.44 25.44
CA SER A 358 20.02 -7.06 25.10
C SER A 358 20.96 -6.06 25.75
N ASN A 359 20.72 -4.78 25.50
CA ASN A 359 21.52 -3.72 26.08
C ASN A 359 20.79 -3.04 27.23
N ALA A 360 19.57 -3.52 27.49
CA ALA A 360 18.71 -2.96 28.52
C ALA A 360 17.54 -3.90 28.79
N GLY A 361 16.86 -3.69 29.90
CA GLY A 361 15.74 -4.54 30.26
C GLY A 361 16.20 -5.94 30.63
N ALA A 362 15.28 -6.90 30.55
CA ALA A 362 15.55 -8.28 30.94
C ALA A 362 16.76 -8.86 30.21
N GLY A 363 16.81 -8.64 28.91
CA GLY A 363 17.86 -9.17 28.07
C GLY A 363 19.28 -8.79 28.45
N TYR A 364 19.42 -7.65 29.12
CA TYR A 364 20.75 -7.20 29.52
C TYR A 364 21.40 -8.16 30.51
N LEU A 365 20.58 -8.75 31.37
CA LEU A 365 21.05 -9.74 32.33
C LEU A 365 21.75 -10.89 31.63
N ALA A 366 21.07 -11.43 30.62
CA ALA A 366 21.63 -12.53 29.83
C ALA A 366 22.94 -12.07 29.19
N ARG A 367 22.93 -10.88 28.62
CA ARG A 367 24.14 -10.32 28.02
C ARG A 367 25.28 -10.26 29.04
N LEU A 368 24.99 -9.68 30.20
CA LEU A 368 25.95 -9.58 31.30
C LEU A 368 26.65 -10.92 31.58
N MET A 369 25.85 -11.96 31.78
CA MET A 369 26.38 -13.30 32.05
C MET A 369 27.27 -13.80 30.92
N ILE A 370 26.87 -13.51 29.68
CA ILE A 370 27.68 -13.84 28.52
C ILE A 370 29.01 -13.10 28.59
N ARG A 371 28.95 -11.80 28.87
CA ARG A 371 30.14 -10.96 28.97
C ARG A 371 31.14 -11.54 29.96
N ARG A 372 30.69 -11.74 31.19
CA ARG A 372 31.53 -12.26 32.26
C ARG A 372 32.14 -13.61 31.91
N SER A 373 31.32 -14.48 31.36
CA SER A 373 31.76 -15.79 30.89
C SER A 373 32.90 -15.63 29.90
N LEU A 374 32.80 -14.62 29.04
CA LEU A 374 33.80 -14.38 28.02
C LEU A 374 35.10 -13.79 28.59
N ARG A 375 34.96 -12.93 29.59
CA ARG A 375 36.13 -12.38 30.27
C ARG A 375 36.91 -13.49 30.97
N LEU A 376 36.19 -14.34 31.70
CA LEU A 376 36.80 -15.47 32.38
C LEU A 376 37.44 -16.44 31.39
N ALA A 377 36.76 -16.66 30.27
CA ALA A 377 37.26 -17.52 29.21
C ALA A 377 38.57 -16.98 28.65
N GLU A 378 38.63 -15.66 28.47
CA GLU A 378 39.84 -15.01 28.00
C GLU A 378 40.97 -15.15 29.02
N GLU A 379 40.64 -14.99 30.29
CA GLU A 379 41.63 -15.06 31.36
C GLU A 379 42.20 -16.46 31.53
N LEU A 380 41.40 -17.46 31.19
CA LEU A 380 41.82 -18.86 31.33
C LEU A 380 42.41 -19.39 30.02
N GLU A 381 42.36 -18.57 28.98
CA GLU A 381 42.82 -18.96 27.64
C GLU A 381 42.17 -20.26 27.21
N LEU A 382 40.87 -20.38 27.47
CA LEU A 382 40.11 -21.59 27.20
C LEU A 382 40.20 -21.99 25.72
N GLY A 383 40.44 -23.28 25.49
CA GLY A 383 40.59 -23.79 24.15
C GLY A 383 39.27 -24.18 23.51
N LEU A 384 38.17 -23.82 24.15
CA LEU A 384 36.84 -24.09 23.61
C LEU A 384 35.99 -22.83 23.63
N ASP A 385 34.86 -22.87 22.94
CA ASP A 385 33.92 -21.76 22.96
C ASP A 385 32.84 -22.03 23.99
N LEU A 386 32.23 -20.97 24.50
CA LEU A 386 31.20 -21.08 25.54
C LEU A 386 30.09 -22.06 25.18
N TYR A 387 29.80 -22.17 23.89
CA TYR A 387 28.75 -23.05 23.40
C TYR A 387 29.01 -24.51 23.78
N ASP A 388 30.26 -24.92 23.69
CA ASP A 388 30.67 -26.27 24.07
C ASP A 388 30.27 -26.56 25.51
N LEU A 389 30.67 -25.67 26.41
CA LEU A 389 30.39 -25.81 27.84
C LEU A 389 28.87 -25.89 28.10
N VAL A 390 28.12 -24.99 27.46
CA VAL A 390 26.67 -24.96 27.60
C VAL A 390 26.05 -26.28 27.13
N GLU A 391 26.59 -26.84 26.06
CA GLU A 391 26.11 -28.12 25.55
C GLU A 391 26.40 -29.24 26.56
N MET A 392 27.54 -29.14 27.23
CA MET A 392 27.92 -30.13 28.23
C MET A 392 26.91 -30.12 29.37
N HIS A 393 26.67 -28.94 29.92
CA HIS A 393 25.67 -28.76 30.98
C HIS A 393 24.31 -29.30 30.53
N LYS A 394 23.98 -29.07 29.26
CA LYS A 394 22.73 -29.57 28.68
C LYS A 394 22.60 -31.08 28.80
N LYS A 395 23.60 -31.80 28.30
CA LYS A 395 23.62 -33.26 28.39
C LYS A 395 23.58 -33.72 29.85
N ILE A 396 24.37 -33.06 30.69
CA ILE A 396 24.52 -33.45 32.08
C ILE A 396 23.20 -33.38 32.85
N LEU A 397 22.55 -32.24 32.79
CA LEU A 397 21.25 -32.07 33.43
C LEU A 397 20.17 -32.79 32.64
N GLY A 398 20.35 -32.90 31.33
CA GLY A 398 19.45 -33.68 30.49
C GLY A 398 18.05 -33.11 30.38
N PHE A 399 17.92 -31.80 30.61
CA PHE A 399 16.64 -31.14 30.53
C PHE A 399 16.22 -30.91 29.09
N GLU A 400 14.99 -30.44 28.90
CA GLU A 400 14.50 -30.11 27.57
C GLU A 400 13.92 -28.70 27.55
N PHE A 401 14.31 -27.92 26.56
CA PHE A 401 13.95 -26.50 26.52
C PHE A 401 13.07 -26.16 25.33
N ASP A 402 12.41 -25.00 25.43
CA ASP A 402 11.56 -24.51 24.35
C ASP A 402 12.41 -23.95 23.21
N VAL A 403 13.54 -23.34 23.57
CA VAL A 403 14.45 -22.75 22.59
C VAL A 403 15.51 -23.74 22.16
N PRO A 404 15.60 -24.00 20.84
CA PRO A 404 16.57 -24.97 20.30
C PRO A 404 18.01 -24.55 20.55
N LEU A 405 18.89 -25.55 20.70
CA LEU A 405 20.30 -25.33 20.99
C LEU A 405 21.01 -24.62 19.83
N SER A 406 20.45 -24.77 18.63
CA SER A 406 20.99 -24.11 17.45
C SER A 406 20.92 -22.59 17.61
N THR A 407 19.72 -22.09 17.90
CA THR A 407 19.50 -20.67 18.16
C THR A 407 20.45 -20.17 19.24
N VAL A 408 20.63 -21.00 20.27
CA VAL A 408 21.57 -20.70 21.36
C VAL A 408 22.99 -20.46 20.84
N GLN A 409 23.46 -21.31 19.93
CA GLN A 409 24.79 -21.14 19.35
C GLN A 409 24.89 -19.83 18.58
N GLU A 410 23.91 -19.57 17.74
CA GLU A 410 23.84 -18.33 16.97
C GLU A 410 23.93 -17.13 17.90
N ILE A 411 23.17 -17.18 18.98
CA ILE A 411 23.16 -16.11 19.98
C ILE A 411 24.53 -15.95 20.65
N LEU A 412 25.15 -17.07 20.98
CA LEU A 412 26.48 -17.03 21.60
C LEU A 412 27.51 -16.44 20.65
N GLU A 413 27.50 -16.92 19.41
CA GLU A 413 28.40 -16.44 18.38
C GLU A 413 28.26 -14.93 18.18
N LEU A 414 27.01 -14.49 18.04
CA LEU A 414 26.71 -13.07 17.84
C LEU A 414 27.16 -12.21 19.02
N GLU A 415 26.76 -12.61 20.23
CA GLU A 415 27.11 -11.85 21.42
C GLU A 415 28.62 -11.77 21.62
N LYS A 416 29.32 -12.84 21.24
CA LYS A 416 30.78 -12.88 21.34
C LYS A 416 31.38 -11.86 20.38
N GLU A 417 30.99 -11.98 19.12
CA GLU A 417 31.46 -11.08 18.08
C GLU A 417 31.15 -9.63 18.39
N ARG A 418 30.00 -9.38 19.00
CA ARG A 418 29.65 -8.04 19.42
C ARG A 418 30.65 -7.54 20.46
N TYR A 419 30.92 -8.38 21.45
CA TYR A 419 31.85 -8.03 22.51
C TYR A 419 33.23 -7.73 21.96
N ARG A 420 33.66 -8.56 21.01
CA ARG A 420 34.96 -8.39 20.39
C ARG A 420 35.05 -7.03 19.70
N THR A 421 33.96 -6.61 19.08
CA THR A 421 33.88 -5.30 18.46
C THR A 421 34.07 -4.20 19.51
N THR A 422 33.36 -4.34 20.62
CA THR A 422 33.36 -3.34 21.68
C THR A 422 34.71 -3.19 22.36
N VAL A 423 35.33 -4.30 22.73
CA VAL A 423 36.64 -4.26 23.37
C VAL A 423 37.68 -3.63 22.44
N SER A 424 37.50 -3.88 21.14
CA SER A 424 38.37 -3.28 20.13
C SER A 424 38.27 -1.76 20.15
N LYS A 425 37.08 -1.26 19.82
CA LYS A 425 36.80 0.17 19.77
C LYS A 425 37.15 0.88 21.07
N GLY A 426 36.75 0.27 22.20
CA GLY A 426 37.05 0.82 23.50
C GLY A 426 38.55 0.94 23.72
N THR A 427 39.26 -0.15 23.44
CA THR A 427 40.72 -0.18 23.54
C THR A 427 41.37 0.98 22.80
N ARG A 428 41.03 1.12 21.52
CA ARG A 428 41.53 2.18 20.67
C ARG A 428 41.26 3.56 21.29
N LEU A 429 40.10 3.72 21.89
CA LEU A 429 39.75 4.96 22.57
C LEU A 429 40.70 5.25 23.71
N VAL A 430 40.98 4.23 24.52
CA VAL A 430 41.88 4.37 25.66
C VAL A 430 43.27 4.82 25.23
N GLU A 431 43.71 4.31 24.09
CA GLU A 431 45.02 4.67 23.52
C GLU A 431 45.04 6.16 23.16
N ARG A 432 43.97 6.62 22.54
CA ARG A 432 43.78 8.03 22.21
C ARG A 432 43.77 8.86 23.49
N LEU A 433 43.12 8.31 24.52
CA LEU A 433 43.04 8.98 25.81
C LEU A 433 44.43 9.17 26.42
N VAL A 434 45.27 8.14 26.32
CA VAL A 434 46.63 8.23 26.82
C VAL A 434 47.40 9.35 26.13
N GLU A 435 47.40 9.34 24.80
CA GLU A 435 48.13 10.35 24.04
C GLU A 435 47.66 11.76 24.33
N ARG A 436 46.37 11.91 24.62
CA ARG A 436 45.79 13.22 24.86
C ARG A 436 46.05 13.73 26.27
N LYS A 437 45.96 12.86 27.25
CA LYS A 437 46.04 13.30 28.65
C LYS A 437 47.24 12.76 29.42
N LYS A 438 47.90 11.74 28.87
CA LYS A 438 49.11 11.17 29.46
C LYS A 438 48.92 10.58 30.86
N LYS A 439 47.66 10.40 31.26
CA LYS A 439 47.35 9.81 32.56
C LYS A 439 45.89 9.41 32.65
N LEU A 440 45.61 8.33 33.38
CA LEU A 440 44.23 7.88 33.57
C LEU A 440 43.75 8.21 34.97
N GLU A 441 42.57 8.81 35.05
CA GLU A 441 41.97 9.17 36.32
C GLU A 441 40.65 8.48 36.52
N LYS A 442 40.24 8.37 37.79
CA LYS A 442 39.04 7.63 38.16
C LYS A 442 37.76 8.20 37.57
N ASP A 443 37.66 9.52 37.52
CA ASP A 443 36.46 10.19 37.02
C ASP A 443 36.25 9.85 35.54
N ASP A 444 37.35 9.64 34.83
CA ASP A 444 37.29 9.16 33.46
C ASP A 444 37.08 7.65 33.45
N LEU A 445 37.60 6.99 34.48
CA LEU A 445 37.57 5.53 34.53
C LEU A 445 36.15 4.99 34.61
N ILE A 446 35.28 5.69 35.34
CA ILE A 446 33.89 5.27 35.43
C ILE A 446 33.24 5.35 34.06
N GLU A 447 33.65 6.34 33.28
CA GLU A 447 33.11 6.53 31.93
C GLU A 447 33.52 5.37 31.04
N LEU A 448 34.72 4.84 31.28
CA LEU A 448 35.25 3.75 30.47
C LEU A 448 34.42 2.49 30.59
N TYR A 449 33.92 2.21 31.78
CA TYR A 449 33.09 1.03 31.99
C TYR A 449 31.61 1.36 31.85
N ASP A 450 31.18 2.46 32.47
CA ASP A 450 29.75 2.78 32.52
C ASP A 450 29.20 3.27 31.17
N SER A 451 30.08 3.68 30.27
CA SER A 451 29.63 4.19 28.97
C SER A 451 30.38 3.63 27.75
N HIS A 452 31.21 2.62 27.98
CA HIS A 452 31.94 1.98 26.89
C HIS A 452 32.13 0.50 27.16
N GLY A 453 31.68 0.07 28.34
CA GLY A 453 31.72 -1.34 28.72
C GLY A 453 33.12 -1.90 28.80
N ILE A 454 34.05 -1.08 29.24
CA ILE A 454 35.43 -1.50 29.36
C ILE A 454 35.81 -1.70 30.82
N PRO A 455 36.22 -2.94 31.16
CA PRO A 455 36.63 -3.24 32.54
C PRO A 455 37.88 -2.46 32.91
N VAL A 456 38.09 -2.24 34.20
CA VAL A 456 39.22 -1.45 34.67
C VAL A 456 40.54 -2.18 34.38
N GLU A 457 40.47 -3.50 34.34
CA GLU A 457 41.63 -4.33 34.09
C GLU A 457 42.18 -4.11 32.69
N LEU A 458 41.32 -3.62 31.79
CA LEU A 458 41.75 -3.30 30.44
C LEU A 458 42.37 -1.92 30.43
N ALA A 459 41.71 -0.97 31.11
CA ALA A 459 42.23 0.39 31.21
C ALA A 459 43.58 0.40 31.90
N VAL A 460 43.65 -0.19 33.09
CA VAL A 460 44.89 -0.27 33.84
C VAL A 460 45.87 -1.20 33.10
N GLY A 461 45.33 -2.23 32.47
CA GLY A 461 46.14 -3.19 31.73
C GLY A 461 46.61 -2.69 30.37
N ILE A 462 46.20 -1.49 30.00
CA ILE A 462 46.73 -0.85 28.80
C ILE A 462 47.65 0.28 29.23
N ALA A 463 47.19 1.07 30.19
CA ALA A 463 47.98 2.17 30.72
C ALA A 463 49.31 1.70 31.29
N ALA A 464 49.28 0.61 32.05
CA ALA A 464 50.51 0.02 32.58
C ALA A 464 51.30 -0.63 31.44
N GLU A 465 50.58 -1.18 30.48
CA GLU A 465 51.19 -1.72 29.26
C GLU A 465 51.91 -0.62 28.50
N LYS A 466 51.45 0.61 28.71
CA LYS A 466 51.96 1.77 28.00
C LYS A 466 52.68 2.74 28.95
N GLY A 467 52.66 2.42 30.25
CA GLY A 467 53.35 3.21 31.23
C GLY A 467 52.58 4.44 31.69
N ALA A 468 51.33 4.55 31.26
CA ALA A 468 50.50 5.68 31.64
C ALA A 468 50.14 5.60 33.13
N GLU A 469 50.04 6.77 33.77
CA GLU A 469 49.74 6.83 35.21
C GLU A 469 48.38 6.24 35.53
N VAL A 470 48.28 5.58 36.68
CA VAL A 470 47.06 4.86 37.03
C VAL A 470 46.63 5.05 38.48
N GLU A 471 45.32 5.12 38.69
CA GLU A 471 44.74 5.03 40.00
C GLU A 471 43.51 4.11 39.95
N MET A 472 43.57 3.01 40.67
CA MET A 472 42.48 2.04 40.67
C MET A 472 41.78 2.02 42.02
N PRO A 473 40.70 2.77 42.14
CA PRO A 473 39.91 2.84 43.37
C PRO A 473 38.71 1.90 43.32
N LYS A 474 38.65 0.97 44.26
CA LYS A 474 37.53 0.04 44.34
C LYS A 474 36.40 0.65 45.16
N ASP A 475 35.24 -0.02 45.14
CA ASP A 475 34.05 0.37 45.92
C ASP A 475 33.36 1.64 45.39
N ILE A 476 33.84 2.17 44.28
CA ILE A 476 33.28 3.40 43.75
C ILE A 476 32.47 3.18 42.46
N TYR A 477 32.65 2.02 41.83
CA TYR A 477 31.92 1.68 40.61
C TYR A 477 30.42 1.99 40.75
N ALA A 478 29.85 1.68 41.92
CA ALA A 478 28.44 1.96 42.14
C ALA A 478 28.21 3.42 42.51
N GLU A 479 29.23 4.06 43.06
CA GLU A 479 29.06 5.34 43.74
C GLU A 479 28.29 6.42 42.97
N LEU A 480 28.41 6.45 41.66
CA LEU A 480 27.69 7.50 40.93
C LEU A 480 26.36 7.04 40.37
N ALA A 481 26.36 5.90 39.68
CA ALA A 481 25.15 5.34 39.10
C ALA A 481 24.06 5.07 40.16
N LYS A 482 24.46 4.60 41.34
CA LYS A 482 23.49 4.21 42.34
C LYS A 482 22.90 5.39 43.13
N ARG A 483 23.69 6.42 43.33
CA ARG A 483 23.38 7.37 44.39
C ARG A 483 22.72 8.66 43.90
N HIS A 484 22.81 8.91 42.60
CA HIS A 484 22.08 10.05 42.04
C HIS A 484 20.93 9.57 41.17
N SER A 485 19.72 9.67 41.70
CA SER A 485 18.52 9.24 41.00
C SER A 485 17.29 9.87 41.65
N LYS A 486 16.43 10.48 40.84
CA LYS A 486 15.28 11.20 41.36
C LYS A 486 13.98 10.84 40.65
N ALA A 487 13.01 10.36 41.42
CA ALA A 487 11.69 10.02 40.88
C ALA A 487 10.79 11.24 40.88
N GLU A 488 9.85 11.29 39.95
CA GLU A 488 8.97 12.45 39.80
C GLU A 488 7.66 12.30 40.56
N LYS A 489 6.97 11.19 40.34
CA LYS A 489 5.65 10.99 40.96
C LYS A 489 5.62 9.80 41.91
N VAL A 490 4.96 10.00 43.04
CA VAL A 490 4.95 9.01 44.12
C VAL A 490 3.64 8.23 44.20
N GLN A 491 2.52 8.94 44.12
CA GLN A 491 1.20 8.34 44.30
C GLN A 491 0.86 7.34 43.21
N GLU A 492 -0.38 6.83 43.25
CA GLU A 492 -0.81 5.76 42.36
C GLU A 492 -0.75 6.14 40.88
N LYS A 493 -0.85 5.14 40.01
CA LYS A 493 -0.68 5.33 38.57
C LYS A 493 -1.77 6.18 37.94
N LYS A 494 -3.00 5.68 37.94
CA LYS A 494 -4.11 6.36 37.26
C LYS A 494 -4.68 7.50 38.10
N ILE A 495 -5.46 8.36 37.45
CA ILE A 495 -6.12 9.46 38.13
C ILE A 495 -7.31 8.95 38.94
N THR A 496 -7.28 9.20 40.25
CA THR A 496 -8.28 8.68 41.17
C THR A 496 -9.61 9.43 41.08
N LEU A 497 -10.69 8.72 41.35
CA LEU A 497 -12.04 9.28 41.26
C LEU A 497 -12.32 10.34 42.30
N GLN A 498 -13.35 11.17 42.04
CA GLN A 498 -13.86 12.09 43.06
C GLN A 498 -15.14 11.52 43.67
N ASN A 499 -15.60 10.40 43.10
CA ASN A 499 -16.73 9.65 43.65
C ASN A 499 -16.85 8.26 43.04
N GLU A 500 -17.33 7.31 43.83
CA GLU A 500 -17.40 5.90 43.44
C GLU A 500 -18.73 5.51 42.83
N TYR A 501 -18.67 4.76 41.73
CA TYR A 501 -19.85 4.15 41.14
C TYR A 501 -19.68 2.64 41.08
N PRO A 502 -20.67 1.90 41.60
CA PRO A 502 -20.65 0.43 41.62
C PRO A 502 -21.38 -0.18 40.42
N ALA A 503 -21.26 -1.49 40.28
CA ALA A 503 -21.98 -2.25 39.25
C ALA A 503 -21.70 -1.74 37.84
N THR A 504 -20.42 -1.59 37.50
CA THR A 504 -20.03 -1.25 36.14
C THR A 504 -19.63 -2.52 35.41
N GLU A 505 -20.09 -2.67 34.17
CA GLU A 505 -19.89 -3.90 33.42
C GLU A 505 -19.96 -3.67 31.91
N LYS A 506 -19.37 -4.58 31.14
CA LYS A 506 -19.37 -4.48 29.68
C LYS A 506 -19.74 -5.80 29.04
N LEU A 507 -20.75 -5.78 28.17
CA LEU A 507 -21.20 -7.00 27.50
C LEU A 507 -20.71 -7.05 26.05
N TYR A 508 -19.61 -6.37 25.76
CA TYR A 508 -19.05 -6.44 24.41
C TYR A 508 -18.07 -7.61 24.30
N TYR A 509 -17.79 -8.24 25.43
CA TYR A 509 -16.90 -9.39 25.49
C TYR A 509 -17.45 -10.55 24.70
N ASP A 510 -18.57 -11.09 25.16
CA ASP A 510 -19.22 -12.23 24.53
C ASP A 510 -19.71 -11.92 23.13
N ASP A 511 -20.22 -10.71 22.93
CA ASP A 511 -20.79 -10.32 21.65
C ASP A 511 -20.13 -9.05 21.12
N PRO A 512 -19.56 -9.13 19.90
CA PRO A 512 -18.91 -7.94 19.36
C PRO A 512 -19.61 -7.33 18.14
N THR A 513 -20.63 -7.99 17.59
CA THR A 513 -21.31 -7.47 16.41
C THR A 513 -22.15 -6.23 16.74
N LEU A 514 -22.49 -6.06 18.01
CA LEU A 514 -23.31 -4.93 18.42
C LEU A 514 -22.50 -3.65 18.59
N LEU A 515 -22.93 -2.60 17.90
CA LEU A 515 -22.44 -1.26 18.18
C LEU A 515 -23.44 -0.60 19.10
N GLU A 516 -24.66 -1.11 19.05
CA GLU A 516 -25.80 -0.54 19.76
C GLU A 516 -26.09 -1.25 21.07
N PHE A 517 -26.69 -0.54 22.01
CA PHE A 517 -27.09 -1.11 23.29
C PHE A 517 -28.13 -0.23 23.99
N GLU A 518 -28.82 -0.81 24.97
CA GLU A 518 -29.83 -0.09 25.75
C GLU A 518 -29.35 0.09 27.19
N ALA A 519 -29.37 1.32 27.68
CA ALA A 519 -28.86 1.58 29.03
C ALA A 519 -29.38 2.85 29.69
N GLU A 520 -28.95 3.07 30.92
CA GLU A 520 -29.36 4.22 31.73
C GLU A 520 -28.10 4.92 32.26
N VAL A 521 -28.22 6.19 32.60
CA VAL A 521 -27.03 6.94 32.99
C VAL A 521 -27.01 7.23 34.49
N ILE A 522 -25.81 7.25 35.07
CA ILE A 522 -25.67 7.37 36.52
C ILE A 522 -24.90 8.62 36.93
N GLY A 523 -23.86 8.98 36.16
CA GLY A 523 -22.97 10.05 36.58
C GLY A 523 -22.37 10.93 35.51
N VAL A 524 -22.10 12.18 35.89
CA VAL A 524 -21.56 13.19 34.98
C VAL A 524 -20.59 14.13 35.71
N GLU A 525 -19.36 14.22 35.20
CA GLU A 525 -18.35 15.11 35.79
C GLU A 525 -17.59 15.89 34.72
N GLY A 526 -17.52 17.21 34.89
CA GLY A 526 -16.78 18.06 33.96
C GLY A 526 -17.19 17.92 32.51
N ASP A 527 -16.29 17.40 31.69
CA ASP A 527 -16.54 17.25 30.27
C ASP A 527 -16.65 15.77 29.88
N PHE A 528 -16.87 14.92 30.88
CA PHE A 528 -16.88 13.46 30.67
C PHE A 528 -17.89 12.74 31.57
N VAL A 529 -18.54 11.72 31.01
CA VAL A 529 -19.67 11.05 31.68
C VAL A 529 -19.51 9.52 31.75
N ILE A 530 -20.27 8.90 32.65
CA ILE A 530 -20.19 7.47 32.92
C ILE A 530 -21.57 6.78 32.84
N LEU A 531 -21.59 5.54 32.36
CA LEU A 531 -22.84 4.79 32.25
C LEU A 531 -22.73 3.38 32.85
N ASN A 532 -23.84 2.64 32.89
CA ASN A 532 -23.87 1.38 33.62
C ASN A 532 -23.37 0.16 32.84
N ARG A 533 -23.71 0.09 31.56
CA ARG A 533 -23.26 -1.00 30.69
C ARG A 533 -22.72 -0.43 29.39
N SER A 534 -21.46 -0.68 29.11
CA SER A 534 -20.83 -0.08 27.95
C SER A 534 -20.42 -1.10 26.89
N ALA A 535 -20.91 -0.90 25.68
CA ALA A 535 -20.35 -1.56 24.51
C ALA A 535 -19.10 -0.79 24.10
N PHE A 536 -19.01 0.44 24.62
CA PHE A 536 -17.86 1.30 24.38
C PHE A 536 -16.59 0.73 25.01
N TYR A 537 -15.62 0.44 24.15
CA TYR A 537 -14.31 -0.03 24.58
C TYR A 537 -13.39 1.19 24.70
N PRO A 538 -12.80 1.39 25.90
CA PRO A 538 -11.99 2.59 26.15
C PRO A 538 -10.59 2.47 25.57
N GLU A 539 -9.91 3.61 25.49
CA GLU A 539 -8.65 3.68 24.77
C GLU A 539 -7.45 3.23 25.61
N SER A 540 -6.57 2.47 24.97
CA SER A 540 -5.34 1.99 25.58
C SER A 540 -4.26 3.07 25.49
N GLY A 541 -3.02 2.66 25.63
CA GLY A 541 -1.89 3.55 25.41
C GLY A 541 -1.88 3.94 23.95
N GLY A 542 -2.11 2.95 23.09
CA GLY A 542 -2.39 3.23 21.70
C GLY A 542 -3.83 3.71 21.62
N GLN A 543 -4.17 4.41 20.54
CA GLN A 543 -5.46 5.08 20.39
C GLN A 543 -6.67 4.21 20.77
N ASP A 544 -6.64 2.92 20.40
CA ASP A 544 -7.59 1.88 20.86
C ASP A 544 -9.00 2.37 21.20
N ASN A 545 -9.49 3.37 20.46
CA ASN A 545 -10.67 4.13 20.84
C ASN A 545 -11.87 3.92 19.94
N ASP A 546 -13.02 3.64 20.53
CA ASP A 546 -14.26 3.38 19.77
C ASP A 546 -15.18 4.59 19.73
N VAL A 547 -15.14 5.32 18.61
CA VAL A 547 -15.96 6.52 18.43
C VAL A 547 -17.43 6.16 18.20
N GLY A 548 -18.30 7.15 18.30
CA GLY A 548 -19.72 6.96 18.09
C GLY A 548 -20.45 8.19 18.60
N TYR A 549 -21.71 8.04 18.97
CA TYR A 549 -22.46 9.11 19.63
C TYR A 549 -23.39 8.56 20.69
N LEU A 550 -24.03 9.44 21.45
CA LEU A 550 -25.00 9.02 22.45
C LEU A 550 -26.29 9.81 22.28
N ILE A 551 -27.33 9.16 21.76
CA ILE A 551 -28.62 9.81 21.67
C ILE A 551 -29.19 10.00 23.07
N ALA A 552 -29.87 11.13 23.28
CA ALA A 552 -30.65 11.31 24.50
C ALA A 552 -32.09 11.04 24.14
N ASN A 553 -32.99 11.26 25.10
CA ASN A 553 -34.41 11.30 24.79
C ASN A 553 -34.72 12.66 24.21
N GLY A 554 -33.74 13.56 24.32
CA GLY A 554 -33.82 14.88 23.73
C GLY A 554 -33.07 14.96 22.42
N GLY A 555 -31.75 14.87 22.46
CA GLY A 555 -30.94 15.03 21.27
C GLY A 555 -29.72 14.14 21.16
N LYS A 556 -29.04 14.22 20.01
CA LYS A 556 -27.86 13.41 19.72
C LYS A 556 -26.59 14.06 20.24
N PHE A 557 -25.95 13.43 21.22
CA PHE A 557 -24.78 14.01 21.86
C PHE A 557 -23.49 13.24 21.56
N GLU A 558 -22.41 14.00 21.37
CA GLU A 558 -21.18 13.53 20.72
C GLU A 558 -20.11 12.98 21.66
N VAL A 559 -19.85 11.68 21.60
CA VAL A 559 -18.66 11.14 22.26
C VAL A 559 -17.46 11.28 21.32
N VAL A 560 -16.52 12.13 21.71
CA VAL A 560 -15.34 12.40 20.91
C VAL A 560 -14.25 11.41 21.27
N ASP A 561 -14.31 10.88 22.49
CA ASP A 561 -13.28 10.01 23.02
C ASP A 561 -13.80 9.27 24.25
N VAL A 562 -13.23 8.10 24.55
CA VAL A 562 -13.58 7.36 25.75
C VAL A 562 -12.36 6.71 26.43
N LEU A 563 -12.21 6.97 27.73
CA LEU A 563 -11.16 6.33 28.52
C LEU A 563 -11.76 5.43 29.60
N GLU A 564 -10.94 5.03 30.56
CA GLU A 564 -11.36 4.09 31.59
C GLU A 564 -10.71 4.36 32.96
N ALA A 565 -11.52 4.28 34.00
CA ALA A 565 -11.02 4.24 35.37
C ALA A 565 -11.37 2.87 35.92
N ASP A 566 -10.87 2.54 37.10
CA ASP A 566 -11.18 1.23 37.66
C ASP A 566 -12.66 1.17 38.02
N GLY A 567 -13.33 0.11 37.57
CA GLY A 567 -14.74 -0.08 37.82
C GLY A 567 -15.60 1.03 37.26
N VAL A 568 -15.07 1.75 36.27
CA VAL A 568 -15.75 2.90 35.66
C VAL A 568 -15.34 3.02 34.18
N VAL A 569 -16.25 3.47 33.32
CA VAL A 569 -15.90 3.81 31.95
C VAL A 569 -16.18 5.29 31.70
N LEU A 570 -15.19 6.01 31.21
CA LEU A 570 -15.35 7.45 30.97
C LEU A 570 -15.59 7.75 29.49
N HIS A 571 -16.53 8.66 29.25
CA HIS A 571 -16.87 9.08 27.89
C HIS A 571 -16.71 10.58 27.76
N VAL A 572 -15.65 11.02 27.10
CA VAL A 572 -15.40 12.45 26.98
C VAL A 572 -16.25 13.05 25.85
N VAL A 573 -16.99 14.08 26.21
CA VAL A 573 -17.86 14.78 25.29
C VAL A 573 -17.49 16.25 25.31
N LYS A 574 -17.12 16.82 24.17
CA LYS A 574 -16.70 18.22 24.16
C LYS A 574 -17.87 19.14 23.84
N GLY A 575 -19.08 18.65 24.10
CA GLY A 575 -20.29 19.44 23.88
C GLY A 575 -21.17 19.49 25.12
N ALA A 576 -22.45 19.84 24.92
CA ALA A 576 -23.38 20.02 26.02
C ALA A 576 -23.65 18.73 26.79
N LYS A 577 -23.89 18.87 28.09
CA LYS A 577 -24.13 17.72 28.96
C LYS A 577 -25.60 17.60 29.33
N PRO A 578 -26.21 16.43 29.08
CA PRO A 578 -27.64 16.24 29.39
C PRO A 578 -27.95 16.07 30.89
N GLU A 579 -26.91 15.78 31.68
CA GLU A 579 -27.01 15.48 33.12
C GLU A 579 -27.60 14.11 33.42
N VAL A 580 -28.05 13.91 34.66
CA VAL A 580 -28.46 12.60 35.17
C VAL A 580 -29.77 12.05 34.62
N GLY A 581 -30.65 12.97 34.21
CA GLY A 581 -32.03 12.61 33.91
C GLY A 581 -32.28 11.56 32.84
N THR A 582 -31.53 11.64 31.74
CA THR A 582 -31.85 10.91 30.51
C THR A 582 -31.62 9.39 30.56
N LYS A 583 -32.43 8.65 29.80
CA LYS A 583 -32.25 7.21 29.60
C LYS A 583 -31.88 6.96 28.13
N VAL A 584 -30.75 6.29 27.90
CA VAL A 584 -30.01 6.46 26.65
C VAL A 584 -29.55 5.19 25.92
N LYS A 585 -29.65 5.21 24.59
CA LYS A 585 -28.98 4.23 23.74
C LYS A 585 -27.68 4.78 23.16
N GLY A 586 -26.56 4.16 23.50
CA GLY A 586 -25.28 4.55 22.92
C GLY A 586 -25.02 3.82 21.62
N VAL A 587 -24.67 4.56 20.57
CA VAL A 587 -24.41 3.95 19.26
C VAL A 587 -22.98 4.23 18.80
N ILE A 588 -22.22 3.15 18.64
CA ILE A 588 -20.80 3.21 18.32
C ILE A 588 -20.58 3.13 16.81
N ASP A 589 -19.61 3.90 16.31
CA ASP A 589 -19.28 3.86 14.89
C ASP A 589 -18.73 2.49 14.50
N SER A 590 -19.15 2.01 13.33
CA SER A 590 -18.79 0.67 12.88
C SER A 590 -17.37 0.60 12.37
N ASP A 591 -16.98 1.58 11.58
CA ASP A 591 -15.67 1.59 10.93
C ASP A 591 -14.51 1.46 11.91
N VAL A 592 -14.61 2.15 13.04
CA VAL A 592 -13.55 2.07 14.03
C VAL A 592 -13.50 0.70 14.69
N ARG A 593 -14.66 0.25 15.14
CA ARG A 593 -14.79 -1.05 15.78
C ARG A 593 -14.22 -2.12 14.87
N TRP A 594 -14.54 -2.03 13.59
CA TRP A 594 -14.01 -2.96 12.61
C TRP A 594 -12.50 -2.87 12.51
N ARG A 595 -11.99 -1.66 12.33
CA ARG A 595 -10.55 -1.43 12.17
C ARG A 595 -9.75 -1.90 13.37
N HIS A 596 -10.23 -1.58 14.56
CA HIS A 596 -9.53 -1.94 15.79
C HIS A 596 -9.55 -3.45 16.01
N MET A 597 -10.71 -4.05 15.74
CA MET A 597 -10.83 -5.51 15.73
C MET A 597 -9.76 -6.11 14.84
N ARG A 598 -9.70 -5.62 13.61
CA ARG A 598 -8.81 -6.15 12.59
C ARG A 598 -7.34 -6.03 13.01
N HIS A 599 -6.99 -4.90 13.62
CA HIS A 599 -5.61 -4.68 14.05
C HIS A 599 -5.26 -5.50 15.28
N HIS A 600 -6.26 -5.83 16.10
CA HIS A 600 -6.04 -6.70 17.25
C HIS A 600 -5.71 -8.11 16.77
N SER A 601 -6.64 -8.69 16.01
CA SER A 601 -6.46 -10.02 15.45
C SER A 601 -5.18 -10.08 14.63
N ALA A 602 -4.89 -9.01 13.90
CA ALA A 602 -3.67 -8.95 13.10
C ALA A 602 -2.43 -8.95 13.97
N THR A 603 -2.54 -8.34 15.15
CA THR A 603 -1.43 -8.32 16.11
C THR A 603 -1.07 -9.75 16.50
N HIS A 604 -2.10 -10.52 16.86
CA HIS A 604 -1.94 -11.93 17.20
C HIS A 604 -1.38 -12.74 16.03
N VAL A 605 -1.89 -12.49 14.83
CA VAL A 605 -1.45 -13.22 13.65
C VAL A 605 0.03 -12.99 13.38
N LEU A 606 0.46 -11.73 13.47
CA LEU A 606 1.86 -11.40 13.22
C LEU A 606 2.77 -12.02 14.27
N LEU A 607 2.30 -12.07 15.51
CA LEU A 607 3.04 -12.69 16.60
C LEU A 607 3.27 -14.17 16.29
N TYR A 608 2.18 -14.86 15.98
CA TYR A 608 2.19 -16.25 15.53
C TYR A 608 3.14 -16.47 14.35
N SER A 609 3.05 -15.59 13.36
CA SER A 609 3.93 -15.67 12.20
C SER A 609 5.38 -15.42 12.62
N LEU A 610 5.57 -14.49 13.55
CA LEU A 610 6.91 -14.14 14.00
C LEU A 610 7.64 -15.32 14.68
N GLN A 611 6.95 -16.04 15.56
CA GLN A 611 7.59 -17.15 16.26
C GLN A 611 7.89 -18.32 15.35
N LYS A 612 6.99 -18.58 14.41
CA LYS A 612 7.14 -19.71 13.50
C LYS A 612 8.27 -19.47 12.49
N VAL A 613 8.40 -18.24 12.03
CA VAL A 613 9.46 -17.91 11.08
C VAL A 613 10.81 -17.75 11.78
N LEU A 614 10.80 -17.14 12.96
CA LEU A 614 12.06 -16.79 13.64
C LEU A 614 12.48 -17.78 14.73
N GLY A 615 11.53 -18.21 15.56
CA GLY A 615 11.85 -19.15 16.63
C GLY A 615 11.04 -18.95 17.89
N ASN A 616 11.07 -19.94 18.76
CA ASN A 616 10.30 -19.94 20.00
C ASN A 616 10.75 -18.88 21.00
N HIS A 617 11.97 -18.37 20.80
CA HIS A 617 12.56 -17.42 21.73
C HIS A 617 11.91 -16.04 21.66
N VAL A 618 11.08 -15.81 20.63
CA VAL A 618 10.44 -14.51 20.51
C VAL A 618 9.25 -14.41 21.46
N TRP A 619 9.14 -13.27 22.12
CA TRP A 619 8.06 -13.01 23.06
C TRP A 619 7.70 -11.52 22.96
N GLN A 620 6.42 -11.22 23.07
CA GLN A 620 5.97 -9.82 22.96
C GLN A 620 6.54 -8.98 24.09
N ALA A 621 7.34 -7.99 23.72
CA ALA A 621 7.88 -7.04 24.67
C ALA A 621 6.91 -5.89 24.89
N GLY A 622 6.19 -5.53 23.83
CA GLY A 622 5.21 -4.46 23.89
C GLY A 622 4.35 -4.36 22.65
N ALA A 623 3.27 -3.59 22.74
CA ALA A 623 2.32 -3.41 21.64
C ALA A 623 1.41 -2.21 21.84
N ARG A 624 1.29 -1.37 20.81
CA ARG A 624 0.38 -0.21 20.82
C ARG A 624 -0.13 0.14 19.42
N LYS A 625 -1.19 0.96 19.34
CA LYS A 625 -1.92 1.20 18.09
C LYS A 625 -2.56 2.60 18.00
N GLU A 626 -2.39 3.31 16.89
CA GLU A 626 -3.16 4.54 16.69
C GLU A 626 -3.92 4.50 15.37
N PHE A 627 -4.39 5.65 14.90
CA PHE A 627 -5.07 5.72 13.61
C PHE A 627 -4.13 5.25 12.50
N SER A 628 -4.64 4.35 11.66
CA SER A 628 -3.93 3.85 10.49
C SER A 628 -2.48 3.42 10.76
N LYS A 629 -2.22 2.94 11.97
CA LYS A 629 -0.89 2.44 12.31
C LYS A 629 -0.98 1.50 13.51
N ALA A 630 -0.06 0.54 13.57
CA ALA A 630 0.02 -0.40 14.67
C ALA A 630 1.47 -0.84 14.87
N ARG A 631 1.81 -1.27 16.08
CA ARG A 631 3.17 -1.72 16.34
C ARG A 631 3.22 -2.91 17.30
N LEU A 632 4.23 -3.76 17.11
CA LEU A 632 4.44 -4.90 17.99
C LEU A 632 5.93 -5.12 18.24
N ASP A 633 6.33 -5.03 19.50
CA ASP A 633 7.71 -5.27 19.88
C ASP A 633 7.89 -6.73 20.29
N VAL A 634 8.91 -7.38 19.74
CA VAL A 634 9.23 -8.76 20.12
C VAL A 634 10.72 -8.94 20.39
N THR A 635 11.08 -10.05 21.01
CA THR A 635 12.47 -10.33 21.35
C THR A 635 13.16 -11.12 20.24
N HIS A 636 14.10 -10.46 19.56
CA HIS A 636 14.93 -11.10 18.55
C HIS A 636 16.32 -10.47 18.55
N PHE A 637 17.34 -11.31 18.43
CA PHE A 637 18.72 -10.94 18.69
C PHE A 637 19.39 -10.13 17.58
N ARG A 638 18.66 -9.87 16.50
CA ARG A 638 19.22 -9.17 15.35
C ARG A 638 18.11 -8.76 14.39
N ARG A 639 18.22 -7.57 13.79
CA ARG A 639 17.24 -7.11 12.81
C ARG A 639 17.18 -8.07 11.65
N PRO A 640 15.97 -8.58 11.36
CA PRO A 640 15.79 -9.63 10.34
C PRO A 640 16.22 -9.18 8.96
N SER A 641 16.70 -10.12 8.14
CA SER A 641 17.06 -9.81 6.76
C SER A 641 15.81 -9.58 5.94
N GLU A 642 15.96 -8.89 4.81
CA GLU A 642 14.83 -8.53 3.95
C GLU A 642 14.02 -9.75 3.53
N GLU A 643 14.71 -10.86 3.31
CA GLU A 643 14.06 -12.11 2.98
C GLU A 643 13.13 -12.51 4.12
N GLU A 644 13.70 -12.62 5.31
CA GLU A 644 12.98 -13.07 6.50
C GLU A 644 11.69 -12.31 6.76
N ILE A 645 11.72 -10.99 6.57
CA ILE A 645 10.52 -10.19 6.81
C ILE A 645 9.53 -10.31 5.66
N LYS A 646 10.03 -10.53 4.46
CA LYS A 646 9.18 -10.75 3.29
C LYS A 646 8.36 -12.01 3.50
N GLU A 647 9.03 -13.07 3.96
CA GLU A 647 8.37 -14.34 4.22
C GLU A 647 7.39 -14.23 5.40
N ILE A 648 7.74 -13.39 6.37
CA ILE A 648 6.86 -13.11 7.51
C ILE A 648 5.56 -12.49 7.00
N GLU A 649 5.71 -11.50 6.13
CA GLU A 649 4.58 -10.85 5.48
C GLU A 649 3.71 -11.88 4.75
N MET A 650 4.38 -12.74 3.98
CA MET A 650 3.71 -13.79 3.21
C MET A 650 2.92 -14.73 4.10
N LEU A 651 3.60 -15.34 5.07
CA LEU A 651 2.97 -16.30 5.98
C LEU A 651 1.80 -15.67 6.73
N ALA A 652 1.98 -14.42 7.14
CA ALA A 652 0.91 -13.68 7.81
C ALA A 652 -0.33 -13.63 6.94
N ASN A 653 -0.14 -13.26 5.67
CA ASN A 653 -1.23 -13.18 4.71
C ASN A 653 -1.85 -14.53 4.40
N ARG A 654 -1.01 -15.56 4.43
CA ARG A 654 -1.50 -16.93 4.27
C ARG A 654 -2.44 -17.25 5.42
N GLU A 655 -2.05 -16.86 6.62
CA GLU A 655 -2.85 -17.08 7.81
C GLU A 655 -4.20 -16.36 7.71
N ILE A 656 -4.19 -15.21 7.04
CA ILE A 656 -5.43 -14.46 6.82
C ILE A 656 -6.38 -15.25 5.93
N LEU A 657 -5.84 -15.76 4.83
CA LEU A 657 -6.64 -16.43 3.82
C LEU A 657 -7.18 -17.78 4.30
N ALA A 658 -6.58 -18.29 5.37
CA ALA A 658 -7.04 -19.54 5.96
C ALA A 658 -8.43 -19.35 6.56
N ASN A 659 -8.68 -18.14 7.02
CA ASN A 659 -9.96 -17.76 7.62
C ASN A 659 -10.32 -18.65 8.81
N LYS A 660 -9.33 -18.93 9.65
CA LYS A 660 -9.50 -19.80 10.80
C LYS A 660 -10.38 -19.14 11.88
N PRO A 661 -11.26 -19.93 12.50
CA PRO A 661 -12.14 -19.42 13.56
C PRO A 661 -11.41 -18.83 14.76
N ILE A 662 -12.04 -17.86 15.42
CA ILE A 662 -11.49 -17.24 16.62
C ILE A 662 -12.46 -17.39 17.79
N LYS A 663 -11.95 -17.91 18.91
CA LYS A 663 -12.81 -18.18 20.05
C LYS A 663 -12.21 -17.61 21.33
N TRP A 664 -13.05 -16.94 22.10
CA TRP A 664 -12.62 -16.29 23.33
C TRP A 664 -13.60 -16.60 24.45
N GLU A 665 -13.05 -17.07 25.57
CA GLU A 665 -13.86 -17.61 26.66
C GLU A 665 -13.26 -17.24 28.00
N TRP A 666 -14.09 -16.63 28.84
CA TRP A 666 -13.69 -16.32 30.20
C TRP A 666 -13.44 -17.59 30.98
N MET A 667 -12.34 -17.61 31.73
CA MET A 667 -11.99 -18.80 32.48
C MET A 667 -11.09 -18.51 33.68
N ASP A 668 -11.09 -19.44 34.62
CA ASP A 668 -10.22 -19.36 35.77
C ASP A 668 -8.77 -19.55 35.32
N ARG A 669 -7.86 -18.94 36.07
CA ARG A 669 -6.46 -18.87 35.66
C ARG A 669 -5.78 -20.24 35.61
N ILE A 670 -6.15 -21.12 36.54
CA ILE A 670 -5.46 -22.40 36.69
C ILE A 670 -5.62 -23.28 35.47
N GLU A 671 -6.84 -23.42 34.98
CA GLU A 671 -7.14 -24.31 33.86
C GLU A 671 -6.49 -23.80 32.59
N ALA A 672 -6.55 -22.49 32.39
CA ALA A 672 -5.91 -21.86 31.25
C ALA A 672 -4.40 -22.12 31.26
N GLU A 673 -3.79 -21.90 32.42
CA GLU A 673 -2.35 -22.09 32.58
C GLU A 673 -1.94 -23.54 32.31
N ARG A 674 -2.77 -24.47 32.75
CA ARG A 674 -2.54 -25.89 32.46
C ARG A 674 -2.60 -26.15 30.95
N LYS A 675 -3.53 -25.48 30.29
CA LYS A 675 -3.85 -25.79 28.90
C LYS A 675 -2.82 -25.32 27.88
N PHE A 676 -2.32 -24.09 28.02
CA PHE A 676 -1.62 -23.44 26.92
C PHE A 676 -0.16 -23.06 27.16
N GLY A 677 0.34 -23.25 28.37
CA GLY A 677 1.68 -22.77 28.68
C GLY A 677 1.66 -21.26 28.85
N PHE A 678 2.84 -20.66 29.00
CA PHE A 678 2.93 -19.26 29.41
C PHE A 678 2.80 -18.27 28.26
N ARG A 679 2.62 -18.79 27.06
CA ARG A 679 2.35 -17.96 25.88
C ARG A 679 1.04 -17.20 26.05
N LEU A 680 0.35 -17.49 27.14
CA LEU A 680 -0.92 -16.88 27.47
C LEU A 680 -0.76 -15.44 27.97
N TYR A 681 0.43 -15.12 28.48
CA TYR A 681 0.65 -13.83 29.13
C TYR A 681 1.46 -12.83 28.31
N GLN A 682 1.47 -13.02 26.99
CA GLN A 682 2.25 -12.15 26.12
C GLN A 682 1.70 -10.72 26.12
N GLY A 683 0.41 -10.58 26.41
CA GLY A 683 -0.23 -9.28 26.43
C GLY A 683 -0.26 -8.63 27.80
N GLY A 684 0.47 -9.22 28.75
CA GLY A 684 0.52 -8.71 30.10
C GLY A 684 -0.15 -9.65 31.08
N VAL A 685 -0.06 -9.32 32.37
CA VAL A 685 -0.70 -10.13 33.40
C VAL A 685 -1.95 -9.43 33.93
N PRO A 686 -3.11 -10.10 33.79
CA PRO A 686 -4.40 -9.54 34.20
C PRO A 686 -4.70 -9.77 35.68
N PRO A 687 -5.32 -8.79 36.34
CA PRO A 687 -5.80 -9.01 37.71
C PRO A 687 -7.09 -9.80 37.69
N GLY A 688 -7.57 -10.21 38.87
CA GLY A 688 -8.86 -10.87 38.97
C GLY A 688 -8.79 -12.38 39.09
N ARG A 689 -9.90 -12.97 39.52
CA ARG A 689 -10.00 -14.41 39.67
C ARG A 689 -10.10 -15.08 38.30
N LYS A 690 -11.02 -14.58 37.48
CA LYS A 690 -11.21 -15.10 36.13
C LYS A 690 -10.55 -14.19 35.10
N ILE A 691 -10.05 -14.78 34.02
CA ILE A 691 -9.45 -14.00 32.94
C ILE A 691 -10.20 -14.23 31.64
N ARG A 692 -10.14 -13.25 30.76
CA ARG A 692 -10.66 -13.43 29.42
C ARG A 692 -9.59 -14.02 28.53
N VAL A 693 -9.87 -15.20 28.00
CA VAL A 693 -8.93 -15.92 27.16
C VAL A 693 -9.32 -15.82 25.69
N VAL A 694 -8.49 -15.20 24.86
CA VAL A 694 -8.76 -15.21 23.43
C VAL A 694 -7.91 -16.26 22.73
N GLN A 695 -8.53 -17.04 21.86
CA GLN A 695 -7.81 -18.04 21.09
C GLN A 695 -7.97 -17.78 19.61
N VAL A 696 -6.89 -17.34 18.96
CA VAL A 696 -6.89 -17.17 17.52
C VAL A 696 -6.52 -18.51 16.89
N GLY A 697 -7.29 -19.53 17.21
CA GLY A 697 -7.10 -20.85 16.65
C GLY A 697 -5.88 -21.60 17.15
N ASP A 698 -4.71 -20.99 17.00
CA ASP A 698 -3.47 -21.62 17.43
C ASP A 698 -2.77 -20.81 18.53
N ASP A 699 -2.59 -19.53 18.27
CA ASP A 699 -2.03 -18.64 19.28
C ASP A 699 -3.11 -18.24 20.28
N VAL A 700 -2.83 -18.47 21.55
CA VAL A 700 -3.78 -18.15 22.62
C VAL A 700 -3.15 -17.14 23.58
N GLN A 701 -3.96 -16.22 24.08
CA GLN A 701 -3.45 -15.11 24.88
C GLN A 701 -4.54 -14.51 25.76
N ALA A 702 -4.16 -13.95 26.90
CA ALA A 702 -5.09 -13.25 27.76
C ALA A 702 -5.29 -11.82 27.26
N CYS A 703 -6.42 -11.59 26.59
CA CYS A 703 -6.68 -10.28 26.00
C CYS A 703 -8.05 -9.73 26.40
N GLY A 704 -8.08 -8.48 26.82
CA GLY A 704 -9.33 -7.80 27.12
C GLY A 704 -9.82 -7.03 25.92
N GLY A 705 -9.01 -7.03 24.85
CA GLY A 705 -9.31 -6.30 23.65
C GLY A 705 -10.40 -6.93 22.79
N THR A 706 -11.02 -6.12 21.95
CA THR A 706 -12.07 -6.58 21.04
C THR A 706 -11.45 -7.33 19.86
N HIS A 707 -12.12 -8.37 19.39
CA HIS A 707 -11.58 -9.23 18.34
C HIS A 707 -12.58 -9.63 17.27
N CYS A 708 -12.06 -9.99 16.11
CA CYS A 708 -12.86 -10.43 14.98
C CYS A 708 -13.39 -11.84 15.20
N ARG A 709 -14.37 -12.24 14.40
CA ARG A 709 -14.91 -13.58 14.48
C ARG A 709 -13.98 -14.56 13.79
N SER A 710 -13.44 -14.14 12.66
CA SER A 710 -12.53 -14.98 11.87
C SER A 710 -11.38 -14.13 11.34
N THR A 711 -10.48 -14.73 10.56
CA THR A 711 -9.33 -13.98 10.05
C THR A 711 -9.58 -13.36 8.69
N GLY A 712 -10.50 -13.94 7.92
CA GLY A 712 -10.80 -13.41 6.61
C GLY A 712 -11.27 -11.97 6.64
N GLU A 713 -11.75 -11.55 7.81
CA GLU A 713 -12.30 -10.21 7.99
C GLU A 713 -11.22 -9.14 8.17
N ILE A 714 -10.07 -9.53 8.73
CA ILE A 714 -9.02 -8.56 9.02
C ILE A 714 -8.39 -7.99 7.75
N GLY A 715 -8.61 -8.66 6.62
CA GLY A 715 -8.06 -8.21 5.36
C GLY A 715 -6.55 -8.38 5.31
N MET A 716 -5.93 -7.89 4.25
CA MET A 716 -4.49 -8.09 4.04
C MET A 716 -3.67 -7.45 5.15
N LEU A 717 -2.45 -7.93 5.32
CA LEU A 717 -1.56 -7.41 6.34
C LEU A 717 -0.27 -6.86 5.74
N LYS A 718 0.05 -5.62 6.07
CA LYS A 718 1.24 -4.97 5.50
C LYS A 718 2.18 -4.48 6.59
N ILE A 719 3.40 -5.01 6.60
CA ILE A 719 4.44 -4.52 7.49
C ILE A 719 4.94 -3.19 6.97
N LEU A 720 4.77 -2.14 7.76
CA LEU A 720 5.10 -0.79 7.30
C LEU A 720 6.57 -0.46 7.51
N LYS A 721 7.10 -0.81 8.68
CA LYS A 721 8.46 -0.43 9.05
C LYS A 721 9.04 -1.37 10.11
N VAL A 722 10.27 -1.82 9.89
CA VAL A 722 10.96 -2.72 10.80
C VAL A 722 12.19 -2.03 11.41
N GLU A 723 12.16 -1.78 12.72
CA GLU A 723 13.27 -1.10 13.39
C GLU A 723 13.75 -1.86 14.62
N SER A 724 15.05 -1.74 14.88
CA SER A 724 15.67 -2.37 16.05
C SER A 724 15.72 -1.40 17.21
N ILE A 725 14.67 -1.42 18.04
CA ILE A 725 14.56 -0.58 19.23
C ILE A 725 15.86 -0.58 20.03
N GLN A 726 16.22 -1.77 20.49
CA GLN A 726 17.44 -2.00 21.21
C GLN A 726 17.93 -3.37 20.77
N ASP A 727 19.21 -3.67 21.00
CA ASP A 727 19.72 -5.00 20.74
C ASP A 727 18.81 -6.01 21.44
N GLY A 728 18.33 -7.01 20.71
CA GLY A 728 17.48 -8.02 21.31
C GLY A 728 16.00 -7.69 21.43
N VAL A 729 15.60 -6.51 20.97
CA VAL A 729 14.19 -6.15 20.88
C VAL A 729 13.91 -5.45 19.56
N ILE A 730 12.93 -5.96 18.81
CA ILE A 730 12.62 -5.41 17.49
C ILE A 730 11.16 -5.05 17.33
N ARG A 731 10.91 -3.80 16.94
CA ARG A 731 9.55 -3.33 16.71
C ARG A 731 9.12 -3.55 15.26
N PHE A 732 7.90 -4.03 15.08
CA PHE A 732 7.33 -4.15 13.75
C PHE A 732 6.12 -3.23 13.62
N GLU A 733 6.22 -2.26 12.71
CA GLU A 733 5.08 -1.38 12.46
C GLU A 733 4.27 -1.93 11.29
N PHE A 734 2.97 -2.07 11.51
CA PHE A 734 2.11 -2.64 10.48
C PHE A 734 0.74 -1.99 10.44
N ALA A 735 -0.04 -2.38 9.45
CA ALA A 735 -1.44 -2.00 9.36
C ALA A 735 -2.22 -3.11 8.67
N ALA A 736 -3.49 -3.25 9.01
CA ALA A 736 -4.35 -4.26 8.40
C ALA A 736 -5.72 -3.69 8.06
N GLY A 737 -6.49 -4.43 7.27
CA GLY A 737 -7.76 -3.93 6.78
C GLY A 737 -7.51 -2.77 5.83
N GLU A 738 -8.46 -1.86 5.75
CA GLU A 738 -8.32 -0.71 4.85
C GLU A 738 -7.23 0.24 5.32
N ALA A 739 -6.94 0.22 6.62
CA ALA A 739 -5.88 1.04 7.18
C ALA A 739 -4.54 0.66 6.57
N ALA A 740 -4.48 -0.54 6.00
CA ALA A 740 -3.31 -1.00 5.26
C ALA A 740 -3.36 -0.55 3.81
N ILE A 741 -4.52 -0.65 3.17
CA ILE A 741 -4.64 -0.31 1.76
C ILE A 741 -4.35 1.17 1.52
N GLU A 742 -4.77 2.01 2.45
CA GLU A 742 -4.52 3.44 2.36
C GLU A 742 -3.07 3.73 2.70
N ALA A 743 -2.53 2.96 3.64
CA ALA A 743 -1.13 3.04 4.00
C ALA A 743 -0.26 2.65 2.81
N VAL A 744 -0.79 1.76 1.98
CA VAL A 744 -0.14 1.36 0.74
C VAL A 744 -0.34 2.43 -0.33
N GLU A 745 -1.57 2.92 -0.45
CA GLU A 745 -1.92 3.96 -1.41
C GLU A 745 -1.13 5.25 -1.16
N GLU A 746 -1.02 5.65 0.11
CA GLU A 746 -0.20 6.78 0.50
C GLU A 746 1.24 6.55 0.05
N MET A 747 1.73 5.34 0.31
CA MET A 747 3.06 4.95 -0.12
C MET A 747 3.22 5.05 -1.64
N GLU A 748 2.19 4.64 -2.37
CA GLU A 748 2.17 4.76 -3.82
C GLU A 748 2.28 6.22 -4.24
N ARG A 749 1.50 7.07 -3.58
CA ARG A 749 1.50 8.50 -3.86
C ARG A 749 2.90 9.11 -3.78
N LEU A 750 3.56 8.88 -2.66
CA LEU A 750 4.90 9.41 -2.40
C LEU A 750 5.88 9.03 -3.51
N LEU A 751 5.66 7.86 -4.11
CA LEU A 751 6.47 7.42 -5.23
C LEU A 751 6.13 8.21 -6.49
N ARG A 752 4.87 8.11 -6.94
CA ARG A 752 4.40 8.81 -8.14
C ARG A 752 4.78 10.28 -8.15
N GLU A 753 4.53 10.95 -7.02
CA GLU A 753 4.84 12.35 -6.85
C GLU A 753 6.30 12.64 -7.17
N ALA A 754 7.20 11.90 -6.52
CA ALA A 754 8.64 12.02 -6.75
C ALA A 754 9.00 11.81 -8.21
N SER A 755 8.43 10.76 -8.80
CA SER A 755 8.60 10.45 -10.21
C SER A 755 8.18 11.61 -11.10
N SER A 756 7.01 12.16 -10.81
CA SER A 756 6.41 13.24 -11.60
C SER A 756 7.25 14.50 -11.58
N ILE A 757 7.96 14.72 -10.48
CA ILE A 757 8.82 15.89 -10.34
C ILE A 757 9.98 15.85 -11.33
N LEU A 758 10.50 14.65 -11.57
CA LEU A 758 11.62 14.50 -12.50
C LEU A 758 11.13 14.06 -13.88
N ARG A 759 9.80 14.05 -14.06
CA ARG A 759 9.17 13.65 -15.32
C ARG A 759 9.69 12.30 -15.79
N VAL A 760 9.62 11.31 -14.92
CA VAL A 760 10.24 10.02 -15.22
C VAL A 760 9.42 8.84 -14.68
N GLU A 761 9.62 7.69 -15.32
CA GLU A 761 8.89 6.48 -14.98
C GLU A 761 9.28 5.96 -13.59
N PRO A 762 8.27 5.75 -12.74
CA PRO A 762 8.43 5.28 -11.35
C PRO A 762 9.45 4.17 -11.20
N ALA A 763 9.57 3.33 -12.22
CA ALA A 763 10.53 2.23 -12.19
C ALA A 763 11.97 2.72 -12.23
N LYS A 764 12.20 3.86 -12.87
CA LYS A 764 13.56 4.39 -13.06
C LYS A 764 13.90 5.53 -12.12
N LEU A 765 13.14 5.69 -11.06
CA LEU A 765 13.38 6.77 -10.11
C LEU A 765 14.76 6.66 -9.41
N PRO A 766 15.10 5.48 -8.84
CA PRO A 766 16.38 5.43 -8.13
C PRO A 766 17.59 5.65 -9.04
N LYS A 767 17.51 5.22 -10.29
CA LYS A 767 18.63 5.35 -11.21
C LYS A 767 18.82 6.78 -11.72
N THR A 768 17.73 7.49 -11.95
CA THR A 768 17.80 8.89 -12.36
C THR A 768 18.22 9.78 -11.20
N VAL A 769 17.68 9.49 -10.01
CA VAL A 769 18.00 10.26 -8.82
C VAL A 769 19.48 10.14 -8.47
N GLU A 770 20.05 8.97 -8.69
CA GLU A 770 21.48 8.77 -8.50
C GLU A 770 22.26 9.62 -9.50
N ARG A 771 21.86 9.56 -10.77
CA ARG A 771 22.51 10.32 -11.83
C ARG A 771 22.53 11.81 -11.51
N PHE A 772 21.39 12.34 -11.09
CA PHE A 772 21.29 13.73 -10.66
C PHE A 772 22.24 14.02 -9.50
N PHE A 773 22.11 13.23 -8.43
CA PHE A 773 22.89 13.40 -7.21
C PHE A 773 24.39 13.44 -7.50
N GLU A 774 24.82 12.57 -8.41
CA GLU A 774 26.19 12.58 -8.90
C GLU A 774 26.50 13.90 -9.61
N GLU A 775 25.67 14.25 -10.58
CA GLU A 775 25.79 15.52 -11.29
C GLU A 775 25.68 16.70 -10.32
N TRP A 776 24.79 16.56 -9.34
CA TRP A 776 24.60 17.59 -8.33
C TRP A 776 25.87 17.84 -7.52
N LYS A 777 26.57 16.77 -7.16
CA LYS A 777 27.82 16.89 -6.41
C LYS A 777 28.90 17.48 -7.30
N ASP A 778 28.90 17.07 -8.57
CA ASP A 778 29.85 17.56 -9.56
C ASP A 778 29.71 19.06 -9.77
N GLN A 779 28.47 19.50 -9.96
CA GLN A 779 28.19 20.91 -10.20
C GLN A 779 28.51 21.74 -8.96
N ARG A 780 28.20 21.18 -7.79
CA ARG A 780 28.51 21.83 -6.52
C ARG A 780 30.02 22.04 -6.38
N LYS A 781 30.79 21.08 -6.86
CA LYS A 781 32.25 21.20 -6.82
C LYS A 781 32.76 22.25 -7.81
N GLU A 782 32.40 22.08 -9.08
CA GLU A 782 32.89 22.94 -10.16
C GLU A 782 32.71 24.42 -9.83
N ILE A 783 31.59 24.74 -9.19
CA ILE A 783 31.31 26.08 -8.73
C ILE A 783 32.38 26.54 -7.74
N GLU A 784 32.76 25.65 -6.83
CA GLU A 784 33.79 25.97 -5.84
C GLU A 784 35.13 26.25 -6.51
N ARG A 785 35.40 25.56 -7.61
CA ARG A 785 36.61 25.82 -8.37
C ARG A 785 36.54 27.16 -9.08
N LEU A 786 35.41 27.40 -9.74
CA LEU A 786 35.22 28.66 -10.45
C LEU A 786 35.28 29.84 -9.50
N LYS A 787 34.68 29.68 -8.31
CA LYS A 787 34.68 30.74 -7.30
C LYS A 787 36.10 31.08 -6.87
N SER A 788 36.95 30.06 -6.82
CA SER A 788 38.36 30.26 -6.50
C SER A 788 39.05 31.09 -7.59
N VAL A 789 38.65 30.88 -8.83
CA VAL A 789 39.20 31.62 -9.96
C VAL A 789 38.86 33.10 -9.86
N ILE A 790 37.60 33.38 -9.57
CA ILE A 790 37.12 34.75 -9.36
C ILE A 790 37.99 35.46 -8.32
N ALA A 791 38.17 34.81 -7.19
CA ALA A 791 38.93 35.36 -6.07
C ALA A 791 40.38 35.68 -6.45
N ASP A 792 41.04 34.73 -7.11
CA ASP A 792 42.42 34.90 -7.53
C ASP A 792 42.57 36.08 -8.49
N LEU A 793 41.68 36.14 -9.47
CA LEU A 793 41.63 37.27 -10.40
C LEU A 793 41.33 38.56 -9.66
N TRP A 794 40.37 38.49 -8.74
CA TRP A 794 39.96 39.65 -7.96
C TRP A 794 41.11 40.26 -7.17
N ALA A 795 41.91 39.39 -6.53
CA ALA A 795 43.05 39.84 -5.76
C ALA A 795 44.00 40.70 -6.58
N ASP A 796 44.42 40.16 -7.73
CA ASP A 796 45.36 40.84 -8.59
C ASP A 796 44.82 42.17 -9.10
N ILE A 797 43.51 42.21 -9.35
CA ILE A 797 42.86 43.45 -9.75
C ILE A 797 43.00 44.49 -8.64
N LEU A 798 42.78 44.04 -7.41
CA LEU A 798 42.71 44.93 -6.26
C LEU A 798 44.07 45.47 -5.79
N MET A 799 45.13 44.74 -6.11
CA MET A 799 46.47 45.18 -5.70
C MET A 799 47.04 46.23 -6.63
N GLU A 800 46.59 46.21 -7.88
CA GLU A 800 47.07 47.13 -8.90
C GLU A 800 46.73 48.57 -8.51
N ARG A 801 45.58 48.72 -7.83
CA ARG A 801 45.10 50.03 -7.42
C ARG A 801 45.41 50.28 -5.94
N ALA A 802 46.01 49.28 -5.31
CA ALA A 802 46.35 49.38 -3.90
C ALA A 802 47.40 50.45 -3.66
N GLU A 803 47.06 51.44 -2.84
CA GLU A 803 48.03 52.42 -2.40
C GLU A 803 49.15 51.70 -1.68
N GLU A 804 50.39 52.07 -1.98
CA GLU A 804 51.52 51.45 -1.31
C GLU A 804 51.77 52.12 0.04
N PHE A 805 52.21 51.33 1.00
CA PHE A 805 52.50 51.84 2.33
C PHE A 805 53.69 51.11 2.93
N ASP A 806 54.87 51.69 2.76
CA ASP A 806 56.11 51.10 3.24
C ASP A 806 56.28 49.70 2.65
N SER A 807 56.35 49.64 1.32
CA SER A 807 56.51 48.39 0.57
C SER A 807 55.34 47.42 0.77
N MET A 808 54.24 47.91 1.34
CA MET A 808 53.03 47.10 1.48
C MET A 808 51.90 47.71 0.68
N LYS A 809 51.08 46.86 0.07
CA LYS A 809 49.95 47.33 -0.70
C LYS A 809 48.66 47.23 0.09
N VAL A 810 48.01 48.37 0.30
CA VAL A 810 46.78 48.41 1.08
C VAL A 810 45.55 48.51 0.17
N VAL A 811 44.54 47.71 0.46
CA VAL A 811 43.33 47.74 -0.35
C VAL A 811 42.08 47.82 0.53
N ALA A 812 41.19 48.73 0.17
CA ALA A 812 39.94 48.91 0.88
C ALA A 812 38.84 49.33 -0.08
N GLU A 813 37.90 48.43 -0.33
CA GLU A 813 36.85 48.70 -1.30
C GLU A 813 35.47 48.33 -0.78
N VAL A 814 34.44 48.71 -1.54
CA VAL A 814 33.08 48.26 -1.28
C VAL A 814 32.62 47.43 -2.48
N VAL A 815 32.69 46.10 -2.35
CA VAL A 815 32.50 45.22 -3.49
C VAL A 815 31.08 44.67 -3.62
N ASP A 816 30.85 43.94 -4.69
CA ASP A 816 29.58 43.26 -4.92
C ASP A 816 29.80 41.74 -4.86
N ALA A 817 29.63 41.16 -3.68
CA ALA A 817 29.79 39.73 -3.47
C ALA A 817 29.18 39.31 -2.12
N ASP A 818 28.96 38.01 -1.95
CA ASP A 818 28.44 37.51 -0.68
C ASP A 818 29.58 37.15 0.27
N MET A 819 29.24 36.85 1.52
CA MET A 819 30.22 36.67 2.59
C MET A 819 31.30 35.64 2.28
N GLN A 820 30.90 34.49 1.74
CA GLN A 820 31.85 33.44 1.41
C GLN A 820 32.87 33.92 0.37
N ALA A 821 32.39 34.71 -0.58
CA ALA A 821 33.28 35.26 -1.61
C ALA A 821 34.25 36.27 -1.00
N LEU A 822 33.73 37.12 -0.11
CA LEU A 822 34.57 38.07 0.63
C LEU A 822 35.69 37.35 1.37
N GLN A 823 35.32 36.28 2.07
CA GLN A 823 36.26 35.48 2.85
C GLN A 823 37.35 34.85 1.98
N LYS A 824 36.94 34.21 0.89
CA LYS A 824 37.88 33.57 -0.01
C LYS A 824 38.82 34.59 -0.64
N LEU A 825 38.27 35.75 -0.95
CA LEU A 825 39.05 36.86 -1.49
C LEU A 825 40.10 37.28 -0.47
N ALA A 826 39.66 37.52 0.77
CA ALA A 826 40.54 37.96 1.85
C ALA A 826 41.69 36.99 2.08
N GLU A 827 41.37 35.70 2.09
CA GLU A 827 42.38 34.66 2.27
C GLU A 827 43.44 34.75 1.18
N ARG A 828 42.98 35.03 -0.04
CA ARG A 828 43.88 35.20 -1.18
C ARG A 828 44.77 36.42 -1.02
N LEU A 829 44.18 37.55 -0.64
CA LEU A 829 44.93 38.78 -0.41
C LEU A 829 45.97 38.59 0.68
N ALA A 830 45.56 37.97 1.79
CA ALA A 830 46.46 37.69 2.90
C ALA A 830 47.64 36.85 2.46
N GLU A 831 47.36 35.82 1.67
CA GLU A 831 48.39 34.99 1.06
C GLU A 831 49.38 35.81 0.26
N LYS A 832 48.89 36.89 -0.35
CA LYS A 832 49.73 37.73 -1.19
C LYS A 832 50.24 38.97 -0.44
N GLY A 833 50.02 38.99 0.87
CA GLY A 833 50.59 40.01 1.73
C GLY A 833 49.93 41.38 1.68
N ALA A 834 48.70 41.45 1.17
CA ALA A 834 47.96 42.70 1.20
C ALA A 834 47.54 43.02 2.62
N VAL A 835 47.12 44.27 2.85
CA VAL A 835 46.56 44.68 4.12
C VAL A 835 45.34 45.57 3.88
N GLY A 836 44.28 45.34 4.66
CA GLY A 836 43.09 46.17 4.54
C GLY A 836 41.79 45.44 4.81
N CYS A 837 40.69 46.00 4.33
CA CYS A 837 39.37 45.43 4.58
C CYS A 837 38.42 45.68 3.43
N LEU A 838 37.51 44.72 3.20
CA LEU A 838 36.52 44.83 2.15
C LEU A 838 35.13 44.84 2.77
N MET A 839 34.18 45.49 2.10
CA MET A 839 32.80 45.51 2.57
C MET A 839 31.82 45.19 1.46
N ALA A 840 30.64 44.70 1.84
CA ALA A 840 29.62 44.31 0.89
C ALA A 840 28.22 44.49 1.47
N LYS A 841 27.35 45.15 0.71
CA LYS A 841 25.95 45.30 1.09
C LYS A 841 25.28 43.93 1.23
N GLY A 842 24.54 43.74 2.31
CA GLY A 842 23.93 42.45 2.58
C GLY A 842 22.44 42.52 2.83
N GLU A 843 22.02 42.11 4.02
CA GLU A 843 20.60 42.11 4.38
C GLU A 843 20.39 42.64 5.78
N GLY A 844 19.94 43.88 5.88
CA GLY A 844 19.76 44.54 7.16
C GLY A 844 21.10 44.78 7.82
N LYS A 845 22.17 44.53 7.07
CA LYS A 845 23.52 44.60 7.58
C LYS A 845 24.52 44.77 6.44
N VAL A 846 25.77 45.03 6.80
CA VAL A 846 26.85 45.09 5.83
C VAL A 846 27.95 44.15 6.29
N PHE A 847 28.49 43.35 5.37
CA PHE A 847 29.52 42.37 5.74
C PHE A 847 30.90 42.98 5.68
N VAL A 848 31.64 42.90 6.77
CA VAL A 848 33.01 43.40 6.79
C VAL A 848 33.99 42.24 6.86
N VAL A 849 35.05 42.32 6.07
CA VAL A 849 36.14 41.37 6.16
C VAL A 849 37.44 42.14 6.18
N THR A 850 38.32 41.83 7.14
CA THR A 850 39.65 42.44 7.19
C THR A 850 40.71 41.37 6.97
N PHE A 851 41.92 41.78 6.66
CA PHE A 851 42.96 40.84 6.27
C PHE A 851 44.37 41.41 6.35
N SER A 852 45.33 40.54 6.64
CA SER A 852 46.74 40.92 6.64
C SER A 852 47.58 39.70 6.28
N GLY A 853 48.65 39.94 5.52
CA GLY A 853 49.60 38.90 5.21
C GLY A 853 50.92 39.16 5.89
N GLN A 854 50.87 40.06 6.86
CA GLN A 854 52.08 40.51 7.55
C GLN A 854 51.98 40.34 9.07
N LYS A 855 52.76 41.11 9.81
CA LYS A 855 52.77 41.04 11.26
C LYS A 855 51.47 41.60 11.85
N TYR A 856 50.90 42.58 11.15
CA TYR A 856 49.67 43.24 11.59
C TYR A 856 48.53 42.24 11.76
N ASP A 857 47.75 42.41 12.83
CA ASP A 857 46.71 41.46 13.18
C ASP A 857 45.34 41.92 12.67
N ALA A 858 44.71 41.07 11.86
CA ALA A 858 43.44 41.41 11.23
C ALA A 858 42.32 41.64 12.23
N ARG A 859 42.43 41.03 13.40
CA ARG A 859 41.43 41.16 14.45
C ARG A 859 41.39 42.58 15.00
N GLU A 860 42.54 43.07 15.43
CA GLU A 860 42.67 44.42 15.98
C GLU A 860 42.16 45.46 14.98
N LEU A 861 42.48 45.25 13.71
CA LEU A 861 42.01 46.14 12.64
C LEU A 861 40.49 46.14 12.55
N LEU A 862 39.88 44.98 12.76
CA LEU A 862 38.43 44.88 12.65
C LEU A 862 37.74 45.58 13.80
N ARG A 863 38.32 45.49 15.00
CA ARG A 863 37.79 46.20 16.15
C ARG A 863 37.82 47.70 15.92
N GLU A 864 38.90 48.17 15.31
CA GLU A 864 39.02 49.59 14.98
C GLU A 864 38.01 49.99 13.91
N ILE A 865 37.77 49.09 12.96
CA ILE A 865 36.75 49.31 11.94
C ILE A 865 35.36 49.34 12.59
N GLY A 866 35.18 48.51 13.62
CA GLY A 866 33.91 48.42 14.32
C GLY A 866 33.60 49.71 15.07
N ARG A 867 34.63 50.34 15.60
CA ARG A 867 34.44 51.59 16.33
C ARG A 867 33.90 52.69 15.43
N VAL A 868 34.26 52.68 14.16
CA VAL A 868 33.79 53.74 13.28
C VAL A 868 32.49 53.33 12.58
N ALA A 869 32.31 52.04 12.34
CA ALA A 869 31.19 51.57 11.54
C ALA A 869 30.10 50.88 12.36
N LYS A 870 30.33 50.74 13.67
CA LYS A 870 29.30 50.25 14.59
C LYS A 870 28.88 48.80 14.35
N GLY A 871 29.80 47.87 14.59
CA GLY A 871 29.50 46.47 14.47
C GLY A 871 30.64 45.62 15.00
N SER A 872 30.41 44.32 15.13
CA SER A 872 31.42 43.45 15.73
C SER A 872 31.58 42.10 15.02
N GLY A 873 32.76 41.50 15.21
CA GLY A 873 33.07 40.20 14.64
C GLY A 873 34.34 39.60 15.22
N GLY A 874 35.00 38.75 14.44
CA GLY A 874 36.23 38.10 14.88
C GLY A 874 36.84 37.18 13.83
N GLY A 875 37.98 36.57 14.16
CA GLY A 875 38.65 35.68 13.25
C GLY A 875 40.08 35.33 13.64
N ARG A 876 40.92 35.12 12.64
CA ARG A 876 42.32 34.78 12.88
C ARG A 876 43.24 35.97 12.68
N LYS A 877 44.53 35.69 12.56
CA LYS A 877 45.52 36.75 12.37
C LYS A 877 45.52 37.25 10.93
N ASP A 878 45.18 36.38 9.99
CA ASP A 878 45.24 36.73 8.57
C ASP A 878 43.90 37.21 8.01
N VAL A 879 42.80 36.64 8.47
CA VAL A 879 41.48 37.15 8.09
C VAL A 879 40.57 37.29 9.29
N ALA A 880 39.68 38.28 9.24
CA ALA A 880 38.66 38.49 10.26
C ALA A 880 37.32 38.79 9.59
N GLN A 881 36.26 38.13 10.06
CA GLN A 881 34.92 38.34 9.53
C GLN A 881 34.08 39.12 10.55
N GLY A 882 33.01 39.74 10.08
CA GLY A 882 32.15 40.53 10.94
C GLY A 882 31.08 41.27 10.18
N ALA A 883 30.17 41.91 10.91
CA ALA A 883 29.09 42.68 10.30
C ALA A 883 28.97 44.04 10.94
N VAL A 884 28.64 45.04 10.13
CA VAL A 884 28.42 46.38 10.63
C VAL A 884 27.06 46.88 10.19
N GLN A 885 26.61 47.97 10.79
CA GLN A 885 25.32 48.54 10.44
C GLN A 885 25.48 49.67 9.43
N GLN A 886 26.69 50.23 9.36
CA GLN A 886 26.95 51.40 8.54
C GLN A 886 28.02 51.13 7.48
N LEU A 887 27.62 51.16 6.21
CA LEU A 887 28.56 51.05 5.11
C LEU A 887 29.46 52.28 5.10
N LEU A 888 30.73 52.07 4.81
CA LEU A 888 31.69 53.18 4.77
C LEU A 888 32.20 53.43 3.36
N ASP A 889 32.39 54.71 3.05
CA ASP A 889 33.09 55.10 1.84
C ASP A 889 34.52 54.61 1.93
N ARG A 890 35.17 54.43 0.79
CA ARG A 890 36.55 53.98 0.73
C ARG A 890 37.46 54.92 1.51
N GLU A 891 37.20 56.21 1.38
CA GLU A 891 38.00 57.23 2.06
C GLU A 891 37.99 57.04 3.57
N GLU A 892 36.80 56.79 4.13
CA GLU A 892 36.65 56.63 5.57
C GLU A 892 37.34 55.36 6.04
N MET A 893 37.18 54.29 5.26
CA MET A 893 37.86 53.04 5.53
C MET A 893 39.37 53.23 5.50
N LEU A 894 39.85 53.98 4.51
CA LEU A 894 41.29 54.19 4.35
C LEU A 894 41.88 54.99 5.51
N ASP A 895 41.15 56.01 5.96
CA ASP A 895 41.50 56.75 7.17
C ASP A 895 41.89 55.77 8.27
N VAL A 896 40.93 54.89 8.59
CA VAL A 896 41.07 53.91 9.65
C VAL A 896 42.26 52.98 9.47
N ILE A 897 42.43 52.48 8.25
CA ILE A 897 43.52 51.55 7.96
C ILE A 897 44.87 52.22 8.23
N PHE A 898 45.00 53.45 7.77
CA PHE A 898 46.22 54.22 7.99
C PHE A 898 46.45 54.47 9.48
N ARG A 899 45.39 54.87 10.17
CA ARG A 899 45.42 55.09 11.61
C ARG A 899 45.89 53.82 12.32
N PHE A 900 45.47 52.68 11.79
CA PHE A 900 45.83 51.37 12.33
C PHE A 900 47.28 51.02 12.01
N LEU A 901 47.68 51.24 10.76
CA LEU A 901 49.04 50.95 10.32
C LEU A 901 50.07 51.80 11.05
N SER A 902 49.69 53.03 11.39
CA SER A 902 50.61 53.94 12.09
C SER A 902 50.96 53.42 13.48
N GLU A 903 49.97 52.83 14.15
CA GLU A 903 50.14 52.35 15.52
C GLU A 903 51.23 51.30 15.70
N HIS A 904 51.58 50.60 14.63
CA HIS A 904 52.28 49.33 14.75
C HIS A 904 53.65 49.21 14.08
N GLU A 905 54.40 50.30 14.01
CA GLU A 905 55.79 50.20 13.55
C GLU A 905 56.71 50.98 14.49
N GLY A 906 58.00 50.71 14.37
CA GLY A 906 59.00 51.35 15.22
C GLY A 906 60.40 51.05 14.72
N MET B 1 -43.44 -17.11 -54.14
CA MET B 1 -44.69 -17.77 -53.83
C MET B 1 -45.51 -16.90 -52.91
N THR B 2 -46.17 -17.54 -51.95
CA THR B 2 -47.04 -16.85 -51.02
C THR B 2 -47.96 -15.89 -51.75
N LEU B 3 -48.61 -16.40 -52.79
CA LEU B 3 -49.84 -15.79 -53.19
C LEU B 3 -50.97 -16.51 -52.49
N ASP B 4 -51.16 -17.78 -52.86
CA ASP B 4 -52.35 -18.52 -52.51
C ASP B 4 -52.59 -18.57 -51.02
N GLU B 5 -51.50 -18.62 -50.22
CA GLU B 5 -51.68 -18.80 -48.80
C GLU B 5 -52.29 -17.55 -48.20
N GLU B 6 -51.61 -16.43 -48.23
CA GLU B 6 -52.20 -15.29 -47.56
C GLU B 6 -53.02 -14.31 -48.43
N TYR B 7 -53.49 -14.64 -49.64
CA TYR B 7 -54.46 -13.64 -50.22
C TYR B 7 -55.96 -13.93 -49.94
N LEU B 8 -56.21 -15.11 -49.41
CA LEU B 8 -57.55 -15.66 -49.31
C LEU B 8 -57.79 -16.33 -47.96
N ASP B 9 -56.73 -16.92 -47.43
CA ASP B 9 -56.80 -17.63 -46.15
C ASP B 9 -57.48 -16.75 -45.14
N ILE B 10 -57.12 -15.48 -45.10
CA ILE B 10 -57.54 -14.73 -43.94
C ILE B 10 -58.90 -14.15 -44.24
N THR B 11 -59.69 -14.06 -43.18
CA THR B 11 -61.08 -13.66 -43.26
C THR B 11 -61.10 -12.26 -43.81
N PHE B 12 -60.08 -11.49 -43.50
CA PHE B 12 -60.03 -10.11 -43.90
C PHE B 12 -59.80 -9.91 -45.38
N LEU B 13 -59.03 -10.80 -45.99
CA LEU B 13 -58.61 -10.52 -47.35
C LEU B 13 -59.72 -10.76 -48.38
N THR B 14 -60.61 -11.72 -48.16
CA THR B 14 -61.71 -11.92 -49.11
C THR B 14 -63.10 -11.76 -48.47
N GLU B 15 -63.23 -12.29 -47.26
CA GLU B 15 -64.53 -12.30 -46.63
C GLU B 15 -64.93 -10.93 -46.09
N ASN B 16 -64.01 -10.26 -45.43
CA ASN B 16 -64.34 -9.02 -44.73
C ASN B 16 -64.77 -7.88 -45.67
N GLY B 17 -64.09 -7.69 -46.79
CA GLY B 17 -64.53 -6.71 -47.75
C GLY B 17 -63.44 -5.77 -48.26
N PHE B 18 -62.73 -6.24 -49.28
CA PHE B 18 -61.52 -5.58 -49.73
C PHE B 18 -61.13 -6.11 -51.14
N VAL B 19 -60.39 -5.32 -51.92
CA VAL B 19 -59.98 -5.74 -53.27
C VAL B 19 -58.54 -5.36 -53.65
N ARG B 20 -57.90 -6.18 -54.49
CA ARG B 20 -56.57 -5.86 -55.03
C ARG B 20 -56.58 -5.31 -56.44
N LYS B 21 -55.66 -4.39 -56.69
CA LYS B 21 -55.38 -3.93 -58.04
C LYS B 21 -53.94 -3.47 -58.11
N ARG B 22 -53.36 -3.57 -59.30
CA ARG B 22 -51.99 -3.10 -59.50
C ARG B 22 -51.95 -1.97 -60.52
N CYS B 23 -50.94 -1.11 -60.40
CA CYS B 23 -50.71 -0.08 -61.39
C CYS B 23 -49.42 -0.40 -62.15
N PRO B 24 -49.47 -0.27 -63.49
CA PRO B 24 -48.35 -0.57 -64.38
C PRO B 24 -47.07 0.17 -64.00
N LYS B 25 -47.17 1.48 -63.76
CA LYS B 25 -46.02 2.28 -63.35
C LYS B 25 -45.54 1.86 -61.97
N CYS B 26 -46.49 1.58 -61.08
CA CYS B 26 -46.17 1.23 -59.70
C CYS B 26 -45.48 -0.13 -59.66
N GLY B 27 -45.98 -1.06 -60.46
CA GLY B 27 -45.44 -2.40 -60.49
C GLY B 27 -45.60 -3.08 -59.15
N LYS B 28 -46.69 -2.73 -58.46
CA LYS B 28 -46.97 -3.27 -57.15
C LYS B 28 -48.44 -3.61 -56.98
N HIS B 29 -48.71 -4.55 -56.07
CA HIS B 29 -50.09 -4.93 -55.77
C HIS B 29 -50.49 -4.32 -54.43
N PHE B 30 -51.60 -3.60 -54.41
CA PHE B 30 -52.05 -2.99 -53.16
C PHE B 30 -53.44 -3.46 -52.75
N TRP B 31 -53.76 -3.29 -51.48
CA TRP B 31 -55.02 -3.77 -50.97
C TRP B 31 -55.94 -2.68 -50.42
N THR B 32 -57.00 -2.39 -51.17
CA THR B 32 -57.92 -1.28 -50.88
C THR B 32 -59.34 -1.72 -50.50
N ALA B 33 -60.04 -0.85 -49.77
CA ALA B 33 -61.42 -1.14 -49.36
C ALA B 33 -62.44 -0.38 -50.19
N ASP B 34 -62.00 0.68 -50.86
CA ASP B 34 -62.86 1.40 -51.78
C ASP B 34 -62.43 1.17 -53.22
N PRO B 35 -63.23 0.42 -53.98
CA PRO B 35 -62.99 0.13 -55.39
C PRO B 35 -63.11 1.39 -56.25
N GLU B 36 -63.79 2.39 -55.73
CA GLU B 36 -64.02 3.64 -56.45
C GLU B 36 -62.74 4.43 -56.66
N ARG B 37 -61.84 4.37 -55.69
CA ARG B 37 -60.60 5.14 -55.73
C ARG B 37 -59.35 4.29 -55.57
N GLU B 38 -58.40 4.49 -56.46
CA GLU B 38 -57.13 3.76 -56.44
C GLU B 38 -55.96 4.70 -56.11
N ILE B 39 -55.04 4.20 -55.29
CA ILE B 39 -53.94 5.00 -54.75
C ILE B 39 -52.79 4.05 -54.39
N CYS B 40 -51.57 4.57 -54.28
CA CYS B 40 -50.40 3.70 -54.19
C CYS B 40 -49.59 3.82 -52.89
N GLY B 41 -49.55 5.02 -52.31
CA GLY B 41 -48.89 5.21 -51.03
C GLY B 41 -47.40 4.93 -51.03
N ASP B 42 -46.75 5.26 -52.13
CA ASP B 42 -45.29 5.14 -52.29
C ASP B 42 -44.91 5.85 -53.59
N PRO B 43 -43.88 6.72 -53.54
CA PRO B 43 -43.56 7.62 -54.66
C PRO B 43 -43.19 6.86 -55.95
N PRO B 44 -43.36 7.49 -57.12
CA PRO B 44 -43.83 8.87 -57.30
C PRO B 44 -45.35 9.02 -57.37
N CYS B 45 -46.11 7.96 -57.16
CA CYS B 45 -47.56 7.99 -57.42
C CYS B 45 -48.36 8.90 -56.50
N GLU B 46 -48.04 8.94 -55.21
CA GLU B 46 -48.88 9.67 -54.27
C GLU B 46 -48.11 10.53 -53.26
N SER B 47 -48.70 11.65 -52.90
CA SER B 47 -48.23 12.47 -51.79
C SER B 47 -49.32 12.55 -50.74
N TYR B 48 -48.96 12.80 -49.48
CA TYR B 48 -49.96 12.73 -48.41
C TYR B 48 -50.92 13.91 -48.41
N SER B 49 -52.12 13.65 -47.91
CA SER B 49 -53.15 14.68 -47.85
C SER B 49 -53.72 14.79 -46.45
N PHE B 50 -53.28 13.91 -45.55
CA PHE B 50 -53.83 13.87 -44.20
C PHE B 50 -53.50 15.13 -43.42
N ILE B 51 -52.32 15.68 -43.66
CA ILE B 51 -51.88 16.86 -42.96
C ILE B 51 -52.84 18.03 -43.23
N GLY B 52 -53.09 18.84 -42.21
CA GLY B 52 -54.04 19.93 -42.34
C GLY B 52 -55.48 19.46 -42.13
N ASN B 53 -55.70 18.17 -42.34
CA ASN B 53 -57.00 17.55 -42.08
C ASN B 53 -56.83 16.27 -41.27
N PRO B 54 -56.52 16.42 -39.97
CA PRO B 54 -56.21 15.30 -39.06
C PRO B 54 -57.24 14.17 -39.16
N VAL B 55 -56.77 13.00 -39.59
CA VAL B 55 -57.67 11.89 -39.88
C VAL B 55 -58.16 11.19 -38.62
N PHE B 56 -57.48 11.41 -37.51
CA PHE B 56 -57.91 10.83 -36.25
C PHE B 56 -58.96 11.72 -35.60
N LYS B 57 -59.74 11.15 -34.69
CA LYS B 57 -60.82 11.88 -34.01
C LYS B 57 -60.27 13.06 -33.22
N LYS B 58 -59.02 12.95 -32.81
CA LYS B 58 -58.41 13.90 -31.89
C LYS B 58 -56.90 13.91 -32.09
N PRO B 59 -56.26 15.07 -31.88
CA PRO B 59 -54.79 15.01 -31.84
C PRO B 59 -54.35 14.27 -30.59
N PHE B 60 -53.13 13.78 -30.55
CA PHE B 60 -52.65 13.09 -29.36
C PHE B 60 -51.31 13.59 -28.92
N GLU B 61 -50.85 13.11 -27.77
CA GLU B 61 -49.48 13.32 -27.39
C GLU B 61 -48.77 11.98 -27.31
N LEU B 62 -47.44 12.05 -27.37
CA LEU B 62 -46.57 10.88 -27.44
C LEU B 62 -46.83 9.91 -26.28
N ASP B 63 -46.91 10.45 -25.08
CA ASP B 63 -47.18 9.65 -23.88
C ASP B 63 -48.57 9.04 -23.91
N GLU B 64 -49.54 9.81 -24.38
CA GLU B 64 -50.92 9.36 -24.44
C GLU B 64 -51.13 8.28 -25.49
N MET B 65 -50.50 8.45 -26.64
CA MET B 65 -50.60 7.49 -27.73
C MET B 65 -49.94 6.16 -27.38
N ARG B 66 -48.78 6.26 -26.74
CA ARG B 66 -47.99 5.08 -26.37
C ARG B 66 -48.76 4.14 -25.47
N GLU B 67 -49.18 4.65 -24.31
CA GLU B 67 -49.92 3.87 -23.33
C GLU B 67 -51.24 3.36 -23.86
N TYR B 68 -51.87 4.15 -24.73
CA TYR B 68 -53.14 3.76 -25.33
C TYR B 68 -52.95 2.52 -26.19
N TYR B 69 -51.93 2.55 -27.04
CA TYR B 69 -51.58 1.41 -27.88
C TYR B 69 -51.31 0.19 -27.02
N LEU B 70 -50.50 0.39 -25.98
CA LEU B 70 -50.13 -0.69 -25.07
C LEU B 70 -51.35 -1.31 -24.42
N ASN B 71 -52.20 -0.48 -23.82
CA ASN B 71 -53.32 -1.03 -23.07
C ASN B 71 -54.33 -1.70 -23.98
N PHE B 72 -54.36 -1.28 -25.24
CA PHE B 72 -55.23 -1.90 -26.22
C PHE B 72 -54.90 -3.38 -26.34
N PHE B 73 -53.69 -3.66 -26.80
CA PHE B 73 -53.24 -5.03 -27.02
C PHE B 73 -53.08 -5.79 -25.71
N GLU B 74 -52.89 -5.08 -24.61
CA GLU B 74 -52.88 -5.71 -23.30
C GLU B 74 -54.26 -6.27 -23.00
N ARG B 75 -55.27 -5.42 -23.13
CA ARG B 75 -56.66 -5.83 -22.94
C ARG B 75 -57.08 -6.81 -24.02
N ARG B 76 -56.39 -6.77 -25.15
CA ARG B 76 -56.67 -7.68 -26.25
C ARG B 76 -55.91 -9.00 -26.07
N GLY B 77 -55.15 -9.10 -24.97
CA GLY B 77 -54.55 -10.36 -24.58
C GLY B 77 -53.03 -10.46 -24.61
N HIS B 78 -52.34 -9.35 -24.81
CA HIS B 78 -50.88 -9.37 -24.91
C HIS B 78 -50.21 -9.01 -23.59
N GLY B 79 -48.94 -9.41 -23.46
CA GLY B 79 -48.16 -9.08 -22.28
C GLY B 79 -47.25 -7.89 -22.53
N ARG B 80 -47.22 -6.96 -21.59
CA ARG B 80 -46.40 -5.76 -21.75
C ARG B 80 -44.96 -6.00 -21.31
N ILE B 81 -44.02 -5.45 -22.07
CA ILE B 81 -42.60 -5.52 -21.74
C ILE B 81 -42.00 -4.12 -21.86
N GLU B 82 -41.08 -3.79 -20.96
CA GLU B 82 -40.42 -2.49 -20.98
C GLU B 82 -39.42 -2.42 -22.13
N ARG B 83 -39.08 -1.20 -22.54
CA ARG B 83 -38.21 -1.00 -23.69
C ARG B 83 -36.83 -1.62 -23.51
N TYR B 84 -36.27 -2.11 -24.61
CA TYR B 84 -34.90 -2.59 -24.63
C TYR B 84 -33.95 -1.41 -24.88
N PRO B 85 -32.68 -1.55 -24.49
CA PRO B 85 -31.74 -0.46 -24.75
C PRO B 85 -31.48 -0.30 -26.24
N VAL B 86 -31.15 0.91 -26.68
CA VAL B 86 -30.94 1.19 -28.10
C VAL B 86 -29.67 0.55 -28.63
N VAL B 87 -28.87 -0.02 -27.74
CA VAL B 87 -27.68 -0.76 -28.12
C VAL B 87 -27.95 -2.26 -28.07
N ALA B 88 -27.50 -2.98 -29.08
CA ALA B 88 -27.68 -4.42 -29.13
C ALA B 88 -26.69 -5.13 -28.22
N ARG B 89 -26.97 -5.14 -26.93
CA ARG B 89 -26.12 -5.83 -25.97
C ARG B 89 -26.32 -7.35 -26.02
N TRP B 90 -27.52 -7.75 -26.43
CA TRP B 90 -27.93 -9.15 -26.35
C TRP B 90 -27.59 -9.97 -27.59
N ARG B 91 -26.97 -9.32 -28.58
CA ARG B 91 -26.58 -10.02 -29.80
C ARG B 91 -25.22 -9.54 -30.31
N THR B 92 -24.72 -10.18 -31.36
CA THR B 92 -23.34 -9.93 -31.79
C THR B 92 -23.21 -9.51 -33.25
N ASP B 93 -24.27 -9.67 -34.02
CA ASP B 93 -24.24 -9.29 -35.43
C ASP B 93 -24.11 -7.78 -35.60
N ILE B 94 -24.73 -7.02 -34.70
CA ILE B 94 -24.82 -5.58 -34.85
C ILE B 94 -24.62 -4.83 -33.52
N TYR B 95 -24.70 -3.50 -33.58
CA TYR B 95 -24.56 -2.68 -32.39
C TYR B 95 -25.91 -2.12 -31.92
N LEU B 96 -26.75 -1.75 -32.89
CA LEU B 96 -27.98 -1.02 -32.58
C LEU B 96 -29.26 -1.75 -32.99
N THR B 97 -30.31 -1.59 -32.17
CA THR B 97 -31.60 -2.23 -32.42
C THR B 97 -32.31 -1.71 -33.66
N ILE B 98 -32.32 -2.53 -34.70
CA ILE B 98 -32.95 -2.14 -35.96
C ILE B 98 -34.46 -2.12 -35.84
N ALA B 99 -35.03 -3.16 -35.25
CA ALA B 99 -36.48 -3.26 -35.11
C ALA B 99 -36.89 -3.93 -33.81
N SER B 100 -38.20 -4.03 -33.58
CA SER B 100 -38.72 -4.71 -32.41
C SER B 100 -38.39 -6.20 -32.49
N ILE B 101 -38.32 -6.70 -33.72
CA ILE B 101 -37.91 -8.08 -33.97
C ILE B 101 -36.46 -8.29 -33.52
N ALA B 102 -35.65 -7.24 -33.64
CA ALA B 102 -34.23 -7.30 -33.30
C ALA B 102 -33.99 -7.65 -31.84
N ASP B 103 -34.96 -7.34 -30.99
CA ASP B 103 -34.83 -7.60 -29.56
C ASP B 103 -34.76 -9.09 -29.27
N PHE B 104 -35.38 -9.90 -30.12
CA PHE B 104 -35.60 -11.30 -29.80
C PHE B 104 -34.83 -12.26 -30.71
N GLN B 105 -34.23 -11.72 -31.77
CA GLN B 105 -33.32 -12.51 -32.58
C GLN B 105 -31.91 -12.41 -31.99
N PRO B 106 -31.08 -13.44 -32.25
CA PRO B 106 -31.43 -14.65 -32.98
C PRO B 106 -31.87 -15.78 -32.06
N PHE B 107 -32.09 -15.48 -30.79
CA PHE B 107 -32.23 -16.54 -29.79
C PHE B 107 -33.67 -16.97 -29.52
N VAL B 108 -34.62 -16.05 -29.60
CA VAL B 108 -36.02 -16.47 -29.49
C VAL B 108 -36.55 -16.82 -30.87
N THR B 109 -36.12 -16.05 -31.88
CA THR B 109 -36.61 -16.24 -33.24
C THR B 109 -36.17 -17.57 -33.85
N SER B 110 -35.10 -18.15 -33.31
CA SER B 110 -34.66 -19.47 -33.75
C SER B 110 -35.21 -20.54 -32.83
N GLY B 111 -36.11 -20.15 -31.93
CA GLY B 111 -36.75 -21.08 -31.03
C GLY B 111 -35.81 -21.69 -30.00
N VAL B 112 -34.62 -21.12 -29.88
CA VAL B 112 -33.64 -21.60 -28.91
C VAL B 112 -34.07 -21.22 -27.50
N ALA B 113 -34.70 -20.05 -27.37
CA ALA B 113 -35.19 -19.57 -26.09
C ALA B 113 -36.65 -19.15 -26.19
N PRO B 114 -37.40 -19.27 -25.09
CA PRO B 114 -38.81 -18.86 -25.09
C PRO B 114 -38.95 -17.34 -25.08
N PRO B 115 -40.11 -16.83 -25.49
CA PRO B 115 -40.39 -15.39 -25.36
C PRO B 115 -40.69 -15.01 -23.92
N PRO B 116 -40.57 -13.72 -23.59
CA PRO B 116 -40.92 -13.26 -22.23
C PRO B 116 -42.36 -13.59 -21.90
N ALA B 117 -43.24 -13.39 -22.88
CA ALA B 117 -44.65 -13.73 -22.75
C ALA B 117 -45.25 -13.90 -24.14
N ASN B 118 -46.44 -14.49 -24.20
CA ASN B 118 -47.10 -14.65 -25.48
C ASN B 118 -48.62 -14.59 -25.37
N PRO B 119 -49.24 -13.65 -26.10
CA PRO B 119 -48.57 -12.69 -26.99
C PRO B 119 -48.03 -11.49 -26.22
N LEU B 120 -47.30 -10.61 -26.89
CA LEU B 120 -46.66 -9.49 -26.20
C LEU B 120 -46.80 -8.17 -26.95
N THR B 121 -46.52 -7.07 -26.24
CA THR B 121 -46.65 -5.72 -26.80
C THR B 121 -45.62 -4.77 -26.19
N ILE B 122 -44.93 -4.03 -27.07
CA ILE B 122 -43.87 -3.13 -26.64
C ILE B 122 -43.83 -1.82 -27.42
N SER B 123 -43.19 -0.81 -26.83
CA SER B 123 -42.89 0.44 -27.52
C SER B 123 -41.37 0.57 -27.60
N GLN B 124 -40.79 -0.08 -28.60
CA GLN B 124 -39.34 -0.26 -28.68
C GLN B 124 -38.65 0.82 -29.50
N PRO B 125 -37.83 1.65 -28.85
CA PRO B 125 -37.01 2.65 -29.52
C PRO B 125 -35.98 2.01 -30.46
N CYS B 126 -35.90 2.53 -31.67
CA CYS B 126 -34.96 2.00 -32.65
C CYS B 126 -34.15 3.11 -33.31
N ILE B 127 -32.91 2.80 -33.62
CA ILE B 127 -32.09 3.68 -34.46
C ILE B 127 -31.89 3.02 -35.81
N ARG B 128 -32.22 3.75 -36.87
CA ARG B 128 -31.91 3.29 -38.22
C ARG B 128 -31.16 4.39 -38.97
N LEU B 129 -29.86 4.17 -39.14
CA LEU B 129 -28.96 5.18 -39.70
C LEU B 129 -28.80 5.09 -41.22
N ASP B 130 -29.47 4.14 -41.84
CA ASP B 130 -29.45 4.04 -43.30
C ASP B 130 -30.28 5.16 -43.91
N ASP B 131 -31.37 5.50 -43.23
CA ASP B 131 -32.27 6.54 -43.73
C ASP B 131 -31.83 7.90 -43.20
N LEU B 132 -30.53 8.02 -42.93
CA LEU B 132 -29.97 9.21 -42.32
C LEU B 132 -30.08 10.43 -43.23
N ASP B 133 -29.82 10.25 -44.52
CA ASP B 133 -29.91 11.36 -45.47
C ASP B 133 -31.35 11.84 -45.63
N SER B 134 -32.29 10.90 -45.58
CA SER B 134 -33.69 11.20 -45.80
C SER B 134 -34.29 12.01 -44.66
N VAL B 135 -33.56 12.12 -43.56
CA VAL B 135 -34.05 12.83 -42.38
C VAL B 135 -34.06 14.34 -42.59
N GLY B 136 -35.24 14.94 -42.41
CA GLY B 136 -35.40 16.38 -42.58
C GLY B 136 -36.01 16.74 -43.91
N ARG B 137 -35.66 15.97 -44.94
CA ARG B 137 -36.09 16.27 -46.31
C ARG B 137 -37.47 15.70 -46.62
N THR B 138 -37.70 14.46 -46.21
CA THR B 138 -38.97 13.79 -46.48
C THR B 138 -40.03 14.20 -45.45
N GLY B 139 -39.56 14.66 -44.29
CA GLY B 139 -40.44 15.06 -43.20
C GLY B 139 -41.17 13.91 -42.54
N ARG B 140 -40.84 12.69 -42.92
CA ARG B 140 -41.46 11.50 -42.35
C ARG B 140 -40.43 10.56 -41.78
N HIS B 141 -39.16 10.84 -42.08
CA HIS B 141 -38.06 9.98 -41.64
C HIS B 141 -37.38 10.53 -40.40
N LEU B 142 -36.96 9.60 -39.54
CA LEU B 142 -36.33 9.88 -38.26
C LEU B 142 -35.23 8.85 -38.03
N THR B 143 -34.16 9.26 -37.39
CA THR B 143 -33.07 8.34 -37.10
C THR B 143 -33.44 7.48 -35.90
N LEU B 144 -34.02 8.12 -34.90
CA LEU B 144 -34.45 7.45 -33.68
C LEU B 144 -35.96 7.58 -33.49
N PHE B 145 -36.62 6.44 -33.26
CA PHE B 145 -38.06 6.44 -33.16
C PHE B 145 -38.60 5.23 -32.41
N GLU B 146 -39.58 5.48 -31.55
CA GLU B 146 -40.31 4.40 -30.89
C GLU B 146 -41.11 3.63 -31.92
N MET B 147 -40.82 2.34 -32.05
CA MET B 147 -41.71 1.49 -32.82
C MET B 147 -42.62 0.70 -31.89
N MET B 148 -43.91 0.98 -31.98
CA MET B 148 -44.90 0.22 -31.25
C MET B 148 -45.15 -1.07 -32.02
N ALA B 149 -45.13 -2.19 -31.31
CA ALA B 149 -45.24 -3.48 -31.97
C ALA B 149 -45.84 -4.54 -31.06
N HIS B 150 -46.59 -5.47 -31.67
CA HIS B 150 -47.10 -6.62 -30.95
C HIS B 150 -46.66 -7.90 -31.65
N HIS B 151 -46.11 -8.83 -30.87
CA HIS B 151 -45.55 -10.05 -31.44
C HIS B 151 -46.18 -11.31 -30.86
N ALA B 152 -46.05 -12.41 -31.59
CA ALA B 152 -46.40 -13.73 -31.09
C ALA B 152 -45.62 -14.82 -31.81
N PHE B 153 -45.14 -15.81 -31.04
CA PHE B 153 -44.28 -16.86 -31.57
C PHE B 153 -45.01 -18.19 -31.70
N ASN B 154 -44.93 -18.78 -32.89
CA ASN B 154 -45.68 -20.00 -33.20
C ASN B 154 -44.82 -21.06 -33.92
N TYR B 155 -44.39 -22.06 -33.16
CA TYR B 155 -43.61 -23.18 -33.67
C TYR B 155 -44.52 -24.10 -34.51
N PRO B 156 -43.95 -25.15 -35.16
CA PRO B 156 -44.84 -26.08 -35.90
C PRO B 156 -45.81 -26.80 -34.97
N GLY B 157 -46.78 -26.05 -34.43
CA GLY B 157 -47.69 -26.56 -33.44
C GLY B 157 -48.68 -25.49 -33.01
N LYS B 158 -48.51 -24.99 -31.78
CA LYS B 158 -49.47 -24.03 -31.22
C LYS B 158 -49.33 -22.62 -31.78
N GLU B 159 -50.39 -21.82 -31.68
CA GLU B 159 -50.32 -20.44 -32.13
C GLU B 159 -51.27 -19.53 -31.35
N ILE B 160 -50.86 -18.28 -31.17
CA ILE B 160 -51.64 -17.31 -30.42
C ILE B 160 -52.76 -16.73 -31.28
N TYR B 161 -52.39 -16.29 -32.47
CA TYR B 161 -53.35 -15.72 -33.41
C TYR B 161 -52.73 -15.77 -34.78
N TRP B 162 -53.52 -15.54 -35.83
CA TRP B 162 -52.86 -15.45 -37.13
C TRP B 162 -53.12 -14.13 -37.85
N LYS B 163 -52.63 -14.07 -39.07
CA LYS B 163 -52.59 -12.84 -39.85
C LYS B 163 -53.98 -12.23 -40.02
N ASN B 164 -54.98 -13.09 -40.11
CA ASN B 164 -56.36 -12.65 -40.12
C ASN B 164 -56.69 -11.91 -38.83
N GLU B 165 -56.12 -12.36 -37.72
CA GLU B 165 -56.42 -11.79 -36.41
C GLU B 165 -55.59 -10.53 -36.17
N THR B 166 -54.38 -10.49 -36.71
CA THR B 166 -53.53 -9.31 -36.55
C THR B 166 -54.06 -8.14 -37.36
N VAL B 167 -54.30 -8.37 -38.64
CA VAL B 167 -54.89 -7.34 -39.49
C VAL B 167 -56.28 -7.00 -38.94
N ALA B 168 -56.89 -7.93 -38.21
CA ALA B 168 -58.14 -7.65 -37.51
C ALA B 168 -57.90 -6.64 -36.40
N TYR B 169 -56.81 -6.81 -35.66
CA TYR B 169 -56.52 -5.93 -34.54
C TYR B 169 -56.14 -4.53 -34.99
N CYS B 170 -55.42 -4.44 -36.10
CA CYS B 170 -54.97 -3.15 -36.60
C CYS B 170 -56.10 -2.35 -37.21
N THR B 171 -57.02 -3.02 -37.91
CA THR B 171 -58.20 -2.33 -38.43
C THR B 171 -59.10 -1.96 -37.27
N GLU B 172 -59.03 -2.74 -36.19
CA GLU B 172 -59.86 -2.51 -35.03
C GLU B 172 -59.48 -1.17 -34.43
N LEU B 173 -58.19 -1.02 -34.17
CA LEU B 173 -57.64 0.22 -33.67
C LEU B 173 -57.84 1.38 -34.64
N LEU B 174 -57.43 1.17 -35.88
CA LEU B 174 -57.47 2.22 -36.89
C LEU B 174 -58.89 2.79 -37.06
N ASN B 175 -59.86 1.91 -37.32
CA ASN B 175 -61.25 2.34 -37.46
C ASN B 175 -61.74 3.01 -36.19
N GLU B 176 -61.30 2.48 -35.06
CA GLU B 176 -61.65 3.04 -33.76
C GLU B 176 -61.13 4.47 -33.64
N LEU B 177 -60.02 4.73 -34.33
CA LEU B 177 -59.35 6.01 -34.21
C LEU B 177 -59.93 7.11 -35.11
N GLY B 178 -60.78 6.71 -36.05
CA GLY B 178 -61.43 7.68 -36.90
C GLY B 178 -61.14 7.54 -38.38
N VAL B 179 -60.12 6.75 -38.73
CA VAL B 179 -59.87 6.48 -40.13
C VAL B 179 -60.90 5.48 -40.66
N LYS B 180 -61.43 5.77 -41.84
CA LYS B 180 -62.46 4.93 -42.42
C LYS B 180 -61.86 3.62 -42.93
N LYS B 181 -62.67 2.57 -42.94
CA LYS B 181 -62.30 1.29 -43.54
C LYS B 181 -61.81 1.49 -44.97
N GLU B 182 -62.55 2.32 -45.70
CA GLU B 182 -62.39 2.47 -47.14
C GLU B 182 -61.05 3.06 -47.58
N ASP B 183 -60.63 4.13 -46.91
CA ASP B 183 -59.44 4.85 -47.33
C ASP B 183 -58.13 4.08 -47.14
N ILE B 184 -58.04 3.34 -46.05
CA ILE B 184 -56.80 2.64 -45.70
C ILE B 184 -56.36 1.65 -46.77
N VAL B 185 -55.09 1.74 -47.16
CA VAL B 185 -54.57 0.89 -48.22
C VAL B 185 -53.44 0.00 -47.73
N TYR B 186 -53.46 -1.26 -48.16
CA TYR B 186 -52.47 -2.24 -47.72
C TYR B 186 -51.57 -2.66 -48.87
N LYS B 187 -50.32 -2.21 -48.84
CA LYS B 187 -49.38 -2.42 -49.93
C LYS B 187 -48.46 -3.60 -49.72
N GLU B 188 -48.53 -4.56 -50.62
CA GLU B 188 -47.75 -5.78 -50.51
C GLU B 188 -46.28 -5.60 -50.88
N GLU B 189 -45.40 -6.17 -50.06
CA GLU B 189 -43.96 -6.06 -50.24
C GLU B 189 -43.20 -7.08 -49.39
N PRO B 190 -41.92 -7.30 -49.71
CA PRO B 190 -41.09 -8.09 -48.78
C PRO B 190 -40.54 -7.21 -47.66
N TRP B 191 -40.13 -7.82 -46.56
CA TRP B 191 -39.44 -7.09 -45.50
C TRP B 191 -38.30 -7.91 -44.93
N ALA B 192 -37.10 -7.33 -44.92
CA ALA B 192 -35.92 -8.06 -44.47
C ALA B 192 -35.20 -7.33 -43.34
N GLY B 193 -34.21 -8.00 -42.75
CA GLY B 193 -33.37 -7.38 -41.75
C GLY B 193 -33.00 -8.24 -40.55
N GLY B 194 -31.74 -8.11 -40.13
CA GLY B 194 -31.27 -8.76 -38.91
C GLY B 194 -31.19 -10.26 -38.97
N GLY B 195 -31.00 -10.80 -40.17
CA GLY B 195 -30.89 -12.25 -40.34
C GLY B 195 -32.24 -12.91 -40.58
N ASN B 196 -33.32 -12.17 -40.34
CA ASN B 196 -34.67 -12.69 -40.54
C ASN B 196 -35.45 -11.79 -41.50
N ALA B 197 -36.60 -12.27 -41.97
CA ALA B 197 -37.37 -11.59 -43.01
C ALA B 197 -38.61 -12.40 -43.42
N GLY B 198 -39.58 -11.73 -44.03
CA GLY B 198 -40.73 -12.43 -44.59
C GLY B 198 -41.67 -11.51 -45.34
N PRO B 199 -42.66 -12.11 -46.04
CA PRO B 199 -43.66 -11.32 -46.78
C PRO B 199 -44.41 -10.35 -45.87
N CYS B 200 -44.48 -9.08 -46.25
CA CYS B 200 -45.11 -8.08 -45.39
C CYS B 200 -46.18 -7.24 -46.11
N LEU B 201 -47.05 -6.62 -45.31
CA LEU B 201 -48.09 -5.75 -45.83
C LEU B 201 -47.98 -4.39 -45.15
N GLU B 202 -47.73 -3.35 -45.93
CA GLU B 202 -47.52 -2.02 -45.37
C GLU B 202 -48.81 -1.22 -45.34
N ALA B 203 -49.23 -0.85 -44.14
CA ALA B 203 -50.47 -0.10 -43.96
C ALA B 203 -50.24 1.38 -44.20
N ILE B 204 -50.89 1.92 -45.22
CA ILE B 204 -50.73 3.33 -45.56
C ILE B 204 -52.04 4.08 -45.37
N VAL B 205 -51.99 5.22 -44.72
CA VAL B 205 -53.16 6.04 -44.53
C VAL B 205 -52.89 7.48 -44.96
N GLY B 206 -53.69 7.96 -45.91
CA GLY B 206 -53.52 9.30 -46.46
C GLY B 206 -52.13 9.50 -47.02
N GLY B 207 -51.67 8.55 -47.83
CA GLY B 207 -50.39 8.67 -48.51
C GLY B 207 -49.16 8.51 -47.62
N LEU B 208 -49.35 8.07 -46.39
CA LEU B 208 -48.22 7.83 -45.49
C LEU B 208 -48.21 6.41 -44.96
N GLU B 209 -47.10 5.70 -45.19
CA GLU B 209 -46.93 4.36 -44.65
C GLU B 209 -46.80 4.45 -43.14
N VAL B 210 -47.85 4.04 -42.43
CA VAL B 210 -47.93 4.25 -41.00
C VAL B 210 -47.62 2.97 -40.22
N ALA B 211 -48.24 1.86 -40.64
CA ALA B 211 -47.96 0.58 -40.03
C ALA B 211 -47.29 -0.38 -41.00
N THR B 212 -46.58 -1.38 -40.47
CA THR B 212 -45.94 -2.39 -41.28
C THR B 212 -46.11 -3.75 -40.63
N LEU B 213 -46.75 -4.68 -41.34
CA LEU B 213 -47.08 -5.99 -40.79
C LEU B 213 -46.31 -7.11 -41.49
N VAL B 214 -45.25 -7.60 -40.85
CA VAL B 214 -44.38 -8.59 -41.46
C VAL B 214 -44.61 -9.99 -40.92
N PHE B 215 -44.79 -10.95 -41.83
CA PHE B 215 -44.90 -12.35 -41.45
C PHE B 215 -43.66 -13.08 -41.97
N MET B 216 -42.89 -13.68 -41.06
CA MET B 216 -41.64 -14.30 -41.44
C MET B 216 -41.62 -15.79 -41.18
N ASN B 217 -41.12 -16.55 -42.16
CA ASN B 217 -41.09 -18.00 -42.02
C ASN B 217 -39.75 -18.62 -42.42
N LEU B 218 -38.73 -17.79 -42.55
CA LEU B 218 -37.43 -18.26 -43.03
C LEU B 218 -36.30 -17.91 -42.07
N GLU B 219 -35.05 -18.23 -42.43
CA GLU B 219 -33.86 -17.78 -41.69
C GLU B 219 -32.64 -17.77 -42.60
N GLU B 220 -31.77 -16.78 -42.41
CA GLU B 220 -30.59 -16.62 -43.26
C GLU B 220 -29.71 -17.86 -43.19
N HIS B 221 -29.21 -18.28 -44.35
CA HIS B 221 -28.48 -19.54 -44.45
C HIS B 221 -27.70 -19.64 -45.77
N PRO B 222 -26.64 -20.47 -45.79
CA PRO B 222 -25.88 -20.68 -47.03
C PRO B 222 -26.65 -21.38 -48.15
N GLU B 223 -27.71 -22.12 -47.81
CA GLU B 223 -28.54 -22.72 -48.85
C GLU B 223 -29.22 -21.60 -49.64
N GLY B 224 -29.88 -20.71 -48.92
CA GLY B 224 -30.46 -19.50 -49.49
C GLY B 224 -31.24 -19.70 -50.77
N ASP B 225 -32.23 -20.59 -50.72
CA ASP B 225 -33.08 -20.87 -51.86
C ASP B 225 -33.67 -19.59 -52.45
N ILE B 226 -34.15 -18.73 -51.57
CA ILE B 226 -34.81 -17.49 -51.98
C ILE B 226 -33.86 -16.29 -51.89
N GLU B 227 -33.75 -15.55 -52.99
CA GLU B 227 -32.89 -14.36 -53.04
C GLU B 227 -33.59 -13.12 -52.53
N ILE B 228 -33.07 -12.59 -51.42
CA ILE B 228 -33.65 -11.40 -50.79
C ILE B 228 -32.57 -10.33 -50.57
N LYS B 229 -32.55 -9.34 -51.45
CA LYS B 229 -31.57 -8.24 -51.39
C LYS B 229 -30.13 -8.75 -51.38
N GLY B 230 -29.82 -9.65 -52.30
CA GLY B 230 -28.49 -10.22 -52.40
C GLY B 230 -28.12 -11.10 -51.22
N ALA B 231 -29.03 -11.21 -50.25
CA ALA B 231 -28.80 -12.00 -49.06
C ALA B 231 -29.56 -13.32 -49.16
N ARG B 232 -28.93 -14.41 -48.76
CA ARG B 232 -29.51 -15.72 -48.96
C ARG B 232 -30.34 -16.20 -47.77
N TYR B 233 -31.58 -16.55 -48.07
CA TYR B 233 -32.61 -16.68 -47.07
C TYR B 233 -33.45 -17.94 -47.27
N ARG B 234 -33.65 -18.73 -46.21
CA ARG B 234 -34.27 -20.05 -46.35
C ARG B 234 -35.24 -20.41 -45.22
N LYS B 235 -36.29 -21.15 -45.59
CA LYS B 235 -37.44 -21.40 -44.72
C LYS B 235 -37.11 -21.98 -43.36
N MET B 236 -37.80 -21.44 -42.35
CA MET B 236 -37.64 -21.85 -40.97
C MET B 236 -38.87 -22.63 -40.53
N ASP B 237 -38.64 -23.68 -39.77
CA ASP B 237 -39.68 -24.50 -39.18
C ASP B 237 -40.76 -23.65 -38.49
N ASN B 238 -40.38 -22.96 -37.43
CA ASN B 238 -41.29 -22.06 -36.71
C ASN B 238 -41.77 -20.92 -37.60
N TYR B 239 -42.97 -20.40 -37.34
CA TYR B 239 -43.43 -19.18 -38.02
C TYR B 239 -43.87 -18.13 -37.00
N ILE B 240 -43.86 -16.86 -37.40
CA ILE B 240 -43.86 -15.77 -36.42
C ILE B 240 -44.44 -14.46 -36.96
N VAL B 241 -45.25 -13.79 -36.15
CA VAL B 241 -45.82 -12.51 -36.55
C VAL B 241 -44.96 -11.37 -36.00
N ASP B 242 -44.64 -10.43 -36.88
CA ASP B 242 -43.83 -9.27 -36.51
C ASP B 242 -44.47 -8.00 -37.03
N THR B 243 -44.85 -7.12 -36.12
CA THR B 243 -45.52 -5.89 -36.52
C THR B 243 -44.65 -4.67 -36.29
N GLY B 244 -45.13 -3.53 -36.78
CA GLY B 244 -44.40 -2.28 -36.64
C GLY B 244 -45.31 -1.07 -36.74
N TYR B 245 -45.26 -0.23 -35.71
CA TYR B 245 -46.02 1.01 -35.72
C TYR B 245 -45.11 2.18 -35.34
N GLY B 246 -45.03 3.18 -36.20
CA GLY B 246 -44.30 4.39 -35.88
C GLY B 246 -45.16 5.29 -35.00
N LEU B 247 -44.84 5.31 -33.70
CA LEU B 247 -45.57 6.15 -32.76
C LEU B 247 -45.62 7.58 -33.25
N GLU B 248 -44.47 8.05 -33.72
CA GLU B 248 -44.35 9.40 -34.27
C GLU B 248 -45.37 9.65 -35.36
N ARG B 249 -45.36 8.80 -36.38
CA ARG B 249 -46.23 8.93 -37.54
C ARG B 249 -47.72 8.93 -37.17
N PHE B 250 -48.05 8.31 -36.04
CA PHE B 250 -49.42 8.30 -35.52
C PHE B 250 -49.80 9.64 -34.90
N VAL B 251 -49.05 10.04 -33.88
CA VAL B 251 -49.21 11.36 -33.27
C VAL B 251 -49.08 12.39 -34.35
N TRP B 252 -48.21 12.10 -35.31
CA TRP B 252 -48.05 12.98 -36.44
C TRP B 252 -49.34 13.17 -37.20
N ALA B 253 -49.95 12.06 -37.57
CA ALA B 253 -51.16 12.10 -38.37
C ALA B 253 -52.36 12.51 -37.53
N SER B 254 -52.15 12.68 -36.23
CA SER B 254 -53.23 13.03 -35.32
C SER B 254 -53.36 14.54 -35.13
N LYS B 255 -52.23 15.21 -35.05
CA LYS B 255 -52.23 16.65 -34.80
C LYS B 255 -52.43 17.45 -36.09
N GLY B 256 -52.07 16.86 -37.22
CA GLY B 256 -52.30 17.47 -38.52
C GLY B 256 -51.47 18.73 -38.76
N THR B 257 -50.20 18.65 -38.41
CA THR B 257 -49.24 19.76 -38.48
C THR B 257 -48.48 19.55 -39.83
N PRO B 258 -47.46 20.38 -40.17
CA PRO B 258 -46.71 20.10 -41.42
C PRO B 258 -45.55 19.06 -41.45
N THR B 259 -44.63 19.02 -40.49
CA THR B 259 -43.53 18.05 -40.58
C THR B 259 -43.31 17.33 -39.21
N VAL B 260 -43.35 15.98 -39.20
CA VAL B 260 -43.45 15.13 -37.98
C VAL B 260 -42.81 15.74 -36.74
N TYR B 261 -41.67 16.38 -36.96
CA TYR B 261 -40.96 17.11 -35.93
C TYR B 261 -41.84 18.15 -35.24
N ASP B 262 -42.68 18.81 -36.02
CA ASP B 262 -43.55 19.87 -35.50
C ASP B 262 -44.72 19.38 -34.65
N ALA B 263 -44.76 18.09 -34.33
CA ALA B 263 -45.86 17.57 -33.52
C ALA B 263 -45.40 16.58 -32.46
N ILE B 264 -44.18 16.06 -32.58
CA ILE B 264 -43.65 15.21 -31.54
C ILE B 264 -42.67 15.99 -30.67
N PHE B 265 -41.89 16.89 -31.28
CA PHE B 265 -41.10 17.85 -30.50
C PHE B 265 -41.06 19.25 -31.15
N PRO B 266 -42.17 19.95 -31.11
CA PRO B 266 -42.22 21.33 -31.62
C PRO B 266 -41.29 22.24 -30.83
N GLU B 267 -41.15 21.98 -29.53
CA GLU B 267 -40.41 22.87 -28.64
C GLU B 267 -38.97 22.98 -29.08
N VAL B 268 -38.38 21.86 -29.48
CA VAL B 268 -37.01 21.86 -29.99
C VAL B 268 -36.86 22.60 -31.32
N VAL B 269 -37.77 22.34 -32.25
CA VAL B 269 -37.69 22.97 -33.56
C VAL B 269 -37.85 24.48 -33.46
N ASP B 270 -38.80 24.91 -32.63
CA ASP B 270 -39.03 26.33 -32.43
C ASP B 270 -37.84 27.02 -31.80
N THR B 271 -37.26 26.39 -30.77
CA THR B 271 -36.10 26.98 -30.11
C THR B 271 -34.87 27.06 -31.00
N ILE B 272 -34.59 26.04 -31.80
CA ILE B 272 -33.43 26.19 -32.67
C ILE B 272 -33.62 27.38 -33.59
N ILE B 273 -34.81 27.50 -34.18
CA ILE B 273 -35.16 28.67 -34.99
C ILE B 273 -34.90 29.96 -34.23
N ASP B 274 -35.37 29.99 -32.99
CA ASP B 274 -35.28 31.18 -32.15
C ASP B 274 -33.85 31.59 -31.81
N ASN B 275 -32.92 30.63 -31.92
CA ASN B 275 -31.52 30.87 -31.56
C ASN B 275 -30.55 30.51 -32.69
N SER B 276 -31.02 30.54 -33.93
CA SER B 276 -30.16 30.27 -35.09
C SER B 276 -29.98 31.54 -35.93
N ASN B 277 -29.47 31.38 -37.15
CA ASN B 277 -29.29 32.54 -38.03
C ASN B 277 -30.38 32.60 -39.11
N VAL B 278 -31.42 31.80 -38.93
CA VAL B 278 -32.54 31.80 -39.86
C VAL B 278 -33.21 33.17 -39.88
N SER B 279 -33.43 33.70 -41.07
CA SER B 279 -33.88 35.09 -41.22
C SER B 279 -35.39 35.27 -41.06
N PHE B 280 -36.16 34.31 -41.56
CA PHE B 280 -37.61 34.47 -41.54
C PHE B 280 -38.21 34.16 -40.18
N ASN B 281 -39.52 34.38 -40.06
CA ASN B 281 -40.25 34.14 -38.82
C ASN B 281 -41.28 33.04 -39.00
N ARG B 282 -41.27 32.07 -38.10
CA ARG B 282 -42.20 30.95 -38.16
C ARG B 282 -43.64 31.38 -37.87
N GLU B 283 -43.79 32.34 -36.98
CA GLU B 283 -45.12 32.83 -36.59
C GLU B 283 -45.84 33.52 -37.74
N ASP B 284 -45.07 34.23 -38.57
CA ASP B 284 -45.61 34.96 -39.71
C ASP B 284 -46.46 34.05 -40.59
N GLU B 285 -47.59 34.58 -41.06
CA GLU B 285 -48.58 33.75 -41.74
C GLU B 285 -48.19 33.37 -43.17
N ARG B 286 -47.56 34.29 -43.88
CA ARG B 286 -47.21 34.02 -45.27
C ARG B 286 -46.23 32.85 -45.36
N VAL B 287 -45.38 32.71 -44.34
CA VAL B 287 -44.42 31.63 -44.34
C VAL B 287 -45.07 30.33 -43.87
N ARG B 288 -46.17 30.48 -43.13
CA ARG B 288 -46.93 29.33 -42.67
C ARG B 288 -47.68 28.74 -43.85
N ARG B 289 -47.99 29.60 -44.81
CA ARG B 289 -48.69 29.16 -46.01
C ARG B 289 -47.76 28.31 -46.86
N ILE B 290 -46.58 28.84 -47.18
CA ILE B 290 -45.64 28.17 -48.08
C ILE B 290 -45.09 26.88 -47.47
N VAL B 291 -44.95 26.83 -46.14
CA VAL B 291 -44.48 25.59 -45.53
C VAL B 291 -45.57 24.53 -45.62
N ALA B 292 -46.81 24.96 -45.43
CA ALA B 292 -47.96 24.07 -45.46
C ALA B 292 -48.05 23.38 -46.82
N GLU B 293 -47.85 24.15 -47.87
CA GLU B 293 -47.91 23.64 -49.23
C GLU B 293 -46.65 22.84 -49.55
N SER B 294 -45.52 23.33 -49.07
CA SER B 294 -44.27 22.59 -49.26
C SER B 294 -44.33 21.25 -48.53
N SER B 295 -44.95 21.24 -47.36
CA SER B 295 -45.05 20.01 -46.57
C SER B 295 -45.92 18.97 -47.24
N LYS B 296 -46.95 19.42 -47.96
CA LYS B 296 -47.88 18.51 -48.64
C LYS B 296 -47.15 17.55 -49.57
N LEU B 297 -46.08 18.04 -50.17
CA LEU B 297 -45.36 17.29 -51.17
C LEU B 297 -43.92 16.98 -50.75
N ALA B 298 -43.60 17.27 -49.49
CA ALA B 298 -42.24 17.05 -48.99
C ALA B 298 -41.83 15.58 -49.12
N GLY B 299 -42.80 14.68 -49.06
CA GLY B 299 -42.56 13.25 -49.11
C GLY B 299 -41.80 12.78 -50.34
N ILE B 300 -42.14 13.30 -51.51
CA ILE B 300 -41.50 12.86 -52.74
C ILE B 300 -40.12 13.52 -52.92
N MET B 301 -40.05 14.83 -52.71
CA MET B 301 -38.82 15.56 -52.98
C MET B 301 -37.67 15.12 -52.08
N GLY B 302 -38.01 14.49 -50.96
CA GLY B 302 -37.00 13.96 -50.06
C GLY B 302 -36.20 12.86 -50.72
N GLU B 303 -36.83 12.17 -51.66
CA GLU B 303 -36.19 11.06 -52.36
C GLU B 303 -35.68 11.48 -53.74
N LEU B 304 -35.72 12.78 -54.01
CA LEU B 304 -35.22 13.31 -55.28
C LEU B 304 -34.12 14.35 -55.06
N ARG B 305 -33.00 14.15 -55.74
CA ARG B 305 -31.92 15.14 -55.72
C ARG B 305 -31.26 15.33 -57.07
N GLY B 306 -30.80 16.56 -57.33
CA GLY B 306 -30.19 16.91 -58.60
C GLY B 306 -30.90 18.07 -59.25
N GLU B 307 -31.32 17.88 -60.49
CA GLU B 307 -32.10 18.88 -61.21
C GLU B 307 -33.54 18.41 -61.31
N ARG B 308 -33.72 17.10 -61.17
CA ARG B 308 -35.05 16.53 -61.06
C ARG B 308 -35.75 17.11 -59.84
N LEU B 309 -34.98 17.30 -58.77
CA LEU B 309 -35.54 17.93 -57.57
C LEU B 309 -35.95 19.35 -57.88
N ASN B 310 -35.13 20.01 -58.70
CA ASN B 310 -35.35 21.41 -59.00
C ASN B 310 -36.69 21.59 -59.68
N GLN B 311 -37.03 20.64 -60.55
CA GLN B 311 -38.28 20.68 -61.29
C GLN B 311 -39.46 20.44 -60.36
N LEU B 312 -39.28 19.54 -59.39
CA LEU B 312 -40.32 19.32 -58.40
C LEU B 312 -40.54 20.60 -57.62
N ARG B 313 -39.42 21.17 -57.15
CA ARG B 313 -39.47 22.40 -56.38
C ARG B 313 -40.05 23.54 -57.22
N LYS B 314 -39.94 23.44 -58.54
CA LYS B 314 -40.56 24.41 -59.43
C LYS B 314 -42.07 24.17 -59.49
N SER B 315 -42.45 22.91 -59.67
CA SER B 315 -43.85 22.54 -59.81
C SER B 315 -44.66 22.94 -58.60
N VAL B 316 -44.05 22.85 -57.41
CA VAL B 316 -44.74 23.30 -56.21
C VAL B 316 -44.67 24.82 -56.11
N ALA B 317 -43.48 25.38 -56.30
CA ALA B 317 -43.28 26.82 -56.18
C ALA B 317 -44.33 27.60 -56.95
N ASP B 318 -44.73 27.06 -58.10
CA ASP B 318 -45.74 27.68 -58.93
C ASP B 318 -47.14 27.61 -58.31
N THR B 319 -47.56 26.41 -57.91
CA THR B 319 -48.93 26.19 -57.47
C THR B 319 -49.29 27.07 -56.27
N VAL B 320 -48.30 27.43 -55.46
CA VAL B 320 -48.49 28.42 -54.42
C VAL B 320 -48.41 29.80 -55.02
N GLY B 321 -47.44 29.99 -55.90
CA GLY B 321 -47.16 31.30 -56.47
C GLY B 321 -46.00 31.96 -55.76
N VAL B 322 -44.97 31.19 -55.48
CA VAL B 322 -43.75 31.74 -54.88
C VAL B 322 -42.56 31.34 -55.74
N SER B 323 -41.46 32.07 -55.64
CA SER B 323 -40.30 31.82 -56.49
C SER B 323 -39.40 30.74 -55.89
N VAL B 324 -38.68 30.04 -56.77
CA VAL B 324 -37.78 28.97 -56.35
C VAL B 324 -36.68 29.48 -55.45
N GLU B 325 -35.94 30.49 -55.93
CA GLU B 325 -34.83 31.08 -55.18
C GLU B 325 -35.28 31.58 -53.81
N GLU B 326 -36.55 31.92 -53.70
CA GLU B 326 -37.12 32.30 -52.41
C GLU B 326 -37.44 31.04 -51.61
N LEU B 327 -38.01 30.06 -52.29
CA LEU B 327 -38.40 28.79 -51.66
C LEU B 327 -37.21 28.11 -50.98
N GLU B 328 -36.03 28.18 -51.62
CA GLU B 328 -34.79 27.69 -51.01
C GLU B 328 -34.62 28.30 -49.62
N GLY B 329 -35.12 29.52 -49.46
CA GLY B 329 -34.99 30.25 -48.21
C GLY B 329 -35.68 29.61 -47.03
N ILE B 330 -36.72 28.81 -47.27
CA ILE B 330 -37.36 28.12 -46.15
C ILE B 330 -36.94 26.65 -46.13
N VAL B 331 -36.95 25.99 -47.28
CA VAL B 331 -36.71 24.56 -47.29
C VAL B 331 -35.30 24.14 -46.91
N VAL B 332 -34.29 24.85 -47.40
CA VAL B 332 -32.93 24.36 -47.12
C VAL B 332 -32.47 24.62 -45.68
N PRO B 333 -32.94 25.71 -45.02
CA PRO B 333 -32.50 25.72 -43.62
C PRO B 333 -33.50 25.03 -42.68
N LEU B 334 -34.78 25.02 -43.02
CA LEU B 334 -35.79 24.40 -42.15
C LEU B 334 -35.67 22.89 -42.13
N GLU B 335 -35.06 22.33 -43.16
CA GLU B 335 -34.80 20.90 -43.15
C GLU B 335 -33.59 20.66 -42.26
N LYS B 336 -32.73 21.68 -42.20
CA LYS B 336 -31.56 21.61 -41.34
C LYS B 336 -31.92 21.75 -39.86
N VAL B 337 -32.93 22.53 -39.52
CA VAL B 337 -33.34 22.59 -38.12
C VAL B 337 -33.98 21.25 -37.73
N TYR B 338 -34.59 20.60 -38.72
CA TYR B 338 -35.20 19.29 -38.53
C TYR B 338 -34.14 18.23 -38.25
N SER B 339 -33.09 18.24 -39.05
CA SER B 339 -32.00 17.27 -38.92
C SER B 339 -31.33 17.34 -37.56
N LEU B 340 -30.99 18.55 -37.12
CA LEU B 340 -30.30 18.75 -35.84
C LEU B 340 -31.14 18.26 -34.67
N ALA B 341 -32.43 18.55 -34.70
CA ALA B 341 -33.33 18.21 -33.61
C ALA B 341 -33.53 16.70 -33.49
N ASP B 342 -33.79 16.05 -34.62
CA ASP B 342 -33.88 14.58 -34.65
C ASP B 342 -32.56 13.94 -34.24
N HIS B 343 -31.46 14.50 -34.73
CA HIS B 343 -30.15 13.97 -34.39
C HIS B 343 -29.93 14.11 -32.89
N THR B 344 -30.25 15.28 -32.36
CA THR B 344 -30.16 15.57 -30.93
C THR B 344 -30.91 14.54 -30.11
N ARG B 345 -32.11 14.19 -30.58
CA ARG B 345 -32.91 13.14 -29.96
C ARG B 345 -32.09 11.85 -29.97
N CYS B 346 -31.57 11.51 -31.16
CA CYS B 346 -30.78 10.30 -31.34
C CYS B 346 -29.54 10.32 -30.46
N ILE B 347 -29.02 11.52 -30.20
CA ILE B 347 -27.88 11.66 -29.29
C ILE B 347 -28.28 11.28 -27.87
N LEU B 348 -29.46 11.73 -27.45
CA LEU B 348 -29.95 11.44 -26.09
C LEU B 348 -30.04 9.95 -25.83
N PHE B 349 -30.66 9.23 -26.77
CA PHE B 349 -30.84 7.80 -26.64
C PHE B 349 -29.53 7.03 -26.77
N MET B 350 -28.68 7.47 -27.70
CA MET B 350 -27.40 6.80 -27.91
C MET B 350 -26.53 6.88 -26.66
N LEU B 351 -26.34 8.08 -26.13
CA LEU B 351 -25.47 8.27 -24.97
C LEU B 351 -26.15 7.90 -23.66
N GLY B 352 -27.45 8.17 -23.58
CA GLY B 352 -28.22 7.85 -22.39
C GLY B 352 -28.37 6.36 -22.15
N ASP B 353 -28.05 5.55 -23.16
CA ASP B 353 -28.11 4.10 -23.02
C ASP B 353 -26.73 3.46 -23.01
N GLY B 354 -25.71 4.25 -22.66
CA GLY B 354 -24.39 3.69 -22.38
C GLY B 354 -23.36 3.71 -23.48
N LEU B 355 -23.57 4.50 -24.53
CA LEU B 355 -22.56 4.66 -25.57
C LEU B 355 -21.49 5.67 -25.17
N VAL B 356 -20.27 5.42 -25.58
CA VAL B 356 -19.18 6.37 -25.41
C VAL B 356 -18.45 6.53 -26.75
N PRO B 357 -18.46 7.75 -27.30
CA PRO B 357 -17.91 8.08 -28.61
C PRO B 357 -16.46 7.62 -28.79
N SER B 358 -16.19 6.94 -29.89
CA SER B 358 -14.86 6.42 -30.18
C SER B 358 -14.69 6.20 -31.67
N ASN B 359 -13.47 5.98 -32.13
CA ASN B 359 -13.22 5.84 -33.57
C ASN B 359 -13.55 4.45 -34.11
N ALA B 360 -13.91 3.55 -33.21
CA ALA B 360 -14.35 2.22 -33.59
C ALA B 360 -15.40 1.70 -32.62
N GLY B 361 -16.17 0.71 -33.05
CA GLY B 361 -17.26 0.19 -32.25
C GLY B 361 -18.50 1.03 -32.43
N ALA B 362 -19.51 0.82 -31.59
CA ALA B 362 -20.73 1.62 -31.65
C ALA B 362 -20.47 3.05 -31.20
N GLY B 363 -19.36 3.25 -30.51
CA GLY B 363 -18.91 4.59 -30.16
C GLY B 363 -18.68 5.43 -31.40
N TYR B 364 -18.38 4.75 -32.51
CA TYR B 364 -18.21 5.42 -33.79
C TYR B 364 -19.53 6.02 -34.27
N LEU B 365 -20.60 5.27 -34.07
CA LEU B 365 -21.93 5.72 -34.47
C LEU B 365 -22.41 6.88 -33.61
N ALA B 366 -22.07 6.83 -32.32
CA ALA B 366 -22.40 7.91 -31.40
C ALA B 366 -21.63 9.17 -31.76
N ARG B 367 -20.33 9.00 -32.01
CA ARG B 367 -19.47 10.10 -32.43
C ARG B 367 -19.95 10.72 -33.74
N LEU B 368 -20.29 9.87 -34.70
CA LEU B 368 -20.82 10.32 -36.00
C LEU B 368 -21.98 11.28 -35.84
N MET B 369 -22.98 10.84 -35.07
CA MET B 369 -24.20 11.63 -34.89
C MET B 369 -23.89 12.94 -34.18
N ILE B 370 -22.93 12.90 -33.26
CA ILE B 370 -22.48 14.11 -32.57
C ILE B 370 -21.77 15.06 -33.53
N ARG B 371 -20.76 14.55 -34.23
CA ARG B 371 -19.95 15.36 -35.12
C ARG B 371 -20.78 16.04 -36.20
N ARG B 372 -21.71 15.29 -36.79
CA ARG B 372 -22.62 15.85 -37.80
C ARG B 372 -23.51 16.92 -37.20
N SER B 373 -23.99 16.66 -35.98
CA SER B 373 -24.82 17.61 -35.25
C SER B 373 -24.07 18.90 -34.98
N LEU B 374 -22.82 18.78 -34.56
CA LEU B 374 -21.96 19.93 -34.33
C LEU B 374 -21.82 20.75 -35.59
N ARG B 375 -21.61 20.07 -36.72
CA ARG B 375 -21.47 20.72 -38.01
C ARG B 375 -22.71 21.53 -38.34
N LEU B 376 -23.88 20.95 -38.05
CA LEU B 376 -25.14 21.64 -38.29
C LEU B 376 -25.29 22.87 -37.42
N ALA B 377 -24.78 22.78 -36.20
CA ALA B 377 -24.82 23.90 -35.27
C ALA B 377 -24.07 25.09 -35.83
N GLU B 378 -22.93 24.80 -36.47
CA GLU B 378 -22.12 25.85 -37.08
C GLU B 378 -22.73 26.37 -38.37
N GLU B 379 -23.57 25.55 -38.98
CA GLU B 379 -24.28 25.96 -40.20
C GLU B 379 -25.48 26.82 -39.85
N LEU B 380 -25.80 26.86 -38.56
CA LEU B 380 -26.90 27.67 -38.07
C LEU B 380 -26.37 28.73 -37.12
N GLU B 381 -25.10 28.59 -36.74
CA GLU B 381 -24.44 29.51 -35.82
C GLU B 381 -25.26 29.65 -34.54
N LEU B 382 -25.73 28.51 -34.04
CA LEU B 382 -26.58 28.44 -32.87
C LEU B 382 -25.93 29.09 -31.66
N GLY B 383 -26.73 29.86 -30.91
CA GLY B 383 -26.23 30.51 -29.70
C GLY B 383 -26.22 29.55 -28.52
N LEU B 384 -26.82 28.37 -28.73
CA LEU B 384 -26.93 27.37 -27.68
C LEU B 384 -25.79 26.36 -27.71
N ASP B 385 -25.85 25.42 -26.78
CA ASP B 385 -25.06 24.20 -26.87
C ASP B 385 -26.02 23.08 -27.25
N LEU B 386 -25.48 21.95 -27.66
CA LEU B 386 -26.34 20.80 -27.98
C LEU B 386 -27.03 20.28 -26.74
N TYR B 387 -26.28 20.25 -25.64
CA TYR B 387 -26.77 19.72 -24.37
C TYR B 387 -28.08 20.37 -23.94
N ASP B 388 -28.24 21.65 -24.26
CA ASP B 388 -29.48 22.35 -23.98
C ASP B 388 -30.65 21.68 -24.69
N LEU B 389 -30.44 21.36 -25.96
CA LEU B 389 -31.45 20.69 -26.77
C LEU B 389 -31.72 19.28 -26.24
N VAL B 390 -30.65 18.57 -25.92
CA VAL B 390 -30.73 17.21 -25.38
C VAL B 390 -31.57 17.17 -24.11
N GLU B 391 -31.26 18.06 -23.18
CA GLU B 391 -31.97 18.15 -21.91
C GLU B 391 -33.45 18.43 -22.16
N MET B 392 -33.72 19.32 -23.12
CA MET B 392 -35.08 19.63 -23.53
C MET B 392 -35.81 18.38 -23.96
N HIS B 393 -35.14 17.55 -24.76
CA HIS B 393 -35.69 16.28 -25.20
C HIS B 393 -36.04 15.40 -24.00
N LYS B 394 -35.04 15.13 -23.17
CA LYS B 394 -35.20 14.27 -22.00
C LYS B 394 -36.43 14.66 -21.18
N LYS B 395 -36.65 15.97 -21.03
CA LYS B 395 -37.84 16.47 -20.38
C LYS B 395 -39.08 16.07 -21.17
N ILE B 396 -39.12 16.49 -22.43
CA ILE B 396 -40.24 16.25 -23.33
C ILE B 396 -40.75 14.81 -23.28
N LEU B 397 -39.83 13.87 -23.19
CA LEU B 397 -40.18 12.45 -23.29
C LEU B 397 -40.52 11.81 -21.96
N GLY B 398 -39.83 12.24 -20.90
CA GLY B 398 -40.10 11.72 -19.57
C GLY B 398 -39.53 10.34 -19.37
N PHE B 399 -38.62 9.94 -20.26
CA PHE B 399 -37.91 8.69 -20.13
C PHE B 399 -36.76 8.84 -19.14
N GLU B 400 -36.54 7.81 -18.33
CA GLU B 400 -35.38 7.81 -17.45
C GLU B 400 -34.29 6.92 -18.01
N PHE B 401 -33.04 7.38 -17.91
CA PHE B 401 -31.92 6.72 -18.57
C PHE B 401 -30.90 6.19 -17.56
N ASP B 402 -30.13 5.19 -17.99
CA ASP B 402 -29.03 4.67 -17.19
C ASP B 402 -27.99 5.75 -16.95
N VAL B 403 -27.55 6.36 -18.05
CA VAL B 403 -26.54 7.40 -18.01
C VAL B 403 -27.16 8.76 -17.67
N PRO B 404 -26.67 9.40 -16.59
CA PRO B 404 -27.23 10.67 -16.12
C PRO B 404 -26.85 11.85 -17.02
N LEU B 405 -27.51 12.99 -16.82
CA LEU B 405 -27.31 14.15 -17.69
C LEU B 405 -25.95 14.80 -17.51
N SER B 406 -25.43 14.82 -16.29
CA SER B 406 -24.15 15.44 -16.03
C SER B 406 -23.05 14.77 -16.85
N THR B 407 -23.16 13.45 -17.01
CA THR B 407 -22.19 12.70 -17.79
C THR B 407 -22.29 13.02 -19.27
N VAL B 408 -23.51 13.00 -19.81
CA VAL B 408 -23.71 13.25 -21.23
C VAL B 408 -23.28 14.67 -21.60
N GLN B 409 -23.40 15.58 -20.63
CA GLN B 409 -22.98 16.96 -20.82
C GLN B 409 -21.47 17.01 -21.01
N GLU B 410 -20.76 16.34 -20.10
CA GLU B 410 -19.31 16.30 -20.14
C GLU B 410 -18.81 15.68 -21.45
N ILE B 411 -19.49 14.62 -21.89
CA ILE B 411 -19.14 13.95 -23.13
C ILE B 411 -19.23 14.93 -24.30
N LEU B 412 -20.31 15.69 -24.33
CA LEU B 412 -20.59 16.61 -25.43
C LEU B 412 -19.61 17.77 -25.49
N GLU B 413 -19.34 18.38 -24.33
CA GLU B 413 -18.37 19.47 -24.26
C GLU B 413 -17.01 19.02 -24.76
N LEU B 414 -16.58 17.84 -24.30
CA LEU B 414 -15.32 17.26 -24.74
C LEU B 414 -15.32 17.03 -26.24
N GLU B 415 -16.38 16.39 -26.74
CA GLU B 415 -16.50 16.10 -28.17
C GLU B 415 -16.38 17.32 -29.06
N LYS B 416 -16.83 18.47 -28.55
CA LYS B 416 -16.77 19.70 -29.33
C LYS B 416 -15.35 20.24 -29.33
N GLU B 417 -14.66 20.07 -28.21
CA GLU B 417 -13.25 20.43 -28.11
C GLU B 417 -12.46 19.60 -29.10
N ARG B 418 -12.79 18.32 -29.18
CA ARG B 418 -12.18 17.40 -30.14
C ARG B 418 -12.42 17.90 -31.55
N TYR B 419 -13.70 18.16 -31.85
CA TYR B 419 -14.13 18.53 -33.19
C TYR B 419 -13.40 19.76 -33.74
N ARG B 420 -13.39 20.84 -32.98
CA ARG B 420 -12.70 22.06 -33.41
C ARG B 420 -11.21 21.80 -33.58
N THR B 421 -10.65 20.97 -32.71
CA THR B 421 -9.23 20.67 -32.73
C THR B 421 -8.87 19.79 -33.91
N THR B 422 -9.82 18.97 -34.34
CA THR B 422 -9.55 18.03 -35.44
C THR B 422 -9.95 18.58 -36.81
N VAL B 423 -10.57 19.77 -36.84
CA VAL B 423 -10.83 20.42 -38.11
C VAL B 423 -9.74 21.43 -38.41
N SER B 424 -9.06 21.89 -37.35
CA SER B 424 -8.02 22.88 -37.46
C SER B 424 -6.83 22.33 -38.23
N LYS B 425 -6.50 21.07 -37.96
CA LYS B 425 -5.41 20.42 -38.66
C LYS B 425 -5.91 19.69 -39.89
N GLY B 426 -7.21 19.43 -39.94
CA GLY B 426 -7.81 18.74 -41.07
C GLY B 426 -8.01 19.67 -42.24
N THR B 427 -7.96 20.98 -41.96
CA THR B 427 -8.31 21.97 -42.96
C THR B 427 -7.26 22.12 -44.05
N ARG B 428 -5.99 21.93 -43.73
CA ARG B 428 -4.96 22.12 -44.72
C ARG B 428 -5.02 21.02 -45.78
N LEU B 429 -5.45 19.84 -45.37
CA LEU B 429 -5.51 18.68 -46.26
C LEU B 429 -6.42 18.93 -47.44
N VAL B 430 -7.49 19.68 -47.21
CA VAL B 430 -8.46 19.96 -48.25
C VAL B 430 -7.90 21.02 -49.19
N GLU B 431 -6.99 21.85 -48.67
CA GLU B 431 -6.37 22.89 -49.49
C GLU B 431 -5.42 22.31 -50.50
N ARG B 432 -4.78 21.20 -50.13
CA ARG B 432 -3.87 20.53 -51.05
C ARG B 432 -4.62 19.56 -51.95
N LEU B 433 -5.60 18.87 -51.37
CA LEU B 433 -6.30 17.80 -52.10
C LEU B 433 -7.24 18.32 -53.19
N VAL B 434 -7.85 19.48 -52.95
CA VAL B 434 -8.87 20.00 -53.87
C VAL B 434 -8.32 20.33 -55.25
N GLU B 435 -7.18 21.03 -55.33
CA GLU B 435 -6.62 21.36 -56.63
C GLU B 435 -5.78 20.20 -57.16
N ARG B 436 -5.18 19.45 -56.25
CA ARG B 436 -4.39 18.27 -56.62
C ARG B 436 -5.26 17.29 -57.38
N LYS B 437 -6.42 16.98 -56.79
CA LYS B 437 -7.37 16.05 -57.39
C LYS B 437 -8.17 16.72 -58.50
N LYS B 438 -8.38 18.03 -58.35
CA LYS B 438 -9.14 18.87 -59.29
C LYS B 438 -10.65 18.63 -59.23
N LYS B 439 -11.06 17.55 -58.58
CA LYS B 439 -12.48 17.20 -58.48
C LYS B 439 -12.71 16.26 -57.30
N LEU B 440 -13.88 16.34 -56.68
CA LEU B 440 -14.17 15.55 -55.48
C LEU B 440 -14.91 14.25 -55.76
N GLU B 441 -14.47 13.19 -55.10
CA GLU B 441 -15.01 11.85 -55.31
C GLU B 441 -15.60 11.27 -54.03
N LYS B 442 -16.37 10.19 -54.19
CA LYS B 442 -17.06 9.55 -53.07
C LYS B 442 -16.09 8.95 -52.06
N ASP B 443 -15.16 8.14 -52.56
CA ASP B 443 -14.15 7.52 -51.71
C ASP B 443 -13.27 8.57 -51.04
N ASP B 444 -13.09 9.71 -51.70
CA ASP B 444 -12.34 10.81 -51.14
C ASP B 444 -13.06 11.41 -49.93
N LEU B 445 -14.37 11.56 -50.04
CA LEU B 445 -15.19 12.08 -48.95
C LEU B 445 -15.20 11.11 -47.77
N ILE B 446 -15.44 9.84 -48.07
CA ILE B 446 -15.48 8.81 -47.04
C ILE B 446 -14.14 8.69 -46.34
N GLU B 447 -13.07 8.75 -47.12
CA GLU B 447 -11.72 8.75 -46.57
C GLU B 447 -11.52 9.97 -45.68
N LEU B 448 -12.12 11.09 -46.07
CA LEU B 448 -11.96 12.34 -45.32
C LEU B 448 -12.51 12.24 -43.90
N TYR B 449 -13.73 11.74 -43.75
CA TYR B 449 -14.31 11.64 -42.42
C TYR B 449 -13.76 10.45 -41.63
N ASP B 450 -13.74 9.29 -42.27
CA ASP B 450 -13.34 8.06 -41.59
C ASP B 450 -11.89 8.07 -41.14
N SER B 451 -11.07 8.93 -41.75
CA SER B 451 -9.66 9.00 -41.40
C SER B 451 -9.27 10.30 -40.72
N HIS B 452 -9.75 11.42 -41.25
CA HIS B 452 -9.31 12.73 -40.77
C HIS B 452 -10.38 13.46 -39.95
N GLY B 453 -11.54 12.83 -39.80
CA GLY B 453 -12.61 13.40 -39.00
C GLY B 453 -13.12 14.71 -39.53
N ILE B 454 -13.16 14.85 -40.85
CA ILE B 454 -13.69 16.04 -41.48
C ILE B 454 -15.08 15.75 -42.05
N PRO B 455 -16.12 16.37 -41.46
CA PRO B 455 -17.49 16.22 -41.94
C PRO B 455 -17.62 16.59 -43.40
N VAL B 456 -18.65 16.07 -44.05
CA VAL B 456 -18.82 16.27 -45.48
C VAL B 456 -18.81 17.73 -45.89
N GLU B 457 -19.63 18.52 -45.21
CA GLU B 457 -19.88 19.91 -45.60
C GLU B 457 -18.65 20.81 -45.66
N LEU B 458 -17.70 20.59 -44.77
CA LEU B 458 -16.46 21.36 -44.82
C LEU B 458 -15.76 21.09 -46.14
N ALA B 459 -15.52 19.81 -46.43
CA ALA B 459 -14.91 19.36 -47.67
C ALA B 459 -15.58 19.99 -48.89
N VAL B 460 -16.91 19.98 -48.89
CA VAL B 460 -17.69 20.54 -49.98
C VAL B 460 -17.47 22.04 -50.09
N GLY B 461 -17.42 22.70 -48.94
CA GLY B 461 -17.22 24.14 -48.88
C GLY B 461 -15.94 24.58 -49.56
N ILE B 462 -14.84 23.90 -49.27
CA ILE B 462 -13.55 24.28 -49.86
C ILE B 462 -13.46 23.83 -51.31
N ALA B 463 -13.96 22.63 -51.59
CA ALA B 463 -14.02 22.11 -52.96
C ALA B 463 -14.73 23.10 -53.87
N ALA B 464 -15.81 23.68 -53.37
CA ALA B 464 -16.53 24.71 -54.11
C ALA B 464 -15.70 25.98 -54.13
N GLU B 465 -15.04 26.26 -53.01
CA GLU B 465 -14.23 27.46 -52.86
C GLU B 465 -13.07 27.51 -53.83
N LYS B 466 -12.36 26.40 -53.98
CA LYS B 466 -11.22 26.34 -54.89
C LYS B 466 -11.60 25.61 -56.19
N GLY B 467 -12.76 25.97 -56.74
CA GLY B 467 -13.20 25.53 -58.05
C GLY B 467 -13.13 24.05 -58.39
N ALA B 468 -13.63 23.20 -57.49
CA ALA B 468 -13.65 21.76 -57.72
C ALA B 468 -15.07 21.20 -57.68
N GLU B 469 -15.40 20.35 -58.64
CA GLU B 469 -16.73 19.74 -58.70
C GLU B 469 -16.90 18.71 -57.59
N VAL B 470 -18.15 18.51 -57.16
CA VAL B 470 -18.46 17.59 -56.07
C VAL B 470 -19.57 16.65 -56.47
N GLU B 471 -19.34 15.34 -56.34
CA GLU B 471 -20.44 14.39 -56.49
C GLU B 471 -20.72 13.73 -55.14
N MET B 472 -21.82 14.15 -54.53
CA MET B 472 -22.26 13.58 -53.26
C MET B 472 -23.50 12.74 -53.52
N PRO B 473 -23.32 11.41 -53.64
CA PRO B 473 -24.48 10.55 -53.92
C PRO B 473 -25.55 10.63 -52.84
N LYS B 474 -26.72 10.09 -53.15
CA LYS B 474 -27.80 9.97 -52.18
C LYS B 474 -27.44 8.90 -51.15
N ASP B 475 -27.80 9.14 -49.89
CA ASP B 475 -27.52 8.22 -48.81
C ASP B 475 -26.04 7.88 -48.72
N ILE B 476 -25.20 8.89 -48.52
CA ILE B 476 -23.78 8.65 -48.31
C ILE B 476 -23.52 8.30 -46.86
N TYR B 477 -24.42 8.74 -45.98
CA TYR B 477 -24.27 8.43 -44.57
C TYR B 477 -24.68 7.00 -44.33
N ALA B 478 -25.42 6.47 -45.30
CA ALA B 478 -25.65 5.05 -45.40
C ALA B 478 -24.30 4.39 -45.63
N GLU B 479 -23.48 5.00 -46.49
CA GLU B 479 -22.17 4.43 -46.80
C GLU B 479 -21.26 4.43 -45.58
N LEU B 480 -21.16 5.55 -44.88
CA LEU B 480 -20.26 5.61 -43.72
C LEU B 480 -20.73 4.73 -42.56
N ALA B 481 -22.03 4.69 -42.34
CA ALA B 481 -22.58 3.91 -41.24
C ALA B 481 -22.43 2.43 -41.54
N LYS B 482 -23.04 1.99 -42.65
CA LYS B 482 -23.01 0.59 -43.06
C LYS B 482 -21.61 0.02 -43.08
N ARG B 483 -20.68 0.76 -43.65
CA ARG B 483 -19.29 0.29 -43.79
C ARG B 483 -18.63 -0.02 -42.45
N HIS B 484 -19.08 0.65 -41.39
CA HIS B 484 -18.44 0.46 -40.08
C HIS B 484 -19.39 -0.05 -39.00
N SER B 485 -20.69 -0.17 -39.32
CA SER B 485 -21.67 -0.52 -38.30
C SER B 485 -21.80 -2.02 -38.03
N LYS B 486 -21.07 -2.84 -38.79
CA LYS B 486 -21.10 -4.26 -38.52
C LYS B 486 -20.12 -4.58 -37.41
N ALA B 487 -20.63 -5.23 -36.36
CA ALA B 487 -19.76 -5.71 -35.30
C ALA B 487 -18.78 -6.70 -35.93
N GLU B 488 -17.50 -6.39 -35.81
CA GLU B 488 -16.46 -7.21 -36.44
C GLU B 488 -16.53 -8.64 -35.93
N LYS B 489 -16.17 -9.59 -36.77
CA LYS B 489 -16.30 -11.00 -36.43
C LYS B 489 -15.23 -11.44 -35.43
N VAL B 490 -14.13 -10.67 -35.40
CA VAL B 490 -12.93 -10.98 -34.60
C VAL B 490 -12.54 -12.46 -34.68
N GLN B 491 -12.74 -13.04 -35.86
CA GLN B 491 -12.42 -14.43 -36.12
C GLN B 491 -10.97 -14.77 -35.80
N GLU B 492 -10.76 -15.95 -35.26
CA GLU B 492 -9.42 -16.40 -34.88
C GLU B 492 -9.18 -17.78 -35.48
N LYS B 493 -7.91 -18.19 -35.55
CA LYS B 493 -7.54 -19.53 -36.02
C LYS B 493 -8.36 -20.61 -35.34
N LYS B 494 -9.17 -21.31 -36.14
CA LYS B 494 -9.98 -22.41 -35.64
C LYS B 494 -9.67 -23.69 -36.38
N ILE B 495 -9.54 -24.79 -35.64
CA ILE B 495 -9.18 -26.09 -36.20
C ILE B 495 -9.97 -27.20 -35.53
N THR B 496 -10.92 -27.78 -36.28
CA THR B 496 -11.73 -28.87 -35.74
C THR B 496 -11.58 -30.09 -36.64
N LEU B 497 -10.39 -30.19 -37.24
CA LEU B 497 -10.03 -31.26 -38.18
C LEU B 497 -10.52 -32.64 -37.73
N GLN B 498 -11.00 -33.42 -38.69
CA GLN B 498 -11.82 -34.61 -38.44
C GLN B 498 -11.31 -35.60 -37.39
N ASN B 499 -12.18 -35.90 -36.41
CA ASN B 499 -11.86 -36.84 -35.36
C ASN B 499 -13.02 -37.80 -35.09
N GLU B 500 -14.16 -37.52 -35.72
CA GLU B 500 -15.33 -38.39 -35.66
C GLU B 500 -15.85 -38.53 -34.22
N TYR B 501 -15.96 -37.41 -33.52
CA TYR B 501 -16.46 -37.40 -32.14
C TYR B 501 -17.27 -36.14 -31.85
N PRO B 502 -18.50 -36.32 -31.33
CA PRO B 502 -19.42 -35.20 -31.13
C PRO B 502 -19.50 -34.60 -29.72
N ALA B 503 -19.72 -35.42 -28.70
CA ALA B 503 -20.12 -34.90 -27.39
C ALA B 503 -19.09 -35.12 -26.29
N THR B 504 -18.43 -34.04 -25.87
CA THR B 504 -17.47 -34.12 -24.77
C THR B 504 -18.00 -33.51 -23.48
N GLU B 505 -17.21 -33.66 -22.42
CA GLU B 505 -17.67 -33.43 -21.06
C GLU B 505 -16.63 -32.68 -20.21
N LYS B 506 -17.06 -31.62 -19.53
CA LYS B 506 -16.18 -30.82 -18.69
C LYS B 506 -16.72 -30.76 -17.26
N LEU B 507 -15.86 -31.02 -16.27
CA LEU B 507 -16.31 -31.21 -14.89
C LEU B 507 -15.97 -30.08 -13.92
N TYR B 508 -15.42 -28.98 -14.43
CA TYR B 508 -14.92 -27.93 -13.53
C TYR B 508 -15.93 -26.85 -13.20
N TYR B 509 -17.09 -26.90 -13.86
CA TYR B 509 -18.11 -25.86 -13.72
C TYR B 509 -18.65 -25.73 -12.29
N ASP B 510 -19.00 -26.86 -11.70
CA ASP B 510 -19.67 -26.88 -10.40
C ASP B 510 -18.75 -26.61 -9.22
N ASP B 511 -17.51 -27.09 -9.30
CA ASP B 511 -16.54 -26.81 -8.25
C ASP B 511 -15.16 -26.63 -8.85
N PRO B 512 -14.50 -25.53 -8.50
CA PRO B 512 -13.15 -25.29 -9.02
C PRO B 512 -12.05 -25.83 -8.12
N THR B 513 -12.35 -25.96 -6.82
CA THR B 513 -11.36 -26.37 -5.83
C THR B 513 -10.78 -27.75 -6.09
N LEU B 514 -11.60 -28.65 -6.61
CA LEU B 514 -11.11 -29.98 -6.97
C LEU B 514 -10.10 -29.85 -8.09
N LEU B 515 -9.17 -30.79 -8.17
CA LEU B 515 -8.00 -30.60 -9.00
C LEU B 515 -7.57 -31.93 -9.59
N GLU B 516 -8.31 -32.97 -9.25
CA GLU B 516 -7.96 -34.29 -9.69
C GLU B 516 -9.19 -34.91 -10.29
N PHE B 517 -8.99 -35.72 -11.32
CA PHE B 517 -10.09 -36.45 -11.92
C PHE B 517 -9.54 -37.70 -12.58
N GLU B 518 -10.44 -38.58 -12.99
CA GLU B 518 -10.09 -39.84 -13.61
C GLU B 518 -11.04 -40.11 -14.78
N ALA B 519 -10.48 -40.46 -15.94
CA ALA B 519 -11.31 -40.67 -17.12
C ALA B 519 -10.66 -41.60 -18.15
N GLU B 520 -11.45 -41.96 -19.16
CA GLU B 520 -10.98 -42.79 -20.26
C GLU B 520 -10.62 -41.90 -21.45
N VAL B 521 -9.46 -42.12 -22.04
CA VAL B 521 -8.99 -41.26 -23.12
C VAL B 521 -9.35 -41.81 -24.50
N ILE B 522 -10.07 -41.01 -25.27
CA ILE B 522 -10.40 -41.38 -26.64
C ILE B 522 -9.89 -40.30 -27.59
N GLY B 523 -9.25 -40.72 -28.68
CA GLY B 523 -8.87 -39.77 -29.72
C GLY B 523 -7.52 -39.12 -29.57
N VAL B 524 -6.57 -39.54 -30.40
CA VAL B 524 -5.28 -38.86 -30.50
C VAL B 524 -5.00 -38.48 -31.96
N GLU B 525 -4.90 -37.18 -32.21
CA GLU B 525 -4.59 -36.70 -33.55
C GLU B 525 -3.33 -35.83 -33.52
N GLY B 526 -2.31 -36.29 -34.24
CA GLY B 526 -1.02 -35.61 -34.26
C GLY B 526 -0.38 -35.60 -32.88
N ASP B 527 -0.16 -34.39 -32.36
CA ASP B 527 0.41 -34.20 -31.03
C ASP B 527 -0.70 -34.30 -29.99
N PHE B 528 -1.78 -33.57 -30.24
CA PHE B 528 -2.79 -33.30 -29.24
C PHE B 528 -3.61 -34.54 -28.85
N VAL B 529 -3.69 -34.78 -27.55
CA VAL B 529 -4.56 -35.80 -27.00
C VAL B 529 -5.94 -35.18 -26.82
N ILE B 530 -6.99 -35.98 -27.00
CA ILE B 530 -8.33 -35.50 -26.71
C ILE B 530 -9.02 -36.55 -25.85
N LEU B 531 -10.07 -36.16 -25.15
CA LEU B 531 -10.67 -37.04 -24.14
C LEU B 531 -12.19 -36.94 -24.09
N ASN B 532 -12.81 -37.86 -23.35
CA ASN B 532 -14.25 -37.82 -23.13
C ASN B 532 -14.60 -36.94 -21.93
N ARG B 533 -13.77 -36.99 -20.90
CA ARG B 533 -13.98 -36.22 -19.69
C ARG B 533 -12.68 -35.54 -19.26
N SER B 534 -12.79 -34.28 -18.84
CA SER B 534 -11.63 -33.56 -18.34
C SER B 534 -12.01 -32.46 -17.35
N ALA B 535 -11.01 -31.93 -16.66
CA ALA B 535 -11.24 -30.85 -15.71
C ALA B 535 -10.36 -29.66 -16.06
N PHE B 536 -9.58 -29.81 -17.13
CA PHE B 536 -8.70 -28.76 -17.63
C PHE B 536 -9.52 -27.60 -18.20
N TYR B 537 -8.82 -26.54 -18.63
CA TYR B 537 -9.50 -25.39 -19.22
C TYR B 537 -8.86 -24.99 -20.54
N PRO B 538 -9.65 -24.98 -21.62
CA PRO B 538 -9.16 -24.44 -22.88
C PRO B 538 -9.64 -23.02 -23.15
N GLU B 539 -8.82 -22.26 -23.88
CA GLU B 539 -9.19 -20.96 -24.40
C GLU B 539 -8.30 -20.62 -25.58
N SER B 540 -8.87 -19.98 -26.59
CA SER B 540 -8.08 -19.52 -27.73
C SER B 540 -7.53 -18.13 -27.43
N GLY B 541 -7.80 -17.63 -26.23
CA GLY B 541 -7.29 -16.35 -25.79
C GLY B 541 -5.77 -16.34 -25.76
N GLY B 542 -5.19 -17.46 -25.33
CA GLY B 542 -3.75 -17.58 -25.22
C GLY B 542 -3.30 -17.47 -23.79
N GLN B 543 -4.25 -17.59 -22.87
CA GLN B 543 -3.98 -17.48 -21.44
C GLN B 543 -5.16 -18.03 -20.66
N ASP B 544 -5.06 -17.99 -19.32
CA ASP B 544 -6.08 -18.50 -18.42
C ASP B 544 -6.31 -20.01 -18.59
N ASN B 545 -5.39 -20.67 -19.29
CA ASN B 545 -5.51 -22.10 -19.52
C ASN B 545 -4.84 -22.89 -18.41
N ASP B 546 -5.34 -24.10 -18.17
CA ASP B 546 -4.73 -24.97 -17.19
C ASP B 546 -3.56 -25.74 -17.80
N VAL B 547 -2.74 -26.33 -16.94
CA VAL B 547 -1.57 -27.08 -17.38
C VAL B 547 -1.34 -28.23 -16.40
N GLY B 548 -0.74 -29.33 -16.86
CA GLY B 548 -0.49 -30.44 -15.96
C GLY B 548 0.12 -31.69 -16.58
N TYR B 549 -0.20 -32.82 -15.99
CA TYR B 549 0.41 -34.09 -16.38
C TYR B 549 -0.53 -35.26 -16.10
N LEU B 550 -0.20 -36.40 -16.69
CA LEU B 550 -1.01 -37.60 -16.52
C LEU B 550 -0.09 -38.79 -16.26
N ILE B 551 -0.41 -39.58 -15.25
CA ILE B 551 0.33 -40.81 -15.02
C ILE B 551 -0.58 -42.03 -15.17
N ALA B 552 -0.15 -42.96 -16.01
CA ALA B 552 -0.80 -44.25 -16.11
C ALA B 552 0.28 -45.30 -15.89
N ASN B 553 -0.05 -46.56 -16.19
CA ASN B 553 0.94 -47.63 -16.05
C ASN B 553 2.04 -47.49 -17.10
N GLY B 554 1.67 -46.90 -18.24
CA GLY B 554 2.61 -46.72 -19.34
C GLY B 554 3.75 -45.79 -18.97
N GLY B 555 3.41 -44.56 -18.61
CA GLY B 555 4.41 -43.56 -18.26
C GLY B 555 3.79 -42.24 -17.87
N LYS B 556 4.54 -41.15 -18.05
CA LYS B 556 4.02 -39.82 -17.75
C LYS B 556 3.84 -39.02 -19.04
N PHE B 557 2.69 -38.36 -19.16
CA PHE B 557 2.40 -37.51 -20.31
C PHE B 557 2.16 -36.08 -19.83
N GLU B 558 2.99 -35.16 -20.32
CA GLU B 558 2.91 -33.77 -19.88
C GLU B 558 2.14 -32.89 -20.87
N VAL B 559 1.02 -32.35 -20.40
CA VAL B 559 0.21 -31.45 -21.21
C VAL B 559 0.56 -30.00 -20.90
N VAL B 560 1.20 -29.33 -21.85
CA VAL B 560 1.68 -27.97 -21.65
C VAL B 560 0.58 -26.94 -21.85
N ASP B 561 -0.25 -27.18 -22.85
CA ASP B 561 -1.30 -26.25 -23.23
C ASP B 561 -2.53 -27.04 -23.65
N VAL B 562 -3.72 -26.46 -23.47
CA VAL B 562 -4.96 -27.15 -23.85
C VAL B 562 -5.91 -26.21 -24.59
N LEU B 563 -6.43 -26.70 -25.72
CA LEU B 563 -7.25 -25.91 -26.64
C LEU B 563 -8.65 -26.50 -26.84
N GLU B 564 -9.45 -25.87 -27.68
CA GLU B 564 -10.80 -26.33 -27.95
C GLU B 564 -11.23 -26.09 -29.41
N ALA B 565 -12.26 -26.82 -29.85
CA ALA B 565 -12.72 -26.74 -31.24
C ALA B 565 -14.08 -27.38 -31.43
N ASP B 566 -15.02 -26.60 -31.98
CA ASP B 566 -16.39 -27.05 -32.23
C ASP B 566 -17.01 -27.66 -30.97
N GLY B 567 -16.53 -27.22 -29.82
CA GLY B 567 -16.96 -27.74 -28.54
C GLY B 567 -16.18 -28.94 -28.05
N VAL B 568 -15.04 -29.23 -28.70
CA VAL B 568 -14.24 -30.41 -28.39
C VAL B 568 -12.89 -30.05 -27.76
N VAL B 569 -12.52 -30.76 -26.70
CA VAL B 569 -11.30 -30.50 -25.95
C VAL B 569 -10.04 -30.93 -26.71
N LEU B 570 -8.93 -30.25 -26.44
CA LEU B 570 -7.65 -30.58 -27.05
C LEU B 570 -6.56 -30.62 -25.96
N HIS B 571 -5.74 -31.68 -25.97
CA HIS B 571 -4.64 -31.79 -25.00
C HIS B 571 -3.30 -32.02 -25.69
N VAL B 572 -2.56 -30.93 -25.91
CA VAL B 572 -1.21 -31.01 -26.44
C VAL B 572 -0.32 -31.80 -25.48
N VAL B 573 0.56 -32.64 -26.01
CA VAL B 573 1.50 -33.38 -25.16
C VAL B 573 2.87 -33.59 -25.82
N LYS B 574 3.91 -33.10 -25.15
CA LYS B 574 5.27 -33.38 -25.57
C LYS B 574 5.93 -34.31 -24.55
N GLY B 575 6.54 -35.38 -25.04
CA GLY B 575 7.06 -36.41 -24.18
C GLY B 575 6.47 -37.74 -24.61
N ALA B 576 5.89 -38.46 -23.66
CA ALA B 576 5.23 -39.71 -23.98
C ALA B 576 3.82 -39.44 -24.48
N LYS B 577 3.41 -40.15 -25.53
CA LYS B 577 2.03 -40.08 -26.02
C LYS B 577 1.26 -41.29 -25.53
N PRO B 578 0.09 -41.08 -24.93
CA PRO B 578 -0.70 -42.14 -24.30
C PRO B 578 -1.31 -43.13 -25.28
N GLU B 579 -1.78 -44.26 -24.76
CA GLU B 579 -2.51 -45.24 -25.55
C GLU B 579 -4.01 -44.99 -25.43
N VAL B 580 -4.74 -45.21 -26.51
CA VAL B 580 -6.18 -45.03 -26.50
C VAL B 580 -6.83 -46.10 -25.62
N GLY B 581 -7.95 -45.75 -24.99
CA GLY B 581 -8.67 -46.68 -24.14
C GLY B 581 -7.96 -46.96 -22.84
N THR B 582 -7.15 -45.99 -22.39
CA THR B 582 -6.41 -46.14 -21.14
C THR B 582 -7.11 -45.47 -19.98
N LYS B 583 -7.17 -46.16 -18.84
CA LYS B 583 -7.54 -45.52 -17.59
C LYS B 583 -6.46 -44.52 -17.25
N VAL B 584 -6.84 -43.25 -17.10
CA VAL B 584 -5.86 -42.21 -16.77
C VAL B 584 -6.41 -41.21 -15.77
N LYS B 585 -5.66 -40.99 -14.70
CA LYS B 585 -6.01 -39.98 -13.70
C LYS B 585 -5.34 -38.66 -14.07
N GLY B 586 -6.15 -37.63 -14.30
CA GLY B 586 -5.64 -36.34 -14.70
C GLY B 586 -5.34 -35.42 -13.53
N VAL B 587 -4.16 -34.83 -13.54
CA VAL B 587 -3.78 -33.89 -12.47
C VAL B 587 -3.26 -32.57 -13.02
N ILE B 588 -3.91 -31.49 -12.58
CA ILE B 588 -3.53 -30.13 -12.97
C ILE B 588 -2.69 -29.50 -11.85
N ASP B 589 -1.94 -28.46 -12.19
CA ASP B 589 -1.24 -27.66 -11.18
C ASP B 589 -2.25 -26.82 -10.43
N SER B 590 -2.12 -26.79 -9.12
CA SER B 590 -3.03 -26.05 -8.25
C SER B 590 -2.87 -24.56 -8.49
N ASP B 591 -1.62 -24.11 -8.50
CA ASP B 591 -1.31 -22.69 -8.48
C ASP B 591 -1.73 -22.00 -9.77
N VAL B 592 -1.57 -22.67 -10.89
CA VAL B 592 -1.97 -22.10 -12.17
C VAL B 592 -3.47 -21.84 -12.19
N ARG B 593 -4.25 -22.83 -11.76
CA ARG B 593 -5.69 -22.65 -11.62
C ARG B 593 -5.96 -21.61 -10.53
N TRP B 594 -5.12 -21.59 -9.51
CA TRP B 594 -5.28 -20.64 -8.41
C TRP B 594 -5.10 -19.18 -8.81
N ARG B 595 -4.02 -18.88 -9.53
CA ARG B 595 -3.81 -17.53 -10.06
C ARG B 595 -5.02 -17.12 -10.88
N HIS B 596 -5.38 -17.97 -11.83
CA HIS B 596 -6.47 -17.72 -12.76
C HIS B 596 -7.79 -17.47 -12.04
N MET B 597 -8.05 -18.28 -11.02
CA MET B 597 -9.19 -18.04 -10.14
C MET B 597 -9.15 -16.62 -9.62
N ARG B 598 -8.03 -16.27 -9.02
CA ARG B 598 -7.84 -14.96 -8.42
C ARG B 598 -8.04 -13.84 -9.43
N HIS B 599 -7.42 -13.98 -10.59
CA HIS B 599 -7.53 -12.97 -11.64
C HIS B 599 -8.99 -12.78 -12.08
N HIS B 600 -9.61 -13.88 -12.47
CA HIS B 600 -10.97 -13.87 -12.99
C HIS B 600 -11.96 -13.12 -12.11
N SER B 601 -12.02 -13.55 -10.85
CA SER B 601 -12.89 -12.91 -9.87
C SER B 601 -12.51 -11.45 -9.65
N ALA B 602 -11.22 -11.16 -9.71
CA ALA B 602 -10.74 -9.79 -9.51
C ALA B 602 -11.14 -8.89 -10.67
N THR B 603 -11.30 -9.48 -11.85
CA THR B 603 -11.66 -8.71 -13.01
C THR B 603 -13.08 -8.20 -12.87
N HIS B 604 -13.96 -9.09 -12.43
CA HIS B 604 -15.37 -8.78 -12.30
C HIS B 604 -15.63 -7.74 -11.21
N VAL B 605 -14.81 -7.77 -10.17
CA VAL B 605 -14.94 -6.79 -9.09
C VAL B 605 -14.37 -5.47 -9.53
N LEU B 606 -13.51 -5.51 -10.54
CA LEU B 606 -12.94 -4.28 -11.07
C LEU B 606 -14.00 -3.56 -11.89
N LEU B 607 -14.63 -4.29 -12.80
CA LEU B 607 -15.69 -3.75 -13.63
C LEU B 607 -16.78 -3.17 -12.74
N TYR B 608 -17.05 -3.87 -11.63
CA TYR B 608 -18.04 -3.39 -10.68
C TYR B 608 -17.64 -2.05 -10.12
N SER B 609 -16.38 -1.95 -9.68
CA SER B 609 -15.86 -0.72 -9.12
C SER B 609 -15.92 0.43 -10.10
N LEU B 610 -15.36 0.22 -11.29
CA LEU B 610 -15.31 1.22 -12.34
C LEU B 610 -16.70 1.77 -12.66
N GLN B 611 -17.71 0.90 -12.58
CA GLN B 611 -19.08 1.30 -12.82
C GLN B 611 -19.64 2.13 -11.67
N LYS B 612 -19.30 1.71 -10.45
CA LYS B 612 -19.78 2.40 -9.26
C LYS B 612 -19.15 3.77 -9.07
N VAL B 613 -17.90 3.92 -9.48
CA VAL B 613 -17.19 5.17 -9.21
C VAL B 613 -17.39 6.19 -10.32
N LEU B 614 -17.30 5.71 -11.56
CA LEU B 614 -17.29 6.61 -12.72
C LEU B 614 -18.66 6.84 -13.35
N GLY B 615 -19.40 5.76 -13.63
CA GLY B 615 -20.68 5.92 -14.31
C GLY B 615 -21.27 4.66 -14.93
N ASN B 616 -22.47 4.80 -15.50
CA ASN B 616 -23.19 3.69 -16.10
C ASN B 616 -22.94 3.59 -17.61
N HIS B 617 -21.94 4.34 -18.07
CA HIS B 617 -21.46 4.25 -19.45
C HIS B 617 -20.29 3.29 -19.49
N VAL B 618 -19.95 2.78 -18.31
CA VAL B 618 -18.83 1.87 -18.13
C VAL B 618 -19.19 0.45 -18.53
N TRP B 619 -18.57 -0.04 -19.60
CA TRP B 619 -18.77 -1.42 -20.03
C TRP B 619 -17.40 -2.02 -20.38
N GLN B 620 -17.37 -3.00 -21.26
CA GLN B 620 -16.11 -3.67 -21.59
C GLN B 620 -15.78 -3.64 -23.07
N ALA B 621 -14.49 -3.76 -23.38
CA ALA B 621 -14.03 -3.91 -24.75
C ALA B 621 -13.27 -5.23 -24.88
N GLY B 622 -12.77 -5.73 -23.77
CA GLY B 622 -12.07 -7.00 -23.75
C GLY B 622 -11.37 -7.31 -22.44
N ALA B 623 -10.75 -8.49 -22.37
CA ALA B 623 -10.02 -8.90 -21.18
C ALA B 623 -9.02 -10.01 -21.51
N ARG B 624 -7.76 -9.80 -21.10
CA ARG B 624 -6.70 -10.77 -21.32
C ARG B 624 -5.75 -10.83 -20.12
N LYS B 625 -5.19 -12.00 -19.87
CA LYS B 625 -4.19 -12.14 -18.82
C LYS B 625 -2.82 -12.36 -19.42
N GLU B 626 -2.14 -11.28 -19.78
CA GLU B 626 -0.74 -11.38 -20.16
C GLU B 626 -0.02 -11.91 -18.93
N PHE B 627 0.83 -12.91 -19.15
CA PHE B 627 1.36 -13.70 -18.05
C PHE B 627 2.16 -12.87 -17.07
N SER B 628 1.91 -13.12 -15.78
CA SER B 628 2.46 -12.39 -14.63
C SER B 628 1.74 -11.06 -14.40
N LYS B 629 0.81 -10.72 -15.29
CA LYS B 629 0.02 -9.51 -15.15
C LYS B 629 -1.44 -9.76 -15.54
N ALA B 630 -2.18 -8.69 -15.81
CA ALA B 630 -3.60 -8.78 -16.18
C ALA B 630 -4.13 -7.46 -16.72
N ARG B 631 -5.11 -7.51 -17.61
CA ARG B 631 -5.64 -6.28 -18.23
C ARG B 631 -7.16 -6.29 -18.47
N LEU B 632 -7.76 -5.11 -18.31
CA LEU B 632 -9.18 -4.91 -18.57
C LEU B 632 -9.41 -3.64 -19.41
N ASP B 633 -10.26 -3.76 -20.43
CA ASP B 633 -10.60 -2.61 -21.28
C ASP B 633 -12.03 -2.13 -21.03
N VAL B 634 -12.18 -0.82 -20.90
CA VAL B 634 -13.44 -0.22 -20.47
C VAL B 634 -13.80 1.05 -21.24
N THR B 635 -15.06 1.17 -21.65
CA THR B 635 -15.54 2.36 -22.35
C THR B 635 -15.61 3.57 -21.42
N HIS B 636 -14.80 4.59 -21.72
CA HIS B 636 -14.84 5.84 -20.95
C HIS B 636 -14.33 7.00 -21.81
N PHE B 637 -14.89 8.18 -21.59
CA PHE B 637 -14.67 9.31 -22.51
C PHE B 637 -13.39 10.10 -22.27
N ARG B 638 -12.70 9.83 -21.15
CA ARG B 638 -11.47 10.55 -20.86
C ARG B 638 -10.57 9.75 -19.92
N ARG B 639 -9.29 10.07 -19.95
CA ARG B 639 -8.32 9.48 -19.03
C ARG B 639 -8.73 9.82 -17.60
N PRO B 640 -8.79 8.83 -16.72
CA PRO B 640 -9.23 9.07 -15.35
C PRO B 640 -8.18 9.84 -14.54
N SER B 641 -8.64 10.70 -13.64
CA SER B 641 -7.72 11.42 -12.76
C SER B 641 -7.05 10.44 -11.82
N GLU B 642 -5.92 10.83 -11.25
CA GLU B 642 -5.23 9.99 -10.28
C GLU B 642 -6.08 9.84 -9.02
N GLU B 643 -6.90 10.84 -8.75
CA GLU B 643 -7.85 10.78 -7.65
C GLU B 643 -8.86 9.68 -7.94
N GLU B 644 -9.36 9.63 -9.17
CA GLU B 644 -10.31 8.61 -9.57
C GLU B 644 -9.69 7.22 -9.46
N ILE B 645 -8.47 7.09 -9.96
CA ILE B 645 -7.70 5.85 -9.84
C ILE B 645 -7.69 5.36 -8.39
N LYS B 646 -7.43 6.28 -7.47
CA LYS B 646 -7.35 5.98 -6.05
C LYS B 646 -8.66 5.42 -5.51
N GLU B 647 -9.77 6.00 -5.95
CA GLU B 647 -11.07 5.59 -5.46
C GLU B 647 -11.56 4.31 -6.12
N ILE B 648 -11.09 4.04 -7.33
CA ILE B 648 -11.36 2.75 -7.95
C ILE B 648 -10.76 1.65 -7.08
N GLU B 649 -9.47 1.81 -6.81
CA GLU B 649 -8.71 0.87 -5.98
C GLU B 649 -9.33 0.72 -4.61
N MET B 650 -9.61 1.84 -3.97
CA MET B 650 -10.12 1.87 -2.61
C MET B 650 -11.47 1.15 -2.49
N LEU B 651 -12.41 1.47 -3.39
CA LEU B 651 -13.73 0.85 -3.36
C LEU B 651 -13.65 -0.65 -3.60
N ALA B 652 -12.86 -1.04 -4.61
CA ALA B 652 -12.76 -2.43 -5.00
C ALA B 652 -12.07 -3.25 -3.92
N ASN B 653 -11.09 -2.65 -3.26
CA ASN B 653 -10.42 -3.29 -2.12
C ASN B 653 -11.37 -3.39 -0.93
N ARG B 654 -12.14 -2.32 -0.73
CA ARG B 654 -13.22 -2.32 0.26
C ARG B 654 -14.13 -3.53 0.07
N GLU B 655 -14.53 -3.80 -1.17
CA GLU B 655 -15.33 -4.97 -1.49
C GLU B 655 -14.59 -6.25 -1.19
N ILE B 656 -13.27 -6.23 -1.32
CA ILE B 656 -12.47 -7.43 -1.09
C ILE B 656 -12.53 -7.80 0.38
N LEU B 657 -12.45 -6.78 1.24
CA LEU B 657 -12.58 -6.97 2.67
C LEU B 657 -13.94 -7.54 3.05
N ALA B 658 -14.96 -7.18 2.26
CA ALA B 658 -16.33 -7.60 2.51
C ALA B 658 -16.51 -9.11 2.39
N ASN B 659 -15.80 -9.69 1.43
CA ASN B 659 -15.73 -11.13 1.21
C ASN B 659 -17.10 -11.77 0.89
N LYS B 660 -17.92 -10.99 0.19
CA LYS B 660 -19.23 -11.42 -0.32
C LYS B 660 -19.14 -12.71 -1.12
N PRO B 661 -20.19 -13.55 -1.03
CA PRO B 661 -20.18 -14.85 -1.71
C PRO B 661 -20.15 -14.69 -3.22
N ILE B 662 -19.54 -15.65 -3.91
CA ILE B 662 -19.47 -15.61 -5.36
C ILE B 662 -20.13 -16.85 -5.97
N LYS B 663 -21.43 -16.72 -6.23
CA LYS B 663 -22.25 -17.85 -6.66
C LYS B 663 -22.30 -18.03 -8.17
N TRP B 664 -22.13 -19.28 -8.61
CA TRP B 664 -22.34 -19.65 -10.00
C TRP B 664 -23.52 -20.62 -10.09
N GLU B 665 -24.20 -20.58 -11.23
CA GLU B 665 -25.31 -21.49 -11.52
C GLU B 665 -25.82 -21.30 -12.93
N TRP B 666 -26.56 -22.29 -13.42
CA TRP B 666 -27.20 -22.20 -14.73
C TRP B 666 -28.54 -21.49 -14.59
N MET B 667 -28.95 -20.81 -15.65
CA MET B 667 -30.19 -20.06 -15.62
C MET B 667 -30.75 -19.90 -17.03
N ASP B 668 -32.07 -19.88 -17.15
CA ASP B 668 -32.73 -19.61 -18.41
C ASP B 668 -32.39 -18.19 -18.83
N ARG B 669 -32.16 -17.98 -20.13
CA ARG B 669 -31.70 -16.69 -20.62
C ARG B 669 -32.72 -15.58 -20.32
N ILE B 670 -34.00 -15.88 -20.56
CA ILE B 670 -35.02 -14.88 -20.34
C ILE B 670 -35.16 -14.58 -18.85
N GLU B 671 -34.96 -15.59 -18.03
CA GLU B 671 -35.10 -15.44 -16.59
C GLU B 671 -33.95 -14.62 -16.02
N ALA B 672 -32.74 -14.94 -16.44
CA ALA B 672 -31.54 -14.24 -16.01
C ALA B 672 -31.62 -12.76 -16.40
N GLU B 673 -31.94 -12.50 -17.65
CA GLU B 673 -32.06 -11.13 -18.14
C GLU B 673 -33.16 -10.38 -17.40
N ARG B 674 -34.24 -11.09 -17.08
CA ARG B 674 -35.36 -10.52 -16.36
C ARG B 674 -34.95 -10.13 -14.95
N LYS B 675 -33.97 -10.83 -14.40
CA LYS B 675 -33.53 -10.62 -13.03
C LYS B 675 -32.37 -9.63 -12.87
N PHE B 676 -31.57 -9.48 -13.92
CA PHE B 676 -30.31 -8.75 -13.78
C PHE B 676 -30.12 -7.58 -14.74
N GLY B 677 -30.76 -7.66 -15.90
CA GLY B 677 -30.53 -6.68 -16.94
C GLY B 677 -29.41 -7.13 -17.86
N PHE B 678 -29.05 -6.27 -18.82
CA PHE B 678 -28.15 -6.66 -19.90
C PHE B 678 -26.67 -6.47 -19.57
N ARG B 679 -26.39 -5.99 -18.37
CA ARG B 679 -25.02 -5.98 -17.84
C ARG B 679 -24.45 -7.39 -17.86
N LEU B 680 -25.34 -8.36 -17.80
CA LEU B 680 -25.01 -9.78 -17.87
C LEU B 680 -24.08 -10.16 -19.03
N TYR B 681 -24.19 -9.44 -20.14
CA TYR B 681 -23.46 -9.80 -21.35
C TYR B 681 -22.23 -8.92 -21.59
N GLN B 682 -21.67 -8.37 -20.52
CA GLN B 682 -20.49 -7.52 -20.64
C GLN B 682 -19.27 -8.31 -21.07
N GLY B 683 -19.21 -9.58 -20.67
CA GLY B 683 -18.10 -10.45 -21.05
C GLY B 683 -18.30 -11.13 -22.39
N GLY B 684 -19.43 -10.86 -23.03
CA GLY B 684 -19.77 -11.49 -24.29
C GLY B 684 -21.18 -12.05 -24.27
N VAL B 685 -21.53 -12.84 -25.28
CA VAL B 685 -22.85 -13.47 -25.30
C VAL B 685 -22.74 -15.00 -25.31
N PRO B 686 -23.40 -15.65 -24.35
CA PRO B 686 -23.46 -17.11 -24.31
C PRO B 686 -24.68 -17.67 -25.02
N PRO B 687 -24.50 -18.77 -25.77
CA PRO B 687 -25.58 -19.45 -26.49
C PRO B 687 -26.45 -20.30 -25.56
N GLY B 688 -27.21 -21.22 -26.14
CA GLY B 688 -27.99 -22.16 -25.35
C GLY B 688 -29.20 -21.56 -24.67
N ARG B 689 -30.15 -22.43 -24.31
CA ARG B 689 -31.35 -22.00 -23.60
C ARG B 689 -31.01 -21.71 -22.14
N LYS B 690 -29.90 -22.25 -21.67
CA LYS B 690 -29.41 -21.94 -20.33
C LYS B 690 -27.97 -21.46 -20.36
N ILE B 691 -27.64 -20.56 -19.44
CA ILE B 691 -26.36 -19.87 -19.42
C ILE B 691 -25.77 -19.86 -18.03
N ARG B 692 -24.44 -19.80 -17.92
CA ARG B 692 -23.81 -19.89 -16.60
C ARG B 692 -23.70 -18.52 -15.92
N VAL B 693 -24.72 -18.19 -15.14
CA VAL B 693 -24.74 -16.94 -14.40
C VAL B 693 -23.70 -16.92 -13.30
N VAL B 694 -22.91 -15.85 -13.25
CA VAL B 694 -21.93 -15.67 -12.19
C VAL B 694 -22.23 -14.41 -11.37
N GLN B 695 -22.16 -14.51 -10.05
CA GLN B 695 -22.35 -13.35 -9.19
C GLN B 695 -21.13 -13.11 -8.30
N VAL B 696 -20.35 -12.07 -8.60
CA VAL B 696 -19.23 -11.70 -7.73
C VAL B 696 -19.62 -10.47 -6.92
N GLY B 697 -20.55 -10.67 -6.00
CA GLY B 697 -21.12 -9.56 -5.24
C GLY B 697 -22.39 -9.07 -5.91
N ASP B 698 -22.46 -7.77 -6.17
CA ASP B 698 -23.61 -7.19 -6.84
C ASP B 698 -23.57 -7.46 -8.33
N ASP B 699 -22.35 -7.50 -8.88
CA ASP B 699 -22.18 -7.69 -10.31
C ASP B 699 -22.60 -9.07 -10.78
N VAL B 700 -23.38 -9.11 -11.85
CA VAL B 700 -23.78 -10.37 -12.46
C VAL B 700 -23.23 -10.44 -13.89
N GLN B 701 -22.67 -11.60 -14.23
CA GLN B 701 -22.01 -11.77 -15.52
C GLN B 701 -22.13 -13.22 -16.00
N ALA B 702 -21.99 -13.41 -17.31
CA ALA B 702 -22.16 -14.73 -17.93
C ALA B 702 -20.86 -15.25 -18.51
N CYS B 703 -19.86 -15.43 -17.66
CA CYS B 703 -18.59 -16.01 -18.10
C CYS B 703 -18.48 -17.45 -17.61
N GLY B 704 -18.20 -18.35 -18.54
CA GLY B 704 -18.00 -19.75 -18.19
C GLY B 704 -16.55 -20.02 -17.88
N GLY B 705 -16.19 -19.93 -16.61
CA GLY B 705 -14.83 -20.17 -16.19
C GLY B 705 -14.66 -20.28 -14.69
N THR B 706 -13.43 -20.58 -14.27
CA THR B 706 -13.07 -20.69 -12.87
C THR B 706 -13.40 -19.43 -12.09
N HIS B 707 -13.64 -19.60 -10.79
CA HIS B 707 -13.88 -18.48 -9.89
C HIS B 707 -13.61 -18.87 -8.44
N CYS B 708 -13.41 -17.85 -7.60
CA CYS B 708 -13.23 -18.04 -6.17
C CYS B 708 -14.56 -17.90 -5.48
N ARG B 709 -14.69 -18.50 -4.29
CA ARG B 709 -15.95 -18.51 -3.55
C ARG B 709 -16.28 -17.16 -2.94
N SER B 710 -15.24 -16.49 -2.43
CA SER B 710 -15.42 -15.25 -1.71
C SER B 710 -14.41 -14.21 -2.21
N THR B 711 -14.75 -12.92 -2.08
CA THR B 711 -13.87 -11.87 -2.56
C THR B 711 -12.55 -11.86 -1.80
N GLY B 712 -12.60 -12.10 -0.50
CA GLY B 712 -11.40 -12.11 0.31
C GLY B 712 -10.33 -13.07 -0.19
N GLU B 713 -10.75 -14.11 -0.92
CA GLU B 713 -9.82 -15.13 -1.39
C GLU B 713 -8.83 -14.61 -2.42
N ILE B 714 -9.07 -13.42 -2.96
CA ILE B 714 -8.16 -12.83 -3.92
C ILE B 714 -7.35 -11.71 -3.28
N GLY B 715 -7.67 -11.42 -2.02
CA GLY B 715 -6.93 -10.45 -1.23
C GLY B 715 -6.85 -9.07 -1.83
N MET B 716 -5.94 -8.24 -1.32
CA MET B 716 -5.75 -6.88 -1.81
C MET B 716 -5.64 -6.83 -3.32
N LEU B 717 -6.19 -5.79 -3.95
CA LEU B 717 -5.94 -5.59 -5.37
C LEU B 717 -5.02 -4.41 -5.61
N LYS B 718 -4.07 -4.58 -6.53
CA LYS B 718 -3.18 -3.50 -6.95
C LYS B 718 -3.31 -3.18 -8.43
N ILE B 719 -3.32 -1.88 -8.73
CA ILE B 719 -3.52 -1.40 -10.08
C ILE B 719 -2.19 -0.96 -10.69
N LEU B 720 -1.71 -1.77 -11.64
CA LEU B 720 -0.38 -1.61 -12.20
C LEU B 720 -0.27 -0.41 -13.14
N LYS B 721 -1.18 -0.33 -14.11
CA LYS B 721 -1.11 0.74 -15.11
C LYS B 721 -2.46 1.32 -15.55
N VAL B 722 -2.38 2.43 -16.28
CA VAL B 722 -3.53 3.10 -16.87
C VAL B 722 -3.15 3.82 -18.17
N GLU B 723 -3.79 3.42 -19.26
CA GLU B 723 -3.46 3.96 -20.59
C GLU B 723 -4.68 4.13 -21.50
N SER B 724 -4.54 5.04 -22.46
CA SER B 724 -5.54 5.28 -23.47
C SER B 724 -4.98 4.89 -24.83
N ILE B 725 -5.64 3.97 -25.52
CA ILE B 725 -5.13 3.47 -26.79
C ILE B 725 -5.89 4.11 -27.93
N GLN B 726 -7.21 4.08 -27.82
CA GLN B 726 -8.06 4.83 -28.72
C GLN B 726 -8.97 5.69 -27.86
N ASP B 727 -9.45 6.80 -28.44
CA ASP B 727 -10.46 7.59 -27.77
C ASP B 727 -11.60 6.69 -27.34
N GLY B 728 -12.15 6.95 -26.15
CA GLY B 728 -13.33 6.24 -25.71
C GLY B 728 -13.09 4.92 -24.98
N VAL B 729 -11.91 4.34 -25.16
CA VAL B 729 -11.60 3.06 -24.50
C VAL B 729 -10.32 3.15 -23.68
N ILE B 730 -10.44 2.93 -22.39
CA ILE B 730 -9.31 3.08 -21.48
C ILE B 730 -8.90 1.72 -20.87
N ARG B 731 -7.59 1.48 -20.81
CA ARG B 731 -7.09 0.17 -20.39
C ARG B 731 -6.47 0.19 -18.98
N PHE B 732 -6.80 -0.83 -18.19
CA PHE B 732 -6.26 -0.97 -16.84
C PHE B 732 -5.39 -2.22 -16.75
N GLU B 733 -4.21 -2.09 -16.17
CA GLU B 733 -3.42 -3.27 -15.85
C GLU B 733 -3.41 -3.44 -14.35
N PHE B 734 -3.77 -4.63 -13.89
CA PHE B 734 -4.02 -4.86 -12.48
C PHE B 734 -3.51 -6.22 -12.00
N ALA B 735 -3.17 -6.31 -10.72
CA ALA B 735 -2.74 -7.56 -10.14
C ALA B 735 -3.42 -7.75 -8.79
N ALA B 736 -3.64 -9.01 -8.41
CA ALA B 736 -4.35 -9.31 -7.17
C ALA B 736 -3.78 -10.54 -6.48
N GLY B 737 -3.84 -10.53 -5.15
CA GLY B 737 -3.42 -11.66 -4.35
C GLY B 737 -1.92 -11.70 -4.10
N GLU B 738 -1.27 -12.73 -4.61
CA GLU B 738 0.17 -12.90 -4.41
C GLU B 738 0.96 -11.92 -5.26
N ALA B 739 0.56 -11.78 -6.52
CA ALA B 739 1.25 -10.89 -7.44
C ALA B 739 1.06 -9.44 -6.99
N ALA B 740 -0.05 -9.19 -6.31
CA ALA B 740 -0.29 -7.89 -5.71
C ALA B 740 0.80 -7.56 -4.71
N ILE B 741 1.04 -8.50 -3.78
CA ILE B 741 2.06 -8.33 -2.75
C ILE B 741 3.45 -8.17 -3.36
N GLU B 742 3.72 -8.90 -4.43
CA GLU B 742 4.97 -8.77 -5.16
C GLU B 742 5.13 -7.38 -5.75
N ALA B 743 4.04 -6.88 -6.31
CA ALA B 743 4.02 -5.53 -6.90
C ALA B 743 4.24 -4.46 -5.84
N VAL B 744 3.57 -4.59 -4.69
CA VAL B 744 3.68 -3.61 -3.61
C VAL B 744 5.08 -3.64 -3.00
N GLU B 745 5.62 -4.84 -2.82
CA GLU B 745 6.98 -4.97 -2.32
C GLU B 745 7.96 -4.31 -3.29
N GLU B 746 7.66 -4.39 -4.58
CA GLU B 746 8.48 -3.77 -5.59
C GLU B 746 8.33 -2.25 -5.55
N MET B 747 7.08 -1.79 -5.44
CA MET B 747 6.79 -0.38 -5.25
C MET B 747 7.58 0.19 -4.08
N GLU B 748 7.49 -0.50 -2.95
CA GLU B 748 8.15 -0.06 -1.73
C GLU B 748 9.65 -0.07 -1.88
N ARG B 749 10.16 -1.07 -2.61
CA ARG B 749 11.59 -1.23 -2.79
C ARG B 749 12.18 -0.04 -3.56
N LEU B 750 11.47 0.39 -4.60
CA LEU B 750 11.90 1.56 -5.37
C LEU B 750 11.91 2.80 -4.50
N LEU B 751 10.80 3.03 -3.80
CA LEU B 751 10.65 4.16 -2.90
C LEU B 751 11.74 4.15 -1.82
N ARG B 752 12.02 2.97 -1.30
CA ARG B 752 13.03 2.81 -0.27
C ARG B 752 14.43 3.08 -0.80
N GLU B 753 14.66 2.74 -2.07
CA GLU B 753 15.97 2.88 -2.69
C GLU B 753 16.27 4.34 -3.02
N ALA B 754 15.25 5.05 -3.50
CA ALA B 754 15.37 6.48 -3.79
C ALA B 754 15.60 7.26 -2.50
N SER B 755 14.77 6.98 -1.50
CA SER B 755 14.92 7.58 -0.18
C SER B 755 16.32 7.32 0.38
N SER B 756 16.80 6.10 0.15
CA SER B 756 18.13 5.69 0.63
C SER B 756 19.24 6.51 0.00
N ILE B 757 19.19 6.70 -1.32
CA ILE B 757 20.28 7.39 -2.02
C ILE B 757 20.22 8.90 -1.79
N LEU B 758 19.19 9.36 -1.10
CA LEU B 758 19.06 10.76 -0.74
C LEU B 758 19.01 10.94 0.77
N ARG B 759 19.44 9.91 1.49
CA ARG B 759 19.57 9.95 2.95
C ARG B 759 18.33 10.48 3.65
N VAL B 760 17.15 10.16 3.13
CA VAL B 760 15.91 10.71 3.68
C VAL B 760 14.87 9.66 4.01
N GLU B 761 14.11 9.92 5.07
CA GLU B 761 12.90 9.17 5.38
C GLU B 761 11.97 9.21 4.16
N PRO B 762 11.35 8.07 3.80
CA PRO B 762 10.52 7.99 2.60
C PRO B 762 9.34 8.96 2.57
N ALA B 763 8.72 9.20 3.72
CA ALA B 763 7.56 10.07 3.81
C ALA B 763 7.87 11.52 3.42
N LYS B 764 9.15 11.86 3.43
CA LYS B 764 9.57 13.22 3.09
C LYS B 764 10.33 13.26 1.77
N LEU B 765 10.28 12.15 1.03
CA LEU B 765 11.02 12.05 -0.22
C LEU B 765 10.60 13.10 -1.28
N PRO B 766 9.30 13.24 -1.59
CA PRO B 766 8.92 14.18 -2.65
C PRO B 766 9.46 15.60 -2.46
N LYS B 767 9.26 16.16 -1.27
CA LYS B 767 9.70 17.51 -0.97
C LYS B 767 11.22 17.63 -1.07
N THR B 768 11.92 16.56 -0.69
CA THR B 768 13.37 16.56 -0.72
C THR B 768 13.93 16.28 -2.12
N VAL B 769 13.07 15.90 -3.06
CA VAL B 769 13.51 15.72 -4.44
C VAL B 769 13.48 17.06 -5.17
N GLU B 770 12.38 17.79 -5.04
CA GLU B 770 12.21 19.08 -5.71
C GLU B 770 13.25 20.09 -5.24
N ARG B 771 13.65 20.01 -3.97
CA ARG B 771 14.70 20.86 -3.46
C ARG B 771 16.02 20.53 -4.17
N PHE B 772 16.37 19.25 -4.15
CA PHE B 772 17.56 18.79 -4.84
C PHE B 772 17.50 19.15 -6.33
N PHE B 773 16.30 19.09 -6.89
CA PHE B 773 16.09 19.42 -8.29
C PHE B 773 16.26 20.92 -8.52
N GLU B 774 15.53 21.74 -7.77
CA GLU B 774 15.63 23.19 -7.85
C GLU B 774 17.06 23.65 -7.58
N GLU B 775 17.77 22.94 -6.73
CA GLU B 775 19.18 23.23 -6.50
C GLU B 775 19.99 22.88 -7.75
N TRP B 776 19.65 21.75 -8.37
CA TRP B 776 20.34 21.29 -9.57
C TRP B 776 20.09 22.23 -10.75
N LYS B 777 18.92 22.87 -10.76
CA LYS B 777 18.61 23.87 -11.76
C LYS B 777 19.32 25.19 -11.48
N ASP B 778 19.16 25.69 -10.25
CA ASP B 778 19.73 26.97 -9.84
C ASP B 778 21.26 26.99 -9.96
N GLN B 779 21.90 25.95 -9.45
CA GLN B 779 23.35 25.86 -9.48
C GLN B 779 23.87 25.71 -10.91
N ARG B 780 22.98 25.29 -11.81
CA ARG B 780 23.32 25.09 -13.20
C ARG B 780 23.38 26.41 -13.95
N LYS B 781 22.36 27.25 -13.75
CA LYS B 781 22.38 28.62 -14.24
C LYS B 781 23.57 29.34 -13.64
N GLU B 782 23.79 29.11 -12.34
CA GLU B 782 24.86 29.72 -11.58
C GLU B 782 26.24 29.55 -12.20
N ILE B 783 26.49 28.37 -12.75
CA ILE B 783 27.81 28.06 -13.33
C ILE B 783 28.15 28.97 -14.52
N GLU B 784 27.24 29.09 -15.47
CA GLU B 784 27.44 29.93 -16.64
C GLU B 784 27.65 31.39 -16.24
N ARG B 785 26.95 31.82 -15.19
CA ARG B 785 27.08 33.16 -14.67
C ARG B 785 28.52 33.41 -14.23
N LEU B 786 29.07 32.47 -13.47
CA LEU B 786 30.43 32.57 -12.97
C LEU B 786 31.45 32.59 -14.11
N LYS B 787 31.22 31.76 -15.12
CA LYS B 787 32.10 31.72 -16.29
C LYS B 787 32.06 33.06 -17.02
N SER B 788 30.88 33.67 -17.07
CA SER B 788 30.70 34.99 -17.65
C SER B 788 31.42 36.04 -16.81
N VAL B 789 31.40 35.86 -15.49
CA VAL B 789 32.09 36.76 -14.57
C VAL B 789 33.60 36.67 -14.77
N ILE B 790 34.10 35.45 -14.97
CA ILE B 790 35.53 35.23 -15.24
C ILE B 790 35.95 36.01 -16.48
N ALA B 791 35.16 35.91 -17.54
CA ALA B 791 35.38 36.65 -18.77
C ALA B 791 35.33 38.16 -18.52
N ASP B 792 34.24 38.61 -17.88
CA ASP B 792 34.08 40.02 -17.51
C ASP B 792 35.28 40.53 -16.75
N LEU B 793 35.68 39.79 -15.71
CA LEU B 793 36.85 40.15 -14.93
C LEU B 793 38.12 40.14 -15.76
N TRP B 794 38.25 39.16 -16.66
CA TRP B 794 39.51 38.98 -17.37
C TRP B 794 39.82 40.10 -18.35
N ALA B 795 38.79 40.61 -19.00
CA ALA B 795 38.97 41.75 -19.89
C ALA B 795 39.45 42.95 -19.10
N ASP B 796 38.88 43.13 -17.91
CA ASP B 796 39.20 44.26 -17.05
C ASP B 796 40.67 44.31 -16.63
N ILE B 797 41.29 43.16 -16.45
CA ILE B 797 42.69 43.13 -16.03
C ILE B 797 43.62 43.34 -17.23
N LEU B 798 43.12 43.04 -18.41
CA LEU B 798 43.93 43.13 -19.62
C LEU B 798 44.00 44.56 -20.12
N MET B 799 42.93 45.31 -19.92
CA MET B 799 42.90 46.73 -20.23
C MET B 799 44.00 47.41 -19.42
N GLU B 800 44.17 46.95 -18.19
CA GLU B 800 45.16 47.49 -17.28
C GLU B 800 46.57 47.10 -17.70
N ARG B 801 46.74 45.84 -18.09
CA ARG B 801 48.05 45.33 -18.50
C ARG B 801 48.41 45.84 -19.90
N ALA B 802 47.49 46.58 -20.51
CA ALA B 802 47.68 47.07 -21.86
C ALA B 802 48.57 48.31 -21.93
N GLU B 803 48.75 48.82 -23.14
CA GLU B 803 49.52 50.04 -23.38
C GLU B 803 48.65 51.11 -24.04
N GLU B 804 49.10 52.35 -23.98
CA GLU B 804 48.34 53.44 -24.59
C GLU B 804 49.03 54.06 -25.81
N PHE B 805 48.30 54.08 -26.92
CA PHE B 805 48.76 54.73 -28.15
C PHE B 805 47.54 55.38 -28.78
N ASP B 806 47.70 56.63 -29.22
CA ASP B 806 46.58 57.44 -29.73
C ASP B 806 45.45 57.54 -28.70
N SER B 807 45.82 57.51 -27.43
CA SER B 807 44.87 57.48 -26.32
C SER B 807 43.90 56.30 -26.41
N MET B 808 44.25 55.32 -27.24
CA MET B 808 43.44 54.12 -27.40
C MET B 808 44.20 52.92 -26.83
N LYS B 809 43.60 52.26 -25.86
CA LYS B 809 44.24 51.14 -25.17
C LYS B 809 44.50 49.99 -26.13
N VAL B 810 45.78 49.70 -26.35
CA VAL B 810 46.15 48.56 -27.18
C VAL B 810 46.66 47.42 -26.31
N VAL B 811 46.11 46.23 -26.55
CA VAL B 811 46.53 45.07 -25.78
C VAL B 811 46.84 43.88 -26.69
N ALA B 812 48.04 43.35 -26.55
CA ALA B 812 48.47 42.19 -27.32
C ALA B 812 49.07 41.16 -26.37
N GLU B 813 48.43 39.99 -26.28
CA GLU B 813 48.84 38.97 -25.32
C GLU B 813 48.78 37.55 -25.84
N VAL B 814 49.40 36.64 -25.10
CA VAL B 814 49.29 35.22 -25.33
C VAL B 814 48.68 34.57 -24.09
N VAL B 815 47.65 33.76 -24.29
CA VAL B 815 47.01 33.06 -23.18
C VAL B 815 46.73 31.61 -23.51
N ASP B 816 46.75 30.75 -22.49
CA ASP B 816 46.46 29.34 -22.67
C ASP B 816 44.97 29.08 -22.53
N ALA B 817 44.26 29.08 -23.66
CA ALA B 817 42.82 28.84 -23.66
C ALA B 817 42.35 28.44 -25.05
N ASP B 818 41.15 27.85 -25.12
CA ASP B 818 40.59 27.43 -26.40
C ASP B 818 39.97 28.61 -27.14
N MET B 819 39.27 28.30 -28.23
CA MET B 819 38.73 29.32 -29.11
C MET B 819 37.67 30.19 -28.45
N GLN B 820 36.55 29.56 -28.11
CA GLN B 820 35.38 30.24 -27.56
C GLN B 820 35.74 31.18 -26.41
N ALA B 821 36.83 30.88 -25.71
CA ALA B 821 37.38 31.81 -24.76
C ALA B 821 37.76 33.10 -25.48
N LEU B 822 38.64 32.97 -26.48
CA LEU B 822 39.16 34.09 -27.25
C LEU B 822 38.08 34.93 -27.91
N GLN B 823 36.95 34.31 -28.21
CA GLN B 823 35.84 35.07 -28.78
C GLN B 823 35.07 35.76 -27.66
N LYS B 824 34.78 35.02 -26.60
CA LYS B 824 34.00 35.58 -25.49
C LYS B 824 34.77 36.63 -24.67
N LEU B 825 36.04 36.86 -24.99
CA LEU B 825 36.76 37.94 -24.32
C LEU B 825 37.02 39.09 -25.29
N ALA B 826 37.21 38.76 -26.57
CA ALA B 826 37.46 39.76 -27.61
C ALA B 826 36.24 40.65 -27.81
N GLU B 827 35.06 40.07 -27.63
CA GLU B 827 33.82 40.81 -27.78
C GLU B 827 33.72 41.88 -26.70
N ARG B 828 34.24 41.56 -25.52
CA ARG B 828 34.16 42.46 -24.39
C ARG B 828 35.25 43.52 -24.44
N LEU B 829 36.38 43.17 -25.05
CA LEU B 829 37.46 44.11 -25.25
C LEU B 829 37.03 45.21 -26.23
N ALA B 830 36.46 44.79 -27.35
CA ALA B 830 35.90 45.72 -28.33
C ALA B 830 34.71 46.47 -27.73
N GLU B 831 34.04 45.85 -26.77
CA GLU B 831 32.92 46.48 -26.10
C GLU B 831 33.38 47.49 -25.06
N LYS B 832 34.66 47.40 -24.69
CA LYS B 832 35.24 48.36 -23.77
C LYS B 832 36.18 49.32 -24.48
N GLY B 833 35.94 49.51 -25.77
CA GLY B 833 36.69 50.47 -26.57
C GLY B 833 38.19 50.24 -26.61
N ALA B 834 38.59 48.99 -26.79
CA ALA B 834 40.00 48.64 -26.91
C ALA B 834 40.33 48.07 -28.27
N VAL B 835 41.61 47.93 -28.56
CA VAL B 835 42.09 47.40 -29.83
C VAL B 835 43.28 46.48 -29.59
N GLY B 836 43.36 45.37 -30.33
CA GLY B 836 44.51 44.49 -30.17
C GLY B 836 44.38 43.08 -30.70
N CYS B 837 45.21 42.20 -30.14
CA CYS B 837 45.33 40.84 -30.63
C CYS B 837 45.65 39.86 -29.50
N LEU B 838 45.14 38.65 -29.62
CA LEU B 838 45.38 37.62 -28.62
C LEU B 838 45.67 36.29 -29.30
N MET B 839 46.54 35.49 -28.67
CA MET B 839 46.97 34.24 -29.28
C MET B 839 47.07 33.11 -28.27
N ALA B 840 46.87 31.89 -28.77
CA ALA B 840 46.86 30.70 -27.93
C ALA B 840 47.47 29.51 -28.66
N LYS B 841 48.44 28.86 -28.03
CA LYS B 841 49.05 27.66 -28.59
C LYS B 841 48.13 26.46 -28.39
N GLY B 842 47.02 26.45 -29.14
CA GLY B 842 46.09 25.34 -29.08
C GLY B 842 46.70 24.10 -29.71
N GLU B 843 46.12 22.94 -29.41
CA GLU B 843 46.60 21.68 -29.96
C GLU B 843 46.59 21.73 -31.48
N GLY B 844 47.74 21.49 -32.09
CA GLY B 844 47.90 21.67 -33.52
C GLY B 844 48.30 23.10 -33.83
N LYS B 845 47.62 23.71 -34.79
CA LYS B 845 47.93 25.08 -35.21
C LYS B 845 47.64 26.10 -34.12
N VAL B 846 48.40 27.19 -34.12
CA VAL B 846 48.21 28.26 -33.16
C VAL B 846 46.92 29.03 -33.46
N PHE B 847 46.20 29.41 -32.41
CA PHE B 847 44.96 30.16 -32.58
C PHE B 847 45.23 31.65 -32.39
N VAL B 848 44.62 32.48 -33.24
CA VAL B 848 44.78 33.94 -33.16
C VAL B 848 43.44 34.67 -33.32
N VAL B 849 43.24 35.71 -32.53
CA VAL B 849 42.08 36.58 -32.67
C VAL B 849 42.47 38.06 -32.62
N THR B 850 41.71 38.89 -33.31
CA THR B 850 41.92 40.34 -33.26
C THR B 850 40.60 41.06 -32.98
N PHE B 851 40.70 42.31 -32.54
CA PHE B 851 39.52 43.04 -32.09
C PHE B 851 39.73 44.55 -32.09
N SER B 852 38.64 45.29 -32.30
CA SER B 852 38.68 46.75 -32.30
C SER B 852 37.33 47.36 -31.96
N GLY B 853 37.29 48.10 -30.86
CA GLY B 853 36.08 48.80 -30.46
C GLY B 853 36.06 50.21 -31.02
N GLN B 854 36.94 50.46 -31.99
CA GLN B 854 37.04 51.76 -32.62
C GLN B 854 36.68 51.67 -34.10
N LYS B 855 37.19 52.59 -34.90
CA LYS B 855 36.85 52.65 -36.32
C LYS B 855 37.79 51.79 -37.15
N TYR B 856 38.77 51.19 -36.48
CA TYR B 856 39.72 50.34 -37.16
C TYR B 856 39.08 49.00 -37.50
N ASP B 857 39.51 48.40 -38.61
CA ASP B 857 38.94 47.16 -39.08
C ASP B 857 39.66 45.95 -38.48
N ALA B 858 38.95 45.16 -37.70
CA ALA B 858 39.51 43.99 -37.03
C ALA B 858 40.13 43.00 -38.01
N ARG B 859 39.48 42.83 -39.15
CA ARG B 859 39.91 41.89 -40.18
C ARG B 859 41.30 42.21 -40.72
N GLU B 860 41.55 43.50 -40.92
CA GLU B 860 42.79 43.94 -41.53
C GLU B 860 44.04 43.61 -40.72
N LEU B 861 43.95 43.80 -39.40
CA LEU B 861 45.04 43.40 -38.50
C LEU B 861 45.41 41.94 -38.73
N LEU B 862 44.40 41.09 -38.87
CA LEU B 862 44.62 39.66 -39.04
C LEU B 862 45.38 39.37 -40.33
N ARG B 863 45.03 40.13 -41.37
CA ARG B 863 45.74 40.03 -42.64
C ARG B 863 47.22 40.32 -42.46
N GLU B 864 47.51 41.40 -41.74
CA GLU B 864 48.89 41.79 -41.50
C GLU B 864 49.61 40.83 -40.58
N ILE B 865 49.01 40.53 -39.43
CA ILE B 865 49.61 39.59 -38.50
C ILE B 865 49.82 38.24 -39.15
N GLY B 866 48.79 37.76 -39.84
CA GLY B 866 48.83 36.45 -40.47
C GLY B 866 49.85 36.32 -41.57
N ARG B 867 50.31 37.46 -42.09
CA ARG B 867 51.34 37.47 -43.11
C ARG B 867 52.72 37.30 -42.48
N VAL B 868 52.78 37.49 -41.17
CA VAL B 868 54.05 37.33 -40.46
C VAL B 868 54.12 36.00 -39.73
N ALA B 869 52.97 35.37 -39.47
CA ALA B 869 52.98 34.12 -38.74
C ALA B 869 52.54 32.97 -39.64
N LYS B 870 52.11 33.33 -40.86
CA LYS B 870 51.90 32.44 -42.02
C LYS B 870 50.49 31.89 -42.20
N GLY B 871 49.48 32.62 -41.75
CA GLY B 871 48.12 32.09 -41.81
C GLY B 871 47.02 33.12 -41.90
N SER B 872 45.89 32.73 -42.48
CA SER B 872 44.82 33.69 -42.69
C SER B 872 43.57 33.40 -41.86
N GLY B 873 42.53 34.18 -42.10
CA GLY B 873 41.28 34.02 -41.37
C GLY B 873 40.21 34.93 -41.90
N GLY B 874 39.36 35.42 -40.99
CA GLY B 874 38.26 36.28 -41.36
C GLY B 874 37.47 36.72 -40.14
N GLY B 875 36.73 37.82 -40.28
CA GLY B 875 35.93 38.34 -39.19
C GLY B 875 35.04 39.49 -39.61
N ARG B 876 34.77 40.39 -38.67
CA ARG B 876 33.98 41.59 -38.95
C ARG B 876 34.74 42.83 -38.50
N LYS B 877 34.04 43.96 -38.45
CA LYS B 877 34.66 45.23 -38.10
C LYS B 877 35.04 45.29 -36.62
N ASP B 878 34.48 44.39 -35.83
CA ASP B 878 34.66 44.41 -34.39
C ASP B 878 35.61 43.31 -33.91
N VAL B 879 35.43 42.10 -34.44
CA VAL B 879 36.27 40.97 -34.07
C VAL B 879 36.69 40.21 -35.33
N ALA B 880 37.80 39.48 -35.22
CA ALA B 880 38.27 38.66 -36.35
C ALA B 880 38.89 37.35 -35.86
N GLN B 881 38.59 36.27 -36.57
CA GLN B 881 39.07 34.93 -36.20
C GLN B 881 40.15 34.41 -37.16
N GLY B 882 41.14 33.73 -36.61
CA GLY B 882 42.25 33.22 -37.43
C GLY B 882 43.04 32.06 -36.86
N ALA B 883 43.60 31.25 -37.76
CA ALA B 883 44.44 30.12 -37.37
C ALA B 883 45.78 30.19 -38.09
N VAL B 884 46.86 29.92 -37.36
CA VAL B 884 48.20 30.23 -37.83
C VAL B 884 49.27 29.27 -37.32
N GLN B 885 50.39 29.20 -38.04
CA GLN B 885 51.42 28.18 -37.79
C GLN B 885 52.47 28.55 -36.75
N GLN B 886 52.53 29.82 -36.34
CA GLN B 886 53.60 30.28 -35.46
C GLN B 886 53.11 31.21 -34.35
N LEU B 887 53.57 30.96 -33.13
CA LEU B 887 53.28 31.84 -32.00
C LEU B 887 54.27 33.00 -31.98
N LEU B 888 53.85 34.12 -31.41
CA LEU B 888 54.64 35.33 -31.47
C LEU B 888 54.89 35.89 -30.07
N ASP B 889 55.99 36.61 -29.87
CA ASP B 889 56.21 37.25 -28.60
C ASP B 889 55.33 38.49 -28.51
N ARG B 890 55.14 39.01 -27.31
CA ARG B 890 54.29 40.17 -27.12
C ARG B 890 54.85 41.39 -27.83
N GLU B 891 56.17 41.58 -27.73
CA GLU B 891 56.84 42.75 -28.27
C GLU B 891 56.79 42.80 -29.79
N GLU B 892 56.67 41.64 -30.42
CA GLU B 892 56.59 41.59 -31.87
C GLU B 892 55.16 41.85 -32.33
N MET B 893 54.20 41.54 -31.46
CA MET B 893 52.80 41.87 -31.71
C MET B 893 52.59 43.37 -31.62
N LEU B 894 53.33 44.01 -30.72
CA LEU B 894 53.18 45.45 -30.52
C LEU B 894 53.58 46.21 -31.76
N ASP B 895 54.45 45.60 -32.56
CA ASP B 895 54.91 46.22 -33.80
C ASP B 895 53.79 46.28 -34.84
N VAL B 896 53.07 45.17 -35.02
CA VAL B 896 52.02 45.13 -36.03
C VAL B 896 50.83 45.98 -35.60
N ILE B 897 50.60 46.07 -34.29
CA ILE B 897 49.55 46.90 -33.76
C ILE B 897 49.89 48.37 -34.00
N PHE B 898 51.11 48.74 -33.63
CA PHE B 898 51.58 50.12 -33.81
C PHE B 898 51.60 50.53 -35.27
N ARG B 899 52.20 49.70 -36.13
CA ARG B 899 52.23 49.98 -37.56
C ARG B 899 50.83 50.20 -38.10
N PHE B 900 49.91 49.31 -37.71
CA PHE B 900 48.54 49.40 -38.16
C PHE B 900 47.90 50.73 -37.75
N LEU B 901 47.91 51.01 -36.46
CA LEU B 901 47.32 52.24 -35.93
C LEU B 901 47.87 53.48 -36.63
N SER B 902 49.15 53.42 -36.96
CA SER B 902 49.83 54.54 -37.62
C SER B 902 49.35 54.72 -39.06
N GLU B 903 49.19 53.61 -39.77
CA GLU B 903 48.83 53.65 -41.19
C GLU B 903 47.42 54.13 -41.43
N HIS B 904 46.46 53.59 -40.66
CA HIS B 904 45.06 53.97 -40.83
C HIS B 904 44.70 55.07 -39.83
N GLU B 905 44.05 56.11 -40.34
CA GLU B 905 43.67 57.27 -39.54
C GLU B 905 44.88 57.92 -38.89
#